data_2IS2
#
_entry.id   2IS2
#
_cell.length_a   66.596
_cell.length_b   105.971
_cell.length_c   295.742
_cell.angle_alpha   90.00
_cell.angle_beta   90.00
_cell.angle_gamma   90.00
#
_symmetry.space_group_name_H-M   'P 21 21 21'
#
loop_
_entity.id
_entity.type
_entity.pdbx_description
1 polymer 33-MER
2 polymer 'DNA helicase II'
3 non-polymer GLYCEROL
4 non-polymer 'FORMIC ACID'
5 water water
#
loop_
_entity_poly.entity_id
_entity_poly.type
_entity_poly.pdbx_seq_one_letter_code
_entity_poly.pdbx_strand_id
1 'polydeoxyribonucleotide'
;(DC)(DG)(DA)(DG)(DC)(DA)(DC)(DT)(DG)(DC)(DA)(DC)(DT)(DC)(DG)(DA)(DG)(DT)(DG)(DC)
(DA)(DG)(DT)(DG)(DC)(DT)(DC)(DG)(DT)(DT)(DG)(DT)(DT)(DA)(DT)
;
C,D
2 'polypeptide(L)'
;MDVSYLLDSLNDKQREAVAAPRSNLLVLAGAGSGKTRVLVHRIAWLMSVENCSPYSIMAVTFTNKAAAEMRHRIGQLMGT
SQGGMWVGTFHGLAHRLLRAHHMDANLPQDFQILDSEDQLRLLKRLIKAMNLDEKQWPPRQAMWYINSQKDEGLRPHHIQ
SYGNPVEQTWQKVYQAYQEACDRAGLVDFAELLLRAHELWLNKPHILQHYRERFTNILVDEFQDTNNIQYAWIRLLAGDT
GKVMIVGDDDQSIYGWRGAQVENIQRFLNDFPGAETIRLEQNYRSTSNILSAANALIENNNGRLGKKLWTDGADGEPISL
YCAFNELDEARFVVNRIKTWQDNGGALAECAILYRSNAQSRVLEEALLQASMPYRIYGGMRFFERQEIKDALSYLRLIVN
RNDDAAFERVVNTPTRGIGDRTLDVVRQTSRDRQLTLWQACRELLQEKALAGRAASALQRFMELIDALAQETADMPLHVQ
TDRVIKDSGLRTMYEQEKGEKGQTRIENLEELVTATRQFSYNEEDEDLMPLQAFLSHAALEAGEGQADTWQDAVQLMTLH
SAKGLEFPQVFIVGMEEGMFPSQMSLDEGGRLEEERRLAYVGVTRAMQKLTLTYAETRRLYGKEVYHRPSRFIGELPEEC
VEEVRLRATVSRPVSHQRMGTPMVENDSGYKLGQRVRHAK
;
A,B
#
loop_
_chem_comp.id
_chem_comp.type
_chem_comp.name
_chem_comp.formula
DA DNA linking 2'-DEOXYADENOSINE-5'-MONOPHOSPHATE 'C10 H14 N5 O6 P'
DC DNA linking 2'-DEOXYCYTIDINE-5'-MONOPHOSPHATE 'C9 H14 N3 O7 P'
DG DNA linking 2'-DEOXYGUANOSINE-5'-MONOPHOSPHATE 'C10 H14 N5 O7 P'
DT DNA linking THYMIDINE-5'-MONOPHOSPHATE 'C10 H15 N2 O8 P'
FMT non-polymer 'FORMIC ACID' 'C H2 O2'
GOL non-polymer GLYCEROL 'C3 H8 O3'
#
# COMPACT_ATOMS: atom_id res chain seq x y z
N ASP C 2 -70.18 -52.15 2.02
CA ASP C 2 -69.15 -52.09 3.10
C ASP C 2 -69.75 -51.31 4.27
N VAL C 3 -69.17 -51.43 5.47
CA VAL C 3 -69.69 -50.69 6.61
C VAL C 3 -69.10 -49.28 6.59
N SER C 4 -69.65 -48.39 7.43
CA SER C 4 -69.12 -47.04 7.55
C SER C 4 -69.13 -46.56 8.99
N TYR C 5 -67.96 -46.03 9.35
CA TYR C 5 -67.55 -45.54 10.66
C TYR C 5 -66.57 -44.44 10.31
N LEU C 6 -66.62 -44.02 9.05
CA LEU C 6 -65.78 -42.90 8.63
C LEU C 6 -66.86 -41.85 8.56
N LEU C 7 -68.10 -42.29 8.69
CA LEU C 7 -69.21 -41.36 8.59
C LEU C 7 -70.00 -41.09 9.85
N ASP C 8 -70.39 -42.14 10.55
CA ASP C 8 -71.18 -41.99 11.75
C ASP C 8 -70.71 -40.93 12.72
N SER C 9 -69.44 -40.52 12.63
CA SER C 9 -68.93 -39.49 13.54
C SER C 9 -69.09 -38.11 12.93
N LEU C 10 -69.46 -38.07 11.65
CA LEU C 10 -69.63 -36.79 10.98
C LEU C 10 -71.02 -36.19 11.12
N ASN C 11 -71.16 -34.96 10.64
CA ASN C 11 -72.45 -34.29 10.66
C ASN C 11 -72.95 -34.40 9.22
N ASP C 12 -74.26 -34.28 9.02
CA ASP C 12 -74.81 -34.42 7.67
C ASP C 12 -74.00 -33.79 6.55
N LYS C 13 -73.59 -32.53 6.71
CA LYS C 13 -72.82 -31.86 5.67
C LYS C 13 -71.43 -32.41 5.46
N GLN C 14 -70.72 -32.69 6.54
CA GLN C 14 -69.38 -33.22 6.40
C GLN C 14 -69.47 -34.52 5.60
N ARG C 15 -70.38 -35.39 6.03
CA ARG C 15 -70.59 -36.67 5.37
C ARG C 15 -70.77 -36.44 3.88
N GLU C 16 -71.67 -35.54 3.54
CA GLU C 16 -71.93 -35.21 2.16
C GLU C 16 -70.62 -34.97 1.39
N ALA C 17 -69.58 -34.54 2.09
CA ALA C 17 -68.31 -34.28 1.43
C ALA C 17 -67.43 -35.53 1.45
N VAL C 18 -67.28 -36.13 2.62
CA VAL C 18 -66.45 -37.31 2.74
C VAL C 18 -66.88 -38.40 1.79
N ALA C 19 -68.17 -38.68 1.75
CA ALA C 19 -68.67 -39.73 0.87
C ALA C 19 -68.95 -39.22 -0.53
N ALA C 20 -68.54 -38.00 -0.84
CA ALA C 20 -68.81 -37.48 -2.18
C ALA C 20 -68.12 -38.39 -3.15
N PRO C 21 -68.46 -38.28 -4.45
CA PRO C 21 -67.81 -39.15 -5.42
C PRO C 21 -66.51 -38.52 -5.90
N ARG C 22 -65.58 -39.39 -6.31
CA ARG C 22 -64.31 -38.90 -6.80
C ARG C 22 -64.59 -37.91 -7.90
N SER C 23 -64.30 -36.64 -7.62
CA SER C 23 -64.52 -35.59 -8.59
C SER C 23 -63.89 -34.36 -7.97
N ASN C 24 -64.01 -33.23 -8.64
CA ASN C 24 -63.45 -31.99 -8.12
C ASN C 24 -64.53 -31.27 -7.35
N LEU C 25 -64.29 -31.01 -6.07
CA LEU C 25 -65.26 -30.26 -5.28
C LEU C 25 -64.55 -29.26 -4.40
N LEU C 26 -65.33 -28.35 -3.84
CA LEU C 26 -64.84 -27.30 -2.97
C LEU C 26 -65.58 -27.31 -1.64
N VAL C 27 -64.92 -27.71 -0.57
CA VAL C 27 -65.63 -27.70 0.69
C VAL C 27 -65.39 -26.32 1.27
N LEU C 28 -66.44 -25.51 1.33
CA LEU C 28 -66.32 -24.18 1.86
C LEU C 28 -66.61 -24.25 3.35
N ALA C 29 -65.59 -24.56 4.14
CA ALA C 29 -65.67 -24.67 5.61
C ALA C 29 -65.58 -23.32 6.29
N GLY C 30 -66.50 -23.07 7.21
CA GLY C 30 -66.52 -21.77 7.85
C GLY C 30 -66.09 -21.53 9.28
N ALA C 31 -65.13 -22.26 9.81
CA ALA C 31 -64.70 -21.98 11.18
C ALA C 31 -65.67 -22.60 12.14
N GLY C 32 -65.18 -23.52 12.94
CA GLY C 32 -66.03 -24.24 13.86
C GLY C 32 -66.67 -25.31 12.99
N SER C 33 -66.28 -25.34 11.72
CA SER C 33 -66.84 -26.28 10.73
C SER C 33 -66.37 -27.71 10.87
N GLY C 34 -65.09 -27.89 11.18
CA GLY C 34 -64.51 -29.22 11.28
C GLY C 34 -63.81 -29.60 9.97
N LYS C 35 -63.21 -28.63 9.30
CA LYS C 35 -62.55 -28.91 8.02
C LYS C 35 -61.44 -29.91 8.11
N THR C 36 -60.79 -29.98 9.27
CA THR C 36 -59.71 -30.92 9.39
C THR C 36 -60.27 -32.31 9.42
N ARG C 37 -61.37 -32.47 10.13
CA ARG C 37 -61.96 -33.78 10.21
C ARG C 37 -62.35 -34.26 8.83
N VAL C 38 -62.98 -33.39 8.06
CA VAL C 38 -63.40 -33.75 6.71
C VAL C 38 -62.19 -34.20 5.90
N LEU C 39 -61.15 -33.38 5.84
CA LEU C 39 -59.94 -33.75 5.10
C LEU C 39 -59.42 -35.13 5.51
N VAL C 40 -59.41 -35.39 6.80
CA VAL C 40 -58.91 -36.68 7.27
C VAL C 40 -59.80 -37.83 6.89
N HIS C 41 -61.09 -37.74 7.13
CA HIS C 41 -61.97 -38.85 6.79
C HIS C 41 -61.99 -39.08 5.29
N ARG C 42 -62.10 -38.00 4.53
CA ARG C 42 -62.12 -38.12 3.08
C ARG C 42 -60.97 -39.01 2.64
N ILE C 43 -59.76 -38.66 3.06
CA ILE C 43 -58.59 -39.43 2.71
C ILE C 43 -58.77 -40.91 3.10
N ALA C 44 -59.25 -41.18 4.31
CA ALA C 44 -59.46 -42.58 4.70
C ALA C 44 -60.52 -43.21 3.78
N TRP C 45 -61.49 -42.40 3.38
CA TRP C 45 -62.54 -42.85 2.49
C TRP C 45 -61.90 -43.17 1.14
N LEU C 46 -61.09 -42.24 0.65
CA LEU C 46 -60.44 -42.44 -0.62
C LEU C 46 -59.69 -43.75 -0.71
N MET C 47 -59.16 -44.19 0.42
CA MET C 47 -58.44 -45.44 0.40
C MET C 47 -59.40 -46.56 0.69
N SER C 48 -60.14 -46.46 1.79
CA SER C 48 -61.06 -47.53 2.14
C SER C 48 -62.16 -47.79 1.14
N VAL C 49 -63.00 -46.82 0.87
CA VAL C 49 -64.11 -47.04 -0.05
C VAL C 49 -63.79 -47.05 -1.55
N GLU C 50 -63.05 -46.05 -2.01
CA GLU C 50 -62.69 -45.94 -3.43
C GLU C 50 -61.45 -46.74 -3.83
N ASN C 51 -60.83 -47.37 -2.84
CA ASN C 51 -59.63 -48.16 -3.06
C ASN C 51 -58.54 -47.47 -3.87
N CYS C 52 -58.12 -46.30 -3.41
CA CYS C 52 -57.04 -45.57 -4.06
C CYS C 52 -55.84 -45.93 -3.21
N SER C 53 -54.65 -45.76 -3.74
CA SER C 53 -53.48 -46.11 -2.96
C SER C 53 -52.81 -44.93 -2.34
N PRO C 54 -52.33 -45.11 -1.12
CA PRO C 54 -51.64 -44.05 -0.40
C PRO C 54 -50.61 -43.37 -1.30
N TYR C 55 -50.41 -43.88 -2.50
CA TYR C 55 -49.45 -43.30 -3.42
C TYR C 55 -50.11 -42.37 -4.43
N SER C 56 -51.44 -42.37 -4.45
CA SER C 56 -52.18 -41.53 -5.38
C SER C 56 -52.71 -40.27 -4.70
N ILE C 57 -52.51 -40.21 -3.38
CA ILE C 57 -53.01 -39.11 -2.57
C ILE C 57 -51.96 -38.11 -2.14
N MET C 58 -52.27 -36.83 -2.30
CA MET C 58 -51.36 -35.78 -1.91
C MET C 58 -52.12 -34.64 -1.24
N ALA C 59 -51.88 -34.50 0.07
CA ALA C 59 -52.53 -33.45 0.85
C ALA C 59 -51.55 -32.31 1.05
N VAL C 60 -51.93 -31.14 0.59
CA VAL C 60 -51.07 -29.99 0.70
C VAL C 60 -51.57 -28.96 1.70
N THR C 61 -50.82 -28.73 2.77
CA THR C 61 -51.23 -27.72 3.74
C THR C 61 -50.30 -26.54 3.57
N PHE C 62 -50.37 -25.60 4.51
CA PHE C 62 -49.50 -24.42 4.45
C PHE C 62 -48.46 -24.41 5.53
N THR C 63 -48.79 -24.96 6.70
CA THR C 63 -47.85 -24.97 7.80
C THR C 63 -47.42 -26.37 8.15
N ASN C 64 -46.17 -26.50 8.57
CA ASN C 64 -45.64 -27.80 8.94
C ASN C 64 -46.53 -28.35 10.04
N LYS C 65 -46.94 -27.45 10.93
CA LYS C 65 -47.80 -27.82 12.05
C LYS C 65 -48.99 -28.59 11.54
N ALA C 66 -49.68 -28.02 10.56
CA ALA C 66 -50.85 -28.66 9.96
C ALA C 66 -50.53 -30.04 9.44
N ALA C 67 -49.65 -30.10 8.44
CA ALA C 67 -49.28 -31.38 7.87
C ALA C 67 -49.10 -32.41 8.97
N ALA C 68 -48.26 -32.08 9.93
CA ALA C 68 -47.99 -32.99 11.03
C ALA C 68 -49.28 -33.53 11.63
N GLU C 69 -50.14 -32.62 12.09
CA GLU C 69 -51.40 -33.03 12.69
C GLU C 69 -52.18 -33.87 11.72
N MET C 70 -52.30 -33.39 10.49
CA MET C 70 -53.01 -34.11 9.45
C MET C 70 -52.55 -35.57 9.50
N ARG C 71 -51.24 -35.77 9.34
CA ARG C 71 -50.63 -37.08 9.34
C ARG C 71 -51.00 -37.92 10.54
N HIS C 72 -50.79 -37.37 11.73
CA HIS C 72 -51.11 -38.10 12.95
C HIS C 72 -52.52 -38.67 12.92
N ARG C 73 -53.50 -37.81 12.64
CA ARG C 73 -54.90 -38.21 12.61
C ARG C 73 -55.25 -39.30 11.60
N ILE C 74 -54.67 -39.21 10.40
CA ILE C 74 -54.95 -40.19 9.37
C ILE C 74 -54.53 -41.56 9.85
N GLY C 75 -53.41 -41.61 10.55
CA GLY C 75 -52.93 -42.88 11.06
C GLY C 75 -53.71 -43.36 12.25
N GLN C 76 -54.52 -42.47 12.83
CA GLN C 76 -55.33 -42.84 13.98
C GLN C 76 -56.64 -43.47 13.48
N LEU C 77 -56.99 -43.15 12.23
CA LEU C 77 -58.19 -43.65 11.63
C LEU C 77 -57.78 -44.84 10.78
N MET C 78 -56.58 -44.72 10.24
CA MET C 78 -55.99 -45.76 9.40
C MET C 78 -54.99 -46.54 10.24
N GLY C 79 -55.33 -46.77 11.51
CA GLY C 79 -54.48 -47.49 12.45
C GLY C 79 -53.23 -48.14 11.89
N THR C 80 -52.40 -47.39 11.18
CA THR C 80 -51.19 -47.94 10.61
C THR C 80 -50.15 -46.90 10.23
N SER C 81 -49.59 -47.07 9.04
CA SER C 81 -48.52 -46.21 8.54
C SER C 81 -48.92 -45.28 7.40
N GLN C 82 -49.18 -45.89 6.24
CA GLN C 82 -49.55 -45.16 5.05
C GLN C 82 -48.33 -44.57 4.35
N GLY C 83 -47.44 -45.44 3.89
CA GLY C 83 -46.27 -44.97 3.19
C GLY C 83 -46.68 -44.69 1.77
N GLY C 84 -46.03 -43.73 1.12
CA GLY C 84 -46.39 -43.42 -0.25
C GLY C 84 -47.16 -42.13 -0.33
N MET C 85 -47.97 -41.87 0.69
CA MET C 85 -48.78 -40.66 0.73
C MET C 85 -47.91 -39.42 0.86
N TRP C 86 -48.12 -38.43 0.00
CA TRP C 86 -47.34 -37.20 0.08
C TRP C 86 -48.16 -36.14 0.81
N VAL C 87 -47.93 -35.99 2.10
CA VAL C 87 -48.64 -35.04 2.93
C VAL C 87 -47.66 -33.98 3.43
N GLY C 88 -47.77 -32.75 2.94
CA GLY C 88 -46.86 -31.72 3.38
C GLY C 88 -47.24 -30.32 2.95
N THR C 89 -46.38 -29.35 3.23
CA THR C 89 -46.69 -27.98 2.84
C THR C 89 -46.23 -27.80 1.42
N PHE C 90 -46.72 -26.75 0.78
CA PHE C 90 -46.31 -26.50 -0.58
C PHE C 90 -44.80 -26.56 -0.59
N HIS C 91 -44.17 -25.52 -0.05
CA HIS C 91 -42.71 -25.46 0.01
C HIS C 91 -42.11 -26.82 0.31
N GLY C 92 -42.63 -27.51 1.32
CA GLY C 92 -42.07 -28.80 1.63
C GLY C 92 -42.06 -29.68 0.40
N LEU C 93 -43.23 -29.96 -0.14
CA LEU C 93 -43.33 -30.80 -1.30
C LEU C 93 -42.47 -30.25 -2.41
N ALA C 94 -42.65 -28.98 -2.73
CA ALA C 94 -41.87 -28.35 -3.79
C ALA C 94 -40.43 -28.84 -3.66
N HIS C 95 -39.85 -28.49 -2.53
CA HIS C 95 -38.48 -28.86 -2.20
C HIS C 95 -38.21 -30.36 -2.41
N ARG C 96 -39.10 -31.23 -1.96
CA ARG C 96 -38.88 -32.68 -2.14
C ARG C 96 -38.61 -33.01 -3.60
N LEU C 97 -39.40 -32.40 -4.47
CA LEU C 97 -39.29 -32.60 -5.90
C LEU C 97 -37.94 -32.13 -6.32
N LEU C 98 -37.68 -30.84 -6.16
CA LEU C 98 -36.38 -30.30 -6.53
C LEU C 98 -35.19 -31.18 -6.14
N ARG C 99 -35.15 -31.70 -4.92
CA ARG C 99 -34.02 -32.52 -4.54
C ARG C 99 -34.01 -33.77 -5.39
N ALA C 100 -35.18 -34.34 -5.62
CA ALA C 100 -35.27 -35.57 -6.40
C ALA C 100 -34.89 -35.37 -7.86
N HIS C 101 -35.23 -34.22 -8.41
CA HIS C 101 -34.93 -33.90 -9.81
C HIS C 101 -34.01 -32.69 -9.97
N HIS C 102 -33.09 -32.52 -9.03
CA HIS C 102 -32.19 -31.37 -9.07
C HIS C 102 -31.61 -31.18 -10.45
N MET C 103 -31.14 -32.27 -11.04
CA MET C 103 -30.56 -32.26 -12.36
C MET C 103 -31.37 -31.50 -13.40
N ASP C 104 -32.59 -31.95 -13.62
CA ASP C 104 -33.49 -31.35 -14.60
C ASP C 104 -34.00 -30.01 -14.15
N ALA C 105 -33.76 -29.68 -12.90
CA ALA C 105 -34.21 -28.41 -12.37
C ALA C 105 -33.12 -27.36 -12.53
N ASN C 106 -31.98 -27.77 -13.08
CA ASN C 106 -30.87 -26.86 -13.29
C ASN C 106 -30.30 -26.45 -11.92
N LEU C 107 -30.34 -27.35 -10.96
CA LEU C 107 -29.84 -27.07 -9.61
C LEU C 107 -28.90 -28.08 -9.01
N PRO C 108 -27.89 -27.61 -8.28
CA PRO C 108 -26.95 -28.55 -7.66
C PRO C 108 -27.76 -29.39 -6.68
N GLN C 109 -27.46 -30.68 -6.58
CA GLN C 109 -28.20 -31.55 -5.64
C GLN C 109 -28.06 -31.11 -4.18
N ASP C 110 -27.25 -30.08 -3.97
CA ASP C 110 -26.99 -29.57 -2.64
C ASP C 110 -27.38 -28.12 -2.49
N PHE C 111 -28.39 -27.70 -3.25
CA PHE C 111 -28.80 -26.32 -3.17
C PHE C 111 -29.21 -26.06 -1.73
N GLN C 112 -29.04 -24.81 -1.31
CA GLN C 112 -29.35 -24.40 0.05
C GLN C 112 -30.53 -23.42 0.08
N ILE C 113 -31.52 -23.65 0.93
CA ILE C 113 -32.64 -22.70 0.98
C ILE C 113 -32.14 -21.39 1.59
N LEU C 114 -32.66 -20.27 1.10
CA LEU C 114 -32.27 -18.95 1.58
C LEU C 114 -33.41 -18.37 2.38
N ASP C 115 -33.24 -18.17 3.68
CA ASP C 115 -34.33 -17.62 4.48
C ASP C 115 -34.41 -16.10 4.36
N SER C 116 -35.42 -15.49 4.99
CA SER C 116 -35.64 -14.05 4.92
C SER C 116 -34.44 -13.18 5.22
N GLU C 117 -33.87 -13.36 6.40
CA GLU C 117 -32.71 -12.57 6.77
C GLU C 117 -31.72 -12.80 5.64
N ASP C 118 -31.33 -14.05 5.43
CA ASP C 118 -30.41 -14.36 4.36
C ASP C 118 -30.78 -13.56 3.09
N GLN C 119 -32.00 -13.75 2.59
CA GLN C 119 -32.41 -13.04 1.40
C GLN C 119 -32.25 -11.54 1.54
N LEU C 120 -32.86 -10.96 2.54
CA LEU C 120 -32.77 -9.52 2.71
C LEU C 120 -31.35 -8.99 2.71
N ARG C 121 -30.46 -9.61 3.48
CA ARG C 121 -29.08 -9.15 3.56
C ARG C 121 -28.35 -9.25 2.21
N LEU C 122 -28.54 -10.39 1.55
CA LEU C 122 -27.91 -10.61 0.26
C LEU C 122 -28.29 -9.46 -0.67
N LEU C 123 -29.52 -8.95 -0.54
CA LEU C 123 -29.94 -7.85 -1.37
C LEU C 123 -29.24 -6.59 -0.95
N LYS C 124 -29.27 -6.31 0.36
CA LYS C 124 -28.61 -5.13 0.86
C LYS C 124 -27.22 -5.04 0.22
N ARG C 125 -26.48 -6.14 0.20
CA ARG C 125 -25.18 -6.10 -0.41
C ARG C 125 -25.30 -5.73 -1.88
N LEU C 126 -26.12 -6.46 -2.63
CA LEU C 126 -26.29 -6.16 -4.04
C LEU C 126 -26.66 -4.70 -4.30
N ILE C 127 -27.86 -4.28 -3.90
CA ILE C 127 -28.25 -2.90 -4.12
C ILE C 127 -27.03 -2.02 -3.87
N LYS C 128 -26.43 -2.16 -2.68
CA LYS C 128 -25.25 -1.36 -2.31
C LYS C 128 -24.06 -1.52 -3.25
N ALA C 129 -23.89 -2.71 -3.81
CA ALA C 129 -22.79 -2.97 -4.73
C ALA C 129 -23.09 -2.36 -6.10
N MET C 130 -23.81 -1.25 -6.10
CA MET C 130 -24.16 -0.56 -7.33
C MET C 130 -24.74 0.78 -6.90
N ASN C 131 -26.03 0.68 -6.61
CA ASN C 131 -26.95 1.74 -6.21
C ASN C 131 -26.77 2.35 -4.81
N LEU C 132 -27.61 3.33 -4.49
CA LEU C 132 -27.58 3.98 -3.19
C LEU C 132 -28.88 3.64 -2.46
N ASP C 133 -28.78 2.76 -1.46
CA ASP C 133 -29.96 2.36 -0.71
C ASP C 133 -30.75 3.58 -0.30
N GLU C 134 -30.02 4.65 -0.02
CA GLU C 134 -30.57 5.94 0.41
C GLU C 134 -32.06 6.09 0.13
N LYS C 135 -32.87 5.38 0.90
CA LYS C 135 -34.32 5.41 0.77
C LYS C 135 -34.85 5.43 -0.67
N GLN C 136 -33.96 5.46 -1.65
CA GLN C 136 -34.40 5.48 -3.04
C GLN C 136 -34.54 4.06 -3.56
N TRP C 137 -33.76 3.14 -3.00
CA TRP C 137 -33.83 1.74 -3.42
C TRP C 137 -33.61 0.85 -2.21
N PRO C 138 -34.52 0.97 -1.23
CA PRO C 138 -34.50 0.21 0.03
C PRO C 138 -34.51 -1.30 -0.18
N PRO C 139 -33.61 -1.99 0.53
CA PRO C 139 -33.58 -3.44 0.35
C PRO C 139 -34.93 -4.10 0.57
N ARG C 140 -35.63 -3.72 1.63
CA ARG C 140 -36.92 -4.33 1.88
C ARG C 140 -37.76 -4.24 0.63
N GLN C 141 -37.87 -3.03 0.10
CA GLN C 141 -38.64 -2.79 -1.10
C GLN C 141 -38.16 -3.64 -2.28
N ALA C 142 -36.86 -3.89 -2.37
CA ALA C 142 -36.31 -4.70 -3.46
C ALA C 142 -36.80 -6.15 -3.33
N MET C 143 -36.68 -6.66 -2.11
CA MET C 143 -37.09 -8.01 -1.77
C MET C 143 -38.56 -8.19 -2.09
N TRP C 144 -39.37 -7.33 -1.50
CA TRP C 144 -40.81 -7.36 -1.70
C TRP C 144 -41.14 -7.52 -3.19
N TYR C 145 -40.52 -6.69 -4.01
CA TYR C 145 -40.75 -6.73 -5.44
C TYR C 145 -40.38 -8.10 -6.01
N ILE C 146 -39.26 -8.63 -5.54
CA ILE C 146 -38.79 -9.92 -6.05
C ILE C 146 -39.73 -11.08 -5.77
N ASN C 147 -40.24 -11.14 -4.55
CA ASN C 147 -41.16 -12.22 -4.23
C ASN C 147 -42.52 -11.95 -4.87
N SER C 148 -42.94 -10.70 -4.89
CA SER C 148 -44.22 -10.36 -5.51
C SER C 148 -44.16 -10.86 -6.94
N GLN C 149 -42.93 -10.89 -7.45
CA GLN C 149 -42.67 -11.33 -8.81
C GLN C 149 -42.80 -12.84 -8.96
N LYS C 150 -42.21 -13.59 -8.04
CA LYS C 150 -42.23 -15.04 -8.10
C LYS C 150 -43.55 -15.67 -7.64
N ASP C 151 -44.30 -14.95 -6.80
CA ASP C 151 -45.60 -15.44 -6.32
C ASP C 151 -46.40 -15.57 -7.60
N GLU C 152 -46.10 -14.65 -8.52
CA GLU C 152 -46.71 -14.55 -9.84
C GLU C 152 -46.01 -15.37 -10.89
N GLY C 153 -44.92 -16.01 -10.49
CA GLY C 153 -44.16 -16.84 -11.41
C GLY C 153 -43.68 -16.08 -12.63
N LEU C 154 -43.04 -14.95 -12.40
CA LEU C 154 -42.55 -14.14 -13.50
C LEU C 154 -41.15 -14.51 -14.00
N ARG C 155 -40.14 -13.81 -13.49
CA ARG C 155 -38.72 -14.00 -13.86
C ARG C 155 -38.20 -12.68 -14.39
N PRO C 156 -36.87 -12.44 -14.28
CA PRO C 156 -36.33 -11.18 -14.78
C PRO C 156 -36.63 -10.96 -16.25
N HIS C 157 -36.26 -11.94 -17.08
CA HIS C 157 -36.48 -11.83 -18.52
C HIS C 157 -37.93 -12.13 -18.89
N HIS C 158 -38.85 -11.41 -18.26
CA HIS C 158 -40.26 -11.60 -18.54
C HIS C 158 -40.95 -10.25 -18.61
N ILE C 159 -41.41 -9.75 -17.46
CA ILE C 159 -42.08 -8.45 -17.41
C ILE C 159 -41.11 -7.39 -17.93
N GLN C 160 -41.00 -7.29 -19.25
CA GLN C 160 -40.12 -6.32 -19.88
C GLN C 160 -40.73 -4.93 -19.72
N SER C 161 -39.89 -3.91 -19.71
CA SER C 161 -40.37 -2.55 -19.55
C SER C 161 -39.54 -1.48 -20.24
N TYR C 162 -39.11 -0.51 -19.44
CA TYR C 162 -38.33 0.66 -19.85
C TYR C 162 -39.35 1.69 -20.33
N GLY C 163 -39.80 2.50 -19.38
CA GLY C 163 -40.78 3.54 -19.66
C GLY C 163 -40.91 4.22 -18.32
N ASN C 164 -40.01 3.78 -17.43
CA ASN C 164 -39.88 4.26 -16.07
C ASN C 164 -38.77 3.41 -15.46
N PRO C 165 -37.63 4.05 -15.09
CA PRO C 165 -36.50 3.35 -14.50
C PRO C 165 -36.86 2.65 -13.20
N VAL C 166 -37.86 3.19 -12.51
CA VAL C 166 -38.34 2.64 -11.26
C VAL C 166 -38.52 1.12 -11.38
N GLU C 167 -39.37 0.69 -12.31
CA GLU C 167 -39.57 -0.74 -12.46
C GLU C 167 -38.35 -1.32 -13.18
N GLN C 168 -37.52 -0.46 -13.76
CA GLN C 168 -36.34 -0.94 -14.47
C GLN C 168 -35.14 -1.21 -13.58
N THR C 169 -34.95 -0.38 -12.56
CA THR C 169 -33.86 -0.55 -11.64
C THR C 169 -34.12 -1.87 -10.93
N TRP C 170 -35.27 -1.97 -10.28
CA TRP C 170 -35.65 -3.20 -9.57
C TRP C 170 -35.38 -4.36 -10.50
N GLN C 171 -35.95 -4.26 -11.68
CA GLN C 171 -35.78 -5.27 -12.70
C GLN C 171 -34.33 -5.71 -12.72
N LYS C 172 -33.43 -4.73 -12.77
CA LYS C 172 -31.99 -5.01 -12.79
C LYS C 172 -31.57 -5.67 -11.49
N VAL C 173 -31.99 -5.10 -10.37
CA VAL C 173 -31.65 -5.65 -9.06
C VAL C 173 -32.03 -7.12 -9.01
N TYR C 174 -33.26 -7.40 -9.43
CA TYR C 174 -33.77 -8.76 -9.46
C TYR C 174 -32.84 -9.65 -10.31
N GLN C 175 -32.32 -9.07 -11.39
CA GLN C 175 -31.41 -9.77 -12.29
C GLN C 175 -30.13 -10.16 -11.55
N ALA C 176 -29.49 -9.16 -10.94
CA ALA C 176 -28.26 -9.38 -10.17
C ALA C 176 -28.47 -10.50 -9.16
N TYR C 177 -29.55 -10.33 -8.38
CA TYR C 177 -29.93 -11.28 -7.35
C TYR C 177 -30.02 -12.74 -7.85
N GLN C 178 -30.62 -12.95 -9.02
CA GLN C 178 -30.77 -14.28 -9.56
C GLN C 178 -29.46 -14.98 -9.89
N GLU C 179 -28.54 -14.25 -10.50
CA GLU C 179 -27.23 -14.80 -10.88
C GLU C 179 -26.44 -15.11 -9.60
N ALA C 180 -26.53 -14.19 -8.64
CA ALA C 180 -25.87 -14.36 -7.36
C ALA C 180 -26.36 -15.66 -6.73
N CYS C 181 -27.68 -15.83 -6.69
CA CYS C 181 -28.25 -17.05 -6.13
C CYS C 181 -27.88 -18.26 -6.95
N ASP C 182 -27.87 -18.07 -8.26
CA ASP C 182 -27.54 -19.18 -9.14
C ASP C 182 -26.10 -19.63 -8.98
N ARG C 183 -25.20 -18.65 -8.87
CA ARG C 183 -23.78 -18.91 -8.69
C ARG C 183 -23.49 -19.53 -7.35
N ALA C 184 -24.35 -19.25 -6.38
CA ALA C 184 -24.16 -19.73 -5.03
C ALA C 184 -24.90 -20.99 -4.63
N GLY C 185 -25.70 -21.54 -5.54
CA GLY C 185 -26.46 -22.74 -5.20
C GLY C 185 -27.53 -22.43 -4.17
N LEU C 186 -28.00 -21.19 -4.18
CA LEU C 186 -29.03 -20.79 -3.25
C LEU C 186 -30.37 -20.61 -3.94
N VAL C 187 -31.42 -21.09 -3.28
CA VAL C 187 -32.79 -20.99 -3.77
C VAL C 187 -33.56 -20.41 -2.58
N ASP C 188 -34.41 -19.42 -2.83
CA ASP C 188 -35.20 -18.82 -1.75
C ASP C 188 -36.58 -19.47 -1.68
N PHE C 189 -37.35 -19.19 -0.65
CA PHE C 189 -38.65 -19.84 -0.55
C PHE C 189 -39.53 -19.73 -1.80
N ALA C 190 -39.53 -18.55 -2.40
CA ALA C 190 -40.30 -18.28 -3.60
C ALA C 190 -39.76 -19.15 -4.73
N GLU C 191 -38.44 -19.19 -4.84
CA GLU C 191 -37.78 -19.96 -5.86
C GLU C 191 -38.23 -21.41 -5.77
N LEU C 192 -38.30 -21.93 -4.55
CA LEU C 192 -38.72 -23.31 -4.34
C LEU C 192 -39.95 -23.67 -5.14
N LEU C 193 -40.99 -22.88 -4.97
CA LEU C 193 -42.24 -23.14 -5.65
C LEU C 193 -42.15 -22.94 -7.15
N LEU C 194 -41.74 -21.74 -7.57
CA LEU C 194 -41.62 -21.42 -8.99
C LEU C 194 -40.88 -22.50 -9.73
N ARG C 195 -39.63 -22.71 -9.36
CA ARG C 195 -38.79 -23.74 -9.96
C ARG C 195 -39.62 -24.99 -10.18
N ALA C 196 -40.12 -25.52 -9.08
CA ALA C 196 -40.93 -26.73 -9.09
C ALA C 196 -42.01 -26.66 -10.16
N HIS C 197 -42.64 -25.50 -10.31
CA HIS C 197 -43.67 -25.39 -11.34
C HIS C 197 -42.96 -25.54 -12.69
N GLU C 198 -42.01 -24.64 -12.95
CA GLU C 198 -41.25 -24.62 -14.20
C GLU C 198 -40.77 -25.99 -14.59
N LEU C 199 -40.34 -26.76 -13.60
CA LEU C 199 -39.83 -28.09 -13.91
C LEU C 199 -40.87 -28.91 -14.63
N TRP C 200 -42.12 -28.72 -14.25
CA TRP C 200 -43.20 -29.45 -14.87
C TRP C 200 -43.55 -28.92 -16.25
N LEU C 201 -43.26 -27.65 -16.49
CA LEU C 201 -43.52 -27.08 -17.80
C LEU C 201 -42.38 -27.52 -18.70
N ASN C 202 -41.17 -27.50 -18.17
CA ASN C 202 -40.00 -27.88 -18.94
C ASN C 202 -39.82 -29.36 -19.27
N LYS C 203 -39.98 -30.25 -18.31
CA LYS C 203 -39.78 -31.67 -18.59
C LYS C 203 -41.07 -32.49 -18.54
N PRO C 204 -41.97 -32.28 -19.53
CA PRO C 204 -43.25 -32.97 -19.63
C PRO C 204 -43.24 -34.47 -19.34
N HIS C 205 -42.10 -35.12 -19.48
CA HIS C 205 -42.09 -36.54 -19.20
C HIS C 205 -42.14 -36.84 -17.71
N ILE C 206 -41.89 -35.81 -16.89
CA ILE C 206 -41.93 -35.97 -15.44
C ILE C 206 -43.31 -35.59 -14.96
N LEU C 207 -43.85 -34.50 -15.51
CA LEU C 207 -45.18 -34.09 -15.12
C LEU C 207 -46.02 -35.35 -15.24
N GLN C 208 -45.98 -35.94 -16.43
CA GLN C 208 -46.70 -37.16 -16.76
C GLN C 208 -46.59 -38.16 -15.61
N HIS C 209 -45.35 -38.50 -15.26
CA HIS C 209 -45.14 -39.46 -14.19
C HIS C 209 -45.98 -39.12 -12.99
N TYR C 210 -45.87 -37.87 -12.56
CA TYR C 210 -46.61 -37.42 -11.40
C TYR C 210 -48.12 -37.41 -11.63
N ARG C 211 -48.60 -36.90 -12.77
CA ARG C 211 -50.05 -36.95 -13.01
C ARG C 211 -50.48 -38.41 -12.87
N GLU C 212 -49.79 -39.27 -13.59
CA GLU C 212 -50.05 -40.68 -13.56
C GLU C 212 -50.10 -41.21 -12.13
N ARG C 213 -49.25 -40.68 -11.24
CA ARG C 213 -49.25 -41.15 -9.85
C ARG C 213 -50.27 -40.51 -8.90
N PHE C 214 -50.15 -39.20 -8.70
CA PHE C 214 -51.04 -38.46 -7.80
C PHE C 214 -52.37 -38.10 -8.41
N THR C 215 -53.27 -39.07 -8.42
CA THR C 215 -54.59 -38.89 -9.00
C THR C 215 -55.58 -38.31 -7.97
N ASN C 216 -55.07 -37.99 -6.79
CA ASN C 216 -55.92 -37.47 -5.73
C ASN C 216 -55.27 -36.36 -4.95
N ILE C 217 -55.66 -35.14 -5.27
CA ILE C 217 -55.12 -33.94 -4.64
C ILE C 217 -56.07 -33.51 -3.54
N LEU C 218 -55.56 -32.77 -2.57
CA LEU C 218 -56.38 -32.19 -1.50
C LEU C 218 -55.57 -31.00 -1.05
N VAL C 219 -56.19 -29.83 -1.01
CA VAL C 219 -55.47 -28.64 -0.62
C VAL C 219 -56.23 -27.92 0.48
N ASP C 220 -55.56 -27.73 1.61
CA ASP C 220 -56.14 -27.05 2.76
C ASP C 220 -56.01 -25.53 2.60
N GLU C 221 -56.62 -24.78 3.52
CA GLU C 221 -56.56 -23.32 3.47
C GLU C 221 -56.36 -22.79 2.05
N PHE C 222 -57.22 -23.19 1.13
CA PHE C 222 -57.07 -22.77 -0.25
C PHE C 222 -57.20 -21.28 -0.54
N GLN C 223 -57.88 -20.51 0.30
CA GLN C 223 -58.00 -19.08 0.01
C GLN C 223 -56.67 -18.35 0.24
N ASP C 224 -55.69 -19.05 0.77
CA ASP C 224 -54.41 -18.42 1.03
C ASP C 224 -53.40 -18.68 -0.09
N THR C 225 -53.80 -19.49 -1.06
CA THR C 225 -52.93 -19.82 -2.18
C THR C 225 -52.64 -18.62 -3.07
N ASN C 226 -51.40 -18.48 -3.55
CA ASN C 226 -51.08 -17.38 -4.47
C ASN C 226 -51.22 -17.97 -5.87
N ASN C 227 -50.88 -17.20 -6.91
CA ASN C 227 -51.04 -17.69 -8.28
C ASN C 227 -50.14 -18.84 -8.64
N ILE C 228 -48.85 -18.70 -8.36
CA ILE C 228 -47.94 -19.76 -8.69
C ILE C 228 -48.44 -21.10 -8.08
N GLN C 229 -48.90 -21.04 -6.83
CA GLN C 229 -49.39 -22.23 -6.16
C GLN C 229 -50.62 -22.75 -6.91
N TYR C 230 -51.55 -21.85 -7.18
CA TYR C 230 -52.74 -22.24 -7.89
C TYR C 230 -52.30 -23.00 -9.14
N ALA C 231 -51.47 -22.34 -9.95
CA ALA C 231 -50.97 -22.93 -11.16
C ALA C 231 -50.37 -24.33 -10.92
N TRP C 232 -49.46 -24.42 -9.95
CA TRP C 232 -48.85 -25.70 -9.64
C TRP C 232 -49.94 -26.72 -9.39
N ILE C 233 -51.00 -26.33 -8.69
CA ILE C 233 -52.04 -27.31 -8.44
C ILE C 233 -52.70 -27.74 -9.74
N ARG C 234 -52.96 -26.79 -10.63
CA ARG C 234 -53.62 -27.14 -11.87
C ARG C 234 -52.87 -28.15 -12.72
N LEU C 235 -51.57 -28.00 -12.88
CA LEU C 235 -50.89 -28.98 -13.69
C LEU C 235 -51.00 -30.41 -13.17
N LEU C 236 -50.58 -30.64 -11.92
CA LEU C 236 -50.66 -31.99 -11.37
C LEU C 236 -52.08 -32.52 -11.43
N ALA C 237 -52.99 -31.67 -11.89
CA ALA C 237 -54.39 -32.06 -12.03
C ALA C 237 -54.76 -31.73 -13.46
N GLY C 238 -54.20 -32.49 -14.40
CA GLY C 238 -54.49 -32.23 -15.79
C GLY C 238 -55.98 -32.30 -16.07
N ASP C 239 -56.39 -33.45 -16.57
CA ASP C 239 -57.78 -33.69 -16.91
C ASP C 239 -58.09 -35.02 -16.25
N THR C 240 -57.02 -35.68 -15.85
CA THR C 240 -57.05 -36.97 -15.19
C THR C 240 -57.16 -36.86 -13.65
N GLY C 241 -56.71 -35.75 -13.10
CA GLY C 241 -56.75 -35.62 -11.65
C GLY C 241 -58.01 -35.07 -11.02
N LYS C 242 -58.41 -35.68 -9.92
CA LYS C 242 -59.60 -35.26 -9.18
C LYS C 242 -59.13 -34.58 -7.88
N VAL C 243 -59.30 -33.27 -7.80
CA VAL C 243 -58.83 -32.52 -6.63
C VAL C 243 -59.89 -31.86 -5.73
N MET C 244 -59.74 -32.00 -4.42
CA MET C 244 -60.66 -31.38 -3.48
C MET C 244 -59.98 -30.25 -2.73
N ILE C 245 -60.57 -29.06 -2.76
CA ILE C 245 -59.95 -27.98 -2.04
C ILE C 245 -60.83 -27.60 -0.85
N VAL C 246 -60.21 -26.98 0.14
CA VAL C 246 -60.94 -26.57 1.33
C VAL C 246 -60.51 -25.18 1.75
N GLY C 247 -61.47 -24.37 2.17
CA GLY C 247 -61.12 -23.05 2.61
C GLY C 247 -62.34 -22.18 2.75
N ASP C 248 -62.10 -20.92 3.11
CA ASP C 248 -63.17 -19.95 3.27
C ASP C 248 -62.64 -18.58 2.81
N ASP C 249 -63.31 -18.03 1.80
CA ASP C 249 -62.92 -16.75 1.22
C ASP C 249 -63.07 -15.64 2.21
N ASP C 250 -63.96 -15.85 3.20
CA ASP C 250 -64.22 -14.86 4.24
C ASP C 250 -63.17 -14.83 5.35
N GLN C 251 -62.23 -15.78 5.31
CA GLN C 251 -61.18 -15.86 6.30
C GLN C 251 -59.84 -15.68 5.65
N SER C 252 -59.84 -14.92 4.56
CA SER C 252 -58.62 -14.66 3.83
C SER C 252 -57.96 -13.41 4.35
N ILE C 253 -57.05 -13.58 5.31
CA ILE C 253 -56.38 -12.42 5.89
C ILE C 253 -54.91 -12.24 5.51
N TYR C 254 -54.47 -12.96 4.47
CA TYR C 254 -53.09 -12.85 4.02
C TYR C 254 -52.90 -12.33 2.61
N GLY C 255 -53.65 -11.29 2.27
CA GLY C 255 -53.54 -10.73 0.94
C GLY C 255 -52.21 -10.02 0.77
N TRP C 256 -51.89 -9.17 1.73
CA TRP C 256 -50.64 -8.43 1.71
C TRP C 256 -49.43 -9.34 1.56
N ARG C 257 -49.60 -10.62 1.87
CA ARG C 257 -48.49 -11.53 1.76
C ARG C 257 -48.63 -12.39 0.50
N GLY C 258 -49.39 -11.91 -0.46
CA GLY C 258 -49.53 -12.62 -1.71
C GLY C 258 -50.69 -13.56 -1.91
N ALA C 259 -51.60 -13.67 -0.95
CA ALA C 259 -52.72 -14.58 -1.15
C ALA C 259 -53.73 -13.99 -2.13
N GLN C 260 -54.39 -14.87 -2.87
CA GLN C 260 -55.41 -14.48 -3.85
C GLN C 260 -56.71 -15.14 -3.44
N VAL C 261 -57.60 -14.41 -2.77
CA VAL C 261 -58.89 -14.98 -2.33
C VAL C 261 -59.72 -15.50 -3.49
N GLU C 262 -59.54 -14.84 -4.63
CA GLU C 262 -60.24 -15.17 -5.86
C GLU C 262 -60.03 -16.63 -6.30
N ASN C 263 -58.84 -17.17 -6.04
CA ASN C 263 -58.53 -18.55 -6.42
C ASN C 263 -59.61 -19.56 -6.02
N ILE C 264 -60.43 -19.21 -5.04
CA ILE C 264 -61.48 -20.10 -4.58
C ILE C 264 -62.54 -20.24 -5.67
N GLN C 265 -62.89 -19.11 -6.29
CA GLN C 265 -63.89 -19.10 -7.35
C GLN C 265 -63.22 -19.54 -8.63
N ARG C 266 -61.93 -19.27 -8.72
CA ARG C 266 -61.15 -19.62 -9.88
C ARG C 266 -61.13 -21.15 -10.01
N PHE C 267 -61.26 -21.85 -8.90
CA PHE C 267 -61.26 -23.31 -8.91
C PHE C 267 -62.56 -23.81 -9.51
N LEU C 268 -63.63 -23.08 -9.21
CA LEU C 268 -64.95 -23.42 -9.68
C LEU C 268 -65.11 -23.17 -11.17
N ASN C 269 -64.30 -22.27 -11.70
CA ASN C 269 -64.34 -21.95 -13.12
C ASN C 269 -63.41 -22.84 -13.91
N ASP C 270 -62.17 -22.96 -13.46
CA ASP C 270 -61.21 -23.78 -14.17
C ASP C 270 -61.60 -25.25 -14.22
N PHE C 271 -62.34 -25.73 -13.23
CA PHE C 271 -62.80 -27.12 -13.24
C PHE C 271 -64.31 -27.05 -13.11
N PRO C 272 -65.06 -27.02 -14.23
CA PRO C 272 -66.52 -26.94 -14.05
C PRO C 272 -67.04 -28.26 -13.48
N GLY C 273 -68.36 -28.35 -13.35
CA GLY C 273 -68.96 -29.55 -12.82
C GLY C 273 -68.35 -29.85 -11.46
N ALA C 274 -67.62 -28.87 -10.94
CA ALA C 274 -67.00 -28.99 -9.65
C ALA C 274 -68.01 -28.35 -8.75
N GLU C 275 -68.70 -29.18 -7.98
CA GLU C 275 -69.74 -28.73 -7.06
C GLU C 275 -69.17 -28.05 -5.79
N THR C 276 -70.08 -27.59 -4.94
CA THR C 276 -69.69 -26.88 -3.73
C THR C 276 -70.48 -27.36 -2.51
N ILE C 277 -69.79 -27.69 -1.44
CA ILE C 277 -70.43 -28.15 -0.22
C ILE C 277 -70.07 -27.18 0.91
N ARG C 278 -71.05 -26.69 1.63
CA ARG C 278 -70.78 -25.73 2.68
C ARG C 278 -70.87 -26.32 4.06
N LEU C 279 -69.78 -26.22 4.81
CA LEU C 279 -69.78 -26.69 6.20
C LEU C 279 -70.15 -25.42 6.97
N GLU C 280 -71.40 -25.34 7.42
CA GLU C 280 -71.85 -24.15 8.14
C GLU C 280 -72.21 -24.36 9.60
N GLN C 281 -72.30 -25.60 10.03
CA GLN C 281 -72.63 -25.82 11.40
C GLN C 281 -71.35 -25.63 12.21
N ASN C 282 -71.32 -24.55 12.99
CA ASN C 282 -70.16 -24.23 13.83
C ASN C 282 -70.35 -24.88 15.20
N TYR C 283 -69.27 -25.43 15.74
CA TYR C 283 -69.30 -26.10 17.06
C TYR C 283 -68.51 -25.37 18.13
N ARG C 284 -68.00 -24.19 17.80
CA ARG C 284 -67.14 -23.45 18.71
C ARG C 284 -67.80 -22.40 19.57
N SER C 285 -68.51 -21.46 18.94
CA SER C 285 -69.13 -20.37 19.69
C SER C 285 -70.64 -20.32 19.78
N THR C 286 -71.11 -19.49 20.70
CA THR C 286 -72.53 -19.32 20.95
C THR C 286 -73.26 -18.77 19.76
N SER C 287 -74.57 -18.97 19.77
CA SER C 287 -75.37 -18.52 18.66
C SER C 287 -75.38 -17.02 18.52
N ASN C 288 -75.21 -16.33 19.63
CA ASN C 288 -75.21 -14.89 19.59
C ASN C 288 -73.98 -14.40 18.83
N ILE C 289 -72.82 -14.97 19.14
CA ILE C 289 -71.60 -14.58 18.44
C ILE C 289 -71.67 -14.89 16.93
N LEU C 290 -72.02 -16.13 16.58
CA LEU C 290 -72.11 -16.48 15.15
C LEU C 290 -72.97 -15.42 14.51
N SER C 291 -74.06 -15.13 15.20
CA SER C 291 -75.01 -14.13 14.76
C SER C 291 -74.32 -12.84 14.29
N ALA C 292 -73.61 -12.17 15.20
CA ALA C 292 -72.93 -10.93 14.85
C ALA C 292 -71.99 -11.18 13.70
N ALA C 293 -71.35 -12.34 13.75
CA ALA C 293 -70.42 -12.73 12.70
C ALA C 293 -71.06 -12.59 11.34
N ASN C 294 -72.13 -13.34 11.13
CA ASN C 294 -72.80 -13.33 9.86
C ASN C 294 -73.13 -11.93 9.36
N ALA C 295 -73.43 -11.03 10.29
CA ALA C 295 -73.81 -9.67 9.93
C ALA C 295 -72.61 -8.84 9.57
N LEU C 296 -71.61 -8.87 10.43
CA LEU C 296 -70.39 -8.13 10.19
C LEU C 296 -69.86 -8.41 8.79
N ILE C 297 -69.66 -9.68 8.49
CA ILE C 297 -69.12 -10.10 7.23
C ILE C 297 -69.96 -9.80 5.98
N GLU C 298 -71.28 -9.70 6.12
CA GLU C 298 -72.11 -9.45 4.96
C GLU C 298 -71.88 -8.09 4.30
N ASN C 299 -71.15 -7.23 4.99
CA ASN C 299 -70.85 -5.91 4.46
C ASN C 299 -69.80 -6.00 3.34
N ASN C 300 -69.07 -7.10 3.23
CA ASN C 300 -68.12 -7.22 2.13
C ASN C 300 -68.99 -7.78 1.04
N ASN C 301 -68.56 -7.66 -0.21
CA ASN C 301 -69.38 -8.19 -1.28
C ASN C 301 -68.52 -8.92 -2.27
N GLY C 302 -69.07 -9.98 -2.84
CA GLY C 302 -68.31 -10.77 -3.79
C GLY C 302 -68.03 -12.11 -3.15
N ARG C 303 -68.61 -12.32 -1.98
CA ARG C 303 -68.43 -13.57 -1.29
C ARG C 303 -69.37 -14.63 -1.82
N LEU C 304 -69.11 -15.88 -1.49
CA LEU C 304 -69.98 -16.94 -1.91
C LEU C 304 -71.06 -17.01 -0.84
N GLY C 305 -70.86 -16.29 0.25
CA GLY C 305 -71.84 -16.30 1.32
C GLY C 305 -72.06 -17.61 2.02
N LYS C 306 -72.45 -17.52 3.29
CA LYS C 306 -72.70 -18.68 4.13
C LYS C 306 -73.40 -18.18 5.40
N LYS C 307 -73.86 -19.08 6.26
CA LYS C 307 -74.50 -18.67 7.49
C LYS C 307 -74.05 -19.54 8.62
N LEU C 308 -73.14 -19.03 9.44
CA LEU C 308 -72.67 -19.84 10.55
C LEU C 308 -73.80 -20.03 11.55
N TRP C 309 -74.25 -21.27 11.74
CA TRP C 309 -75.30 -21.51 12.70
C TRP C 309 -74.86 -22.50 13.74
N THR C 310 -75.65 -22.70 14.78
CA THR C 310 -75.28 -23.65 15.82
C THR C 310 -76.49 -24.28 16.43
N ASP C 311 -76.28 -25.42 17.07
CA ASP C 311 -77.36 -26.13 17.72
C ASP C 311 -77.14 -25.99 19.21
N GLY C 312 -76.87 -24.75 19.63
CA GLY C 312 -76.63 -24.50 21.04
C GLY C 312 -77.14 -23.18 21.56
N ALA C 313 -76.76 -22.89 22.81
CA ALA C 313 -77.18 -21.67 23.47
C ALA C 313 -76.93 -20.39 22.70
N ASP C 314 -77.67 -19.35 23.09
CA ASP C 314 -77.53 -18.03 22.49
C ASP C 314 -76.36 -17.36 23.18
N GLY C 315 -76.25 -17.61 24.48
CA GLY C 315 -75.18 -17.07 25.29
C GLY C 315 -75.26 -15.59 25.55
N GLU C 316 -74.45 -15.13 26.49
CA GLU C 316 -74.37 -13.73 26.85
C GLU C 316 -74.05 -12.97 25.59
N PRO C 317 -74.35 -11.67 25.58
CA PRO C 317 -74.06 -10.88 24.39
C PRO C 317 -72.58 -10.46 24.30
N ILE C 318 -72.22 -9.86 23.18
CA ILE C 318 -70.87 -9.36 22.98
C ILE C 318 -70.88 -8.04 23.75
N SER C 319 -69.99 -7.86 24.72
CA SER C 319 -69.98 -6.62 25.48
C SER C 319 -68.98 -5.61 24.96
N LEU C 320 -69.23 -4.32 25.19
CA LEU C 320 -68.34 -3.25 24.74
C LEU C 320 -67.88 -2.36 25.85
N TYR C 321 -66.61 -2.00 25.82
CA TYR C 321 -66.12 -1.10 26.83
C TYR C 321 -65.34 0.00 26.14
N CYS C 322 -65.69 1.24 26.46
CA CYS C 322 -65.05 2.41 25.89
C CYS C 322 -64.16 2.99 26.98
N ALA C 323 -62.90 2.55 27.03
CA ALA C 323 -61.92 3.03 28.00
C ALA C 323 -61.55 4.48 27.74
N PHE C 324 -61.14 5.18 28.79
CA PHE C 324 -60.75 6.57 28.63
C PHE C 324 -59.53 6.65 27.73
N ASN C 325 -58.58 5.74 27.98
CA ASN C 325 -57.35 5.64 27.20
C ASN C 325 -56.92 4.17 27.27
N GLU C 326 -55.88 3.77 26.54
CA GLU C 326 -55.46 2.39 26.54
C GLU C 326 -54.97 1.93 27.89
N LEU C 327 -54.40 2.84 28.67
CA LEU C 327 -53.94 2.48 30.00
C LEU C 327 -55.13 1.92 30.78
N ASP C 328 -56.29 2.51 30.54
CA ASP C 328 -57.51 2.09 31.20
C ASP C 328 -58.06 0.84 30.52
N GLU C 329 -58.07 0.83 29.20
CA GLU C 329 -58.56 -0.32 28.46
C GLU C 329 -57.88 -1.58 29.03
N ALA C 330 -56.56 -1.60 29.05
CA ALA C 330 -55.87 -2.79 29.58
C ALA C 330 -56.39 -3.11 30.97
N ARG C 331 -56.24 -2.18 31.91
CA ARG C 331 -56.72 -2.38 33.27
C ARG C 331 -58.07 -3.10 33.23
N PHE C 332 -59.01 -2.52 32.49
CA PHE C 332 -60.36 -3.08 32.34
C PHE C 332 -60.30 -4.56 32.02
N VAL C 333 -59.68 -4.88 30.89
CA VAL C 333 -59.56 -6.26 30.47
C VAL C 333 -59.05 -7.14 31.59
N VAL C 334 -57.97 -6.73 32.22
CA VAL C 334 -57.38 -7.49 33.31
C VAL C 334 -58.40 -7.77 34.41
N ASN C 335 -59.14 -6.75 34.80
CA ASN C 335 -60.14 -6.94 35.83
C ASN C 335 -61.16 -8.00 35.46
N ARG C 336 -61.70 -7.87 34.25
CA ARG C 336 -62.68 -8.81 33.74
C ARG C 336 -62.11 -10.22 33.82
N ILE C 337 -60.85 -10.34 33.43
CA ILE C 337 -60.21 -11.63 33.47
C ILE C 337 -60.05 -12.02 34.93
N LYS C 338 -59.62 -11.05 35.73
CA LYS C 338 -59.39 -11.28 37.14
C LYS C 338 -60.63 -11.86 37.81
N THR C 339 -61.82 -11.62 37.27
CA THR C 339 -63.04 -12.20 37.83
C THR C 339 -63.14 -13.65 37.38
N TRP C 340 -63.27 -13.83 36.07
CA TRP C 340 -63.36 -15.15 35.47
C TRP C 340 -62.54 -16.15 36.28
N GLN C 341 -61.30 -15.78 36.57
CA GLN C 341 -60.46 -16.67 37.32
C GLN C 341 -60.98 -16.87 38.73
N ASP C 342 -61.36 -15.77 39.35
CA ASP C 342 -61.87 -15.81 40.72
C ASP C 342 -63.02 -16.80 40.77
N ASN C 343 -63.82 -16.84 39.71
CA ASN C 343 -64.95 -17.74 39.63
C ASN C 343 -64.53 -19.12 39.20
N GLY C 344 -63.26 -19.44 39.37
CA GLY C 344 -62.79 -20.77 39.00
C GLY C 344 -62.45 -20.99 37.53
N GLY C 345 -62.46 -19.93 36.73
CA GLY C 345 -62.12 -20.08 35.33
C GLY C 345 -60.61 -20.21 35.20
N ALA C 346 -60.13 -20.63 34.03
CA ALA C 346 -58.70 -20.80 33.78
C ALA C 346 -58.19 -19.59 32.99
N LEU C 347 -57.01 -19.08 33.34
CA LEU C 347 -56.48 -17.92 32.62
C LEU C 347 -56.18 -18.26 31.18
N ALA C 348 -55.67 -19.47 30.94
CA ALA C 348 -55.34 -19.90 29.61
C ALA C 348 -56.55 -19.95 28.68
N GLU C 349 -57.74 -19.78 29.22
CA GLU C 349 -58.94 -19.80 28.38
C GLU C 349 -59.36 -18.38 28.00
N CYS C 350 -58.49 -17.41 28.29
CA CYS C 350 -58.75 -16.01 28.00
C CYS C 350 -57.72 -15.53 27.01
N ALA C 351 -58.13 -14.76 26.02
CA ALA C 351 -57.17 -14.26 25.05
C ALA C 351 -57.37 -12.81 24.69
N ILE C 352 -56.35 -11.99 24.85
CA ILE C 352 -56.47 -10.59 24.46
C ILE C 352 -55.91 -10.54 23.04
N LEU C 353 -56.63 -9.94 22.09
CA LEU C 353 -56.12 -9.88 20.72
C LEU C 353 -55.97 -8.46 20.20
N TYR C 354 -54.86 -8.18 19.53
CA TYR C 354 -54.63 -6.84 19.01
C TYR C 354 -54.24 -6.83 17.56
N ARG C 355 -54.39 -5.67 16.93
CA ARG C 355 -54.06 -5.55 15.53
C ARG C 355 -52.57 -5.45 15.29
N SER C 356 -51.89 -4.79 16.20
CA SER C 356 -50.45 -4.57 16.08
C SER C 356 -49.74 -5.08 17.31
N ASN C 357 -48.50 -5.51 17.12
CA ASN C 357 -47.72 -6.04 18.22
C ASN C 357 -47.38 -4.96 19.24
N ALA C 358 -47.31 -3.73 18.75
CA ALA C 358 -47.03 -2.60 19.62
C ALA C 358 -48.05 -2.57 20.77
N GLN C 359 -49.25 -3.06 20.49
CA GLN C 359 -50.30 -3.05 21.47
C GLN C 359 -50.15 -3.98 22.65
N SER C 360 -49.18 -4.88 22.64
CA SER C 360 -49.05 -5.80 23.77
C SER C 360 -48.37 -5.23 25.02
N ARG C 361 -47.36 -4.38 24.85
CA ARG C 361 -46.65 -3.86 26.01
C ARG C 361 -47.59 -3.32 27.07
N VAL C 362 -48.47 -2.42 26.65
CA VAL C 362 -49.42 -1.80 27.57
C VAL C 362 -50.25 -2.85 28.33
N LEU C 363 -50.53 -3.95 27.64
CA LEU C 363 -51.30 -5.03 28.22
C LEU C 363 -50.43 -5.89 29.13
N GLU C 364 -49.23 -6.24 28.68
CA GLU C 364 -48.32 -7.06 29.48
C GLU C 364 -48.11 -6.40 30.84
N GLU C 365 -47.90 -5.09 30.79
CA GLU C 365 -47.67 -4.31 31.98
C GLU C 365 -48.88 -4.43 32.88
N ALA C 366 -50.05 -4.15 32.33
CA ALA C 366 -51.29 -4.27 33.09
C ALA C 366 -51.33 -5.67 33.72
N LEU C 367 -51.03 -6.68 32.93
CA LEU C 367 -51.04 -8.04 33.41
C LEU C 367 -49.98 -8.17 34.48
N LEU C 368 -48.83 -7.58 34.28
CA LEU C 368 -47.84 -7.67 35.32
C LEU C 368 -48.45 -7.09 36.59
N GLN C 369 -48.67 -5.77 36.58
CA GLN C 369 -49.26 -5.06 37.71
C GLN C 369 -50.22 -5.85 38.58
N ALA C 370 -50.86 -6.88 38.06
CA ALA C 370 -51.78 -7.65 38.88
C ALA C 370 -51.31 -9.07 39.11
N SER C 371 -50.00 -9.27 39.08
CA SER C 371 -49.45 -10.61 39.29
C SER C 371 -50.21 -11.65 38.48
N MET C 372 -50.57 -11.28 37.25
CA MET C 372 -51.27 -12.15 36.31
C MET C 372 -50.23 -12.70 35.35
N PRO C 373 -50.01 -14.01 35.37
CA PRO C 373 -49.03 -14.63 34.48
C PRO C 373 -49.59 -14.61 33.08
N TYR C 374 -48.73 -14.52 32.08
CA TYR C 374 -49.19 -14.46 30.71
C TYR C 374 -48.09 -14.87 29.75
N ARG C 375 -48.45 -15.29 28.54
CA ARG C 375 -47.46 -15.66 27.53
C ARG C 375 -47.82 -14.98 26.21
N ILE C 376 -46.84 -14.40 25.53
CA ILE C 376 -47.10 -13.72 24.28
C ILE C 376 -46.67 -14.55 23.08
N TYR C 377 -47.66 -14.86 22.23
CA TYR C 377 -47.47 -15.68 21.03
C TYR C 377 -46.68 -15.15 19.84
N GLY C 378 -45.89 -14.10 20.04
CA GLY C 378 -45.06 -13.67 18.92
C GLY C 378 -43.87 -14.62 19.04
N GLY C 379 -42.65 -14.11 19.09
CA GLY C 379 -41.55 -15.02 19.28
C GLY C 379 -40.41 -15.17 18.31
N MET C 380 -39.22 -15.20 18.89
CA MET C 380 -38.02 -15.39 18.11
C MET C 380 -37.95 -16.89 17.97
N ARG C 381 -37.76 -17.37 16.75
CA ARG C 381 -37.69 -18.81 16.54
C ARG C 381 -36.29 -19.37 16.47
N PHE C 382 -36.09 -20.46 17.21
CA PHE C 382 -34.81 -21.14 17.31
C PHE C 382 -33.87 -21.05 16.12
N PHE C 383 -34.32 -21.50 14.95
CA PHE C 383 -33.46 -21.46 13.79
C PHE C 383 -33.34 -20.10 13.16
N GLU C 384 -33.69 -19.06 13.91
CA GLU C 384 -33.55 -17.71 13.40
C GLU C 384 -32.58 -16.98 14.33
N ARG C 385 -32.51 -17.43 15.57
CA ARG C 385 -31.61 -16.81 16.55
C ARG C 385 -30.22 -16.56 15.93
N GLN C 386 -29.62 -15.40 16.19
CA GLN C 386 -28.35 -15.15 15.56
C GLN C 386 -27.27 -16.15 15.87
N GLU C 387 -27.15 -16.60 17.11
CA GLU C 387 -26.10 -17.57 17.38
C GLU C 387 -26.34 -18.91 16.68
N ILE C 388 -27.53 -19.14 16.18
CA ILE C 388 -27.78 -20.37 15.48
C ILE C 388 -27.53 -20.28 13.99
N LYS C 389 -27.86 -19.15 13.39
CA LYS C 389 -27.58 -18.99 11.96
C LYS C 389 -26.06 -18.96 11.86
N ASP C 390 -25.44 -18.28 12.82
CA ASP C 390 -24.00 -18.19 12.84
C ASP C 390 -23.48 -19.60 12.72
N ALA C 391 -23.65 -20.38 13.78
CA ALA C 391 -23.18 -21.75 13.77
C ALA C 391 -23.49 -22.45 12.46
N LEU C 392 -24.75 -22.40 12.03
CA LEU C 392 -25.10 -23.07 10.80
C LEU C 392 -24.39 -22.57 9.57
N SER C 393 -23.97 -21.30 9.56
CA SER C 393 -23.23 -20.72 8.44
C SER C 393 -21.86 -21.36 8.24
N TYR C 394 -21.17 -21.69 9.33
CA TYR C 394 -19.88 -22.34 9.14
C TYR C 394 -20.17 -23.71 8.53
N LEU C 395 -21.17 -24.43 9.04
CA LEU C 395 -21.50 -25.74 8.50
C LEU C 395 -21.82 -25.64 7.04
N ARG C 396 -22.49 -24.56 6.67
CA ARG C 396 -22.87 -24.31 5.29
C ARG C 396 -21.64 -24.19 4.44
N LEU C 397 -20.73 -23.30 4.83
CA LEU C 397 -19.50 -23.09 4.11
C LEU C 397 -18.76 -24.40 3.87
N ILE C 398 -18.97 -25.34 4.78
CA ILE C 398 -18.33 -26.65 4.70
C ILE C 398 -19.02 -27.50 3.65
N VAL C 399 -20.33 -27.32 3.47
CA VAL C 399 -21.03 -28.11 2.46
C VAL C 399 -20.68 -27.46 1.13
N ASN C 400 -20.71 -26.13 1.09
CA ASN C 400 -20.35 -25.41 -0.12
C ASN C 400 -19.71 -24.05 0.12
N ARG C 401 -18.49 -23.86 -0.38
CA ARG C 401 -17.78 -22.61 -0.16
C ARG C 401 -18.41 -21.41 -0.87
N ASN C 402 -19.40 -21.65 -1.72
CA ASN C 402 -20.04 -20.56 -2.45
C ASN C 402 -21.30 -20.00 -1.79
N ASP C 403 -21.54 -20.35 -0.54
CA ASP C 403 -22.72 -19.81 0.11
C ASP C 403 -22.38 -18.35 0.42
N ASP C 404 -22.52 -17.49 -0.58
CA ASP C 404 -22.25 -16.06 -0.42
C ASP C 404 -22.91 -15.52 0.84
N ALA C 405 -24.07 -16.08 1.20
CA ALA C 405 -24.78 -15.64 2.38
C ALA C 405 -24.06 -16.15 3.63
N ALA C 406 -23.75 -17.44 3.67
CA ALA C 406 -23.04 -17.99 4.82
C ALA C 406 -21.73 -17.22 4.94
N PHE C 407 -21.02 -17.14 3.82
CA PHE C 407 -19.75 -16.43 3.77
C PHE C 407 -19.89 -15.08 4.45
N GLU C 408 -20.49 -14.15 3.73
CA GLU C 408 -20.67 -12.79 4.22
C GLU C 408 -21.09 -12.70 5.66
N ARG C 409 -21.60 -13.80 6.22
CA ARG C 409 -22.01 -13.77 7.61
C ARG C 409 -20.90 -14.09 8.59
N VAL C 410 -20.36 -15.30 8.55
CA VAL C 410 -19.32 -15.66 9.51
C VAL C 410 -17.91 -15.23 9.16
N VAL C 411 -17.68 -14.79 7.92
CA VAL C 411 -16.36 -14.36 7.49
C VAL C 411 -15.56 -13.59 8.53
N ASN C 412 -16.15 -12.53 9.11
CA ASN C 412 -15.46 -11.72 10.10
C ASN C 412 -16.09 -11.76 11.50
N THR C 413 -16.78 -12.86 11.80
CA THR C 413 -17.37 -13.04 13.11
C THR C 413 -17.28 -14.49 13.53
N PRO C 414 -16.57 -14.76 14.62
CA PRO C 414 -15.92 -13.76 15.47
C PRO C 414 -15.01 -12.86 14.63
N THR C 415 -14.79 -11.63 15.06
CA THR C 415 -13.93 -10.74 14.30
C THR C 415 -12.61 -11.46 14.13
N ARG C 416 -12.04 -11.41 12.92
CA ARG C 416 -10.78 -12.06 12.59
C ARG C 416 -9.82 -11.09 11.94
N GLY C 417 -10.22 -9.85 11.77
CA GLY C 417 -9.32 -8.93 11.13
C GLY C 417 -9.71 -8.71 9.68
N ILE C 418 -10.60 -9.54 9.13
CA ILE C 418 -11.04 -9.32 7.76
C ILE C 418 -11.95 -8.10 7.81
N GLY C 419 -11.38 -6.97 8.18
CA GLY C 419 -12.12 -5.72 8.31
C GLY C 419 -13.00 -5.36 7.14
N ASP C 420 -13.69 -4.23 7.24
CA ASP C 420 -14.59 -3.85 6.17
C ASP C 420 -13.94 -3.47 4.86
N ARG C 421 -13.09 -2.44 4.91
CA ARG C 421 -12.40 -1.98 3.72
C ARG C 421 -11.97 -3.16 2.86
N THR C 422 -11.45 -4.19 3.51
CA THR C 422 -10.99 -5.38 2.81
C THR C 422 -12.10 -6.08 2.05
N LEU C 423 -13.30 -6.12 2.63
CA LEU C 423 -14.40 -6.80 1.97
C LEU C 423 -14.92 -6.07 0.75
N ASP C 424 -15.07 -4.75 0.83
CA ASP C 424 -15.57 -3.94 -0.29
C ASP C 424 -14.79 -4.26 -1.56
N VAL C 425 -13.56 -4.70 -1.36
CA VAL C 425 -12.67 -5.09 -2.44
C VAL C 425 -13.18 -6.45 -2.92
N VAL C 426 -13.26 -7.40 -1.98
CA VAL C 426 -13.73 -8.74 -2.31
C VAL C 426 -15.13 -8.64 -2.87
N ARG C 427 -15.93 -7.73 -2.32
CA ARG C 427 -17.30 -7.56 -2.77
C ARG C 427 -17.30 -7.17 -4.23
N GLN C 428 -16.71 -6.01 -4.50
CA GLN C 428 -16.63 -5.47 -5.85
C GLN C 428 -16.03 -6.47 -6.83
N THR C 429 -14.82 -6.92 -6.51
CA THR C 429 -14.12 -7.90 -7.33
C THR C 429 -15.13 -8.94 -7.79
N SER C 430 -16.04 -9.30 -6.89
CA SER C 430 -17.05 -10.29 -7.21
C SER C 430 -18.05 -9.77 -8.24
N ARG C 431 -18.45 -8.52 -8.06
CA ARG C 431 -19.40 -7.88 -8.96
C ARG C 431 -18.85 -7.81 -10.38
N ASP C 432 -17.78 -7.05 -10.51
CA ASP C 432 -17.13 -6.83 -11.80
C ASP C 432 -16.76 -8.13 -12.52
N ARG C 433 -16.23 -9.11 -11.80
CA ARG C 433 -15.84 -10.36 -12.44
C ARG C 433 -16.86 -11.49 -12.41
N GLN C 434 -17.99 -11.26 -11.77
CA GLN C 434 -19.06 -12.26 -11.69
C GLN C 434 -18.55 -13.58 -11.10
N LEU C 435 -18.19 -13.53 -9.82
CA LEU C 435 -17.67 -14.67 -9.07
C LEU C 435 -18.29 -14.73 -7.68
N THR C 436 -18.19 -15.89 -7.03
CA THR C 436 -18.71 -16.02 -5.68
C THR C 436 -17.71 -15.29 -4.78
N LEU C 437 -18.10 -14.97 -3.55
CA LEU C 437 -17.19 -14.26 -2.66
C LEU C 437 -15.98 -15.14 -2.38
N TRP C 438 -16.18 -16.44 -2.30
CA TRP C 438 -15.04 -17.29 -2.05
C TRP C 438 -14.17 -17.32 -3.30
N GLN C 439 -14.82 -17.32 -4.46
CA GLN C 439 -14.13 -17.32 -5.75
C GLN C 439 -13.27 -16.08 -5.89
N ALA C 440 -13.93 -14.93 -5.78
CA ALA C 440 -13.25 -13.64 -5.89
C ALA C 440 -12.10 -13.53 -4.90
N CYS C 441 -12.04 -14.43 -3.93
CA CYS C 441 -10.96 -14.40 -2.94
C CYS C 441 -9.78 -15.17 -3.48
N ARG C 442 -10.03 -16.42 -3.87
CA ARG C 442 -8.99 -17.25 -4.45
C ARG C 442 -8.17 -16.35 -5.35
N GLU C 443 -8.86 -15.56 -6.16
CA GLU C 443 -8.19 -14.67 -7.09
C GLU C 443 -7.46 -13.52 -6.44
N LEU C 444 -8.16 -12.63 -5.76
CA LEU C 444 -7.45 -11.51 -5.12
C LEU C 444 -6.22 -12.00 -4.33
N LEU C 445 -6.31 -13.17 -3.71
CA LEU C 445 -5.17 -13.66 -2.96
C LEU C 445 -4.06 -14.12 -3.87
N GLN C 446 -4.43 -14.81 -4.95
CA GLN C 446 -3.49 -15.33 -5.96
C GLN C 446 -2.79 -14.20 -6.71
N GLU C 447 -3.58 -13.39 -7.39
CA GLU C 447 -3.08 -12.24 -8.14
C GLU C 447 -2.32 -11.29 -7.22
N LYS C 448 -2.24 -11.67 -5.95
CA LYS C 448 -1.52 -10.87 -4.96
C LYS C 448 -1.93 -9.39 -5.04
N ALA C 449 -3.21 -9.13 -5.27
CA ALA C 449 -3.72 -7.78 -5.40
C ALA C 449 -4.21 -7.16 -4.09
N LEU C 450 -4.01 -7.88 -2.99
CA LEU C 450 -4.43 -7.39 -1.67
C LEU C 450 -3.27 -7.08 -0.74
N ALA C 451 -3.49 -6.14 0.18
CA ALA C 451 -2.51 -5.73 1.15
C ALA C 451 -1.99 -6.93 1.94
N GLY C 452 -0.88 -6.75 2.64
CA GLY C 452 -0.29 -7.82 3.42
C GLY C 452 -1.28 -8.32 4.44
N ARG C 453 -1.70 -7.42 5.35
CA ARG C 453 -2.65 -7.75 6.40
C ARG C 453 -3.84 -8.46 5.79
N ALA C 454 -4.61 -7.70 5.03
CA ALA C 454 -5.81 -8.20 4.37
C ALA C 454 -5.61 -9.61 3.86
N ALA C 455 -4.63 -9.76 2.97
CA ALA C 455 -4.33 -11.04 2.38
C ALA C 455 -4.08 -12.12 3.43
N SER C 456 -3.33 -11.77 4.45
CA SER C 456 -3.00 -12.75 5.48
C SER C 456 -4.22 -13.24 6.25
N ALA C 457 -5.01 -12.29 6.78
CA ALA C 457 -6.22 -12.64 7.52
C ALA C 457 -7.16 -13.44 6.61
N LEU C 458 -7.51 -12.83 5.47
CA LEU C 458 -8.39 -13.47 4.49
C LEU C 458 -7.98 -14.93 4.33
N GLN C 459 -6.68 -15.14 4.23
CA GLN C 459 -6.15 -16.48 4.05
C GLN C 459 -6.45 -17.31 5.30
N ARG C 460 -6.17 -16.75 6.46
CA ARG C 460 -6.41 -17.47 7.70
C ARG C 460 -7.81 -18.06 7.74
N PHE C 461 -8.80 -17.21 7.46
CA PHE C 461 -10.18 -17.64 7.48
C PHE C 461 -10.37 -18.81 6.57
N MET C 462 -10.04 -18.61 5.30
CA MET C 462 -10.21 -19.66 4.31
C MET C 462 -9.65 -21.02 4.69
N GLU C 463 -8.39 -21.07 5.12
CA GLU C 463 -7.80 -22.34 5.50
C GLU C 463 -8.61 -23.01 6.61
N LEU C 464 -9.13 -22.19 7.53
CA LEU C 464 -9.93 -22.66 8.66
C LEU C 464 -11.14 -23.44 8.15
N ILE C 465 -11.92 -22.81 7.30
CA ILE C 465 -13.09 -23.47 6.71
C ILE C 465 -12.62 -24.81 6.12
N ASP C 466 -11.62 -24.76 5.25
CA ASP C 466 -11.07 -25.97 4.64
C ASP C 466 -10.59 -26.96 5.70
N ALA C 467 -10.13 -26.45 6.83
CA ALA C 467 -9.66 -27.31 7.90
C ALA C 467 -10.83 -28.05 8.53
N LEU C 468 -11.88 -27.31 8.87
CA LEU C 468 -13.06 -27.90 9.49
C LEU C 468 -13.67 -28.89 8.55
N ALA C 469 -13.75 -28.54 7.28
CA ALA C 469 -14.31 -29.44 6.29
C ALA C 469 -13.57 -30.77 6.37
N GLN C 470 -12.24 -30.67 6.34
CA GLN C 470 -11.34 -31.82 6.41
C GLN C 470 -11.49 -32.68 7.67
N GLU C 471 -11.21 -32.07 8.80
CA GLU C 471 -11.25 -32.74 10.09
C GLU C 471 -12.62 -33.30 10.45
N THR C 472 -13.62 -32.91 9.68
CA THR C 472 -14.98 -33.29 9.95
C THR C 472 -15.66 -34.28 9.03
N ALA C 473 -15.12 -34.45 7.82
CA ALA C 473 -15.71 -35.35 6.84
C ALA C 473 -16.20 -36.70 7.36
N ASP C 474 -15.45 -37.31 8.27
CA ASP C 474 -15.84 -38.63 8.79
C ASP C 474 -16.68 -38.62 10.08
N MET C 475 -17.03 -37.43 10.58
CA MET C 475 -17.78 -37.33 11.83
C MET C 475 -19.30 -37.35 11.73
N PRO C 476 -19.95 -38.02 12.69
CA PRO C 476 -21.41 -38.09 12.71
C PRO C 476 -21.89 -36.65 12.97
N LEU C 477 -22.92 -36.22 12.24
CA LEU C 477 -23.43 -34.86 12.35
C LEU C 477 -23.24 -34.11 13.64
N HIS C 478 -23.71 -34.67 14.75
CA HIS C 478 -23.62 -33.93 15.99
C HIS C 478 -22.21 -33.66 16.51
N VAL C 479 -21.29 -34.57 16.25
CA VAL C 479 -19.89 -34.38 16.67
C VAL C 479 -19.37 -33.18 15.86
N GLN C 480 -19.51 -33.29 14.54
CA GLN C 480 -19.12 -32.26 13.59
C GLN C 480 -19.61 -30.88 14.00
N THR C 481 -20.88 -30.82 14.39
CA THR C 481 -21.48 -29.56 14.79
C THR C 481 -20.83 -29.08 16.06
N ASP C 482 -20.58 -30.00 16.97
CA ASP C 482 -19.96 -29.62 18.22
C ASP C 482 -18.55 -29.08 17.97
N ARG C 483 -17.84 -29.65 17.00
CA ARG C 483 -16.51 -29.10 16.78
C ARG C 483 -16.54 -27.77 16.06
N VAL C 484 -17.37 -27.65 15.03
CA VAL C 484 -17.39 -26.39 14.31
C VAL C 484 -17.81 -25.27 15.23
N ILE C 485 -18.72 -25.55 16.15
CA ILE C 485 -19.16 -24.49 17.06
C ILE C 485 -17.97 -24.09 17.92
N LYS C 486 -17.21 -25.09 18.35
CA LYS C 486 -16.05 -24.80 19.17
C LYS C 486 -14.96 -24.13 18.34
N ASP C 487 -14.34 -24.89 17.44
CA ASP C 487 -13.25 -24.38 16.61
C ASP C 487 -13.46 -23.17 15.70
N SER C 488 -14.69 -22.70 15.51
CA SER C 488 -14.87 -21.53 14.64
C SER C 488 -14.73 -20.29 15.53
N GLY C 489 -14.49 -20.53 16.80
CA GLY C 489 -14.35 -19.44 17.74
C GLY C 489 -15.69 -18.86 18.16
N LEU C 490 -16.78 -19.47 17.68
CA LEU C 490 -18.11 -18.99 18.01
C LEU C 490 -18.45 -19.10 19.49
N ARG C 491 -18.12 -20.24 20.08
CA ARG C 491 -18.43 -20.49 21.48
C ARG C 491 -17.81 -19.46 22.38
N THR C 492 -16.49 -19.32 22.29
CA THR C 492 -15.80 -18.37 23.12
C THR C 492 -16.42 -16.99 22.94
N MET C 493 -16.77 -16.67 21.71
CA MET C 493 -17.35 -15.37 21.46
C MET C 493 -18.57 -15.18 22.34
N TYR C 494 -19.53 -16.08 22.22
CA TYR C 494 -20.76 -16.00 23.00
C TYR C 494 -20.60 -16.32 24.49
N GLU C 495 -19.51 -16.99 24.85
CA GLU C 495 -19.28 -17.30 26.25
C GLU C 495 -18.96 -15.99 26.95
N GLN C 496 -18.53 -15.02 26.15
CA GLN C 496 -18.17 -13.71 26.68
C GLN C 496 -19.09 -12.64 26.15
N GLU C 497 -20.39 -12.83 26.34
CA GLU C 497 -21.33 -11.82 25.88
C GLU C 497 -22.18 -11.38 27.07
N LYS C 498 -22.27 -10.07 27.22
CA LYS C 498 -23.01 -9.38 28.28
C LYS C 498 -23.36 -10.22 29.53
N GLY C 499 -24.56 -10.77 29.55
CA GLY C 499 -24.98 -11.58 30.70
C GLY C 499 -26.38 -12.08 30.46
N GLU C 500 -27.26 -11.16 30.05
CA GLU C 500 -28.63 -11.53 29.74
C GLU C 500 -28.49 -12.47 28.55
N LYS C 501 -28.28 -11.87 27.38
CA LYS C 501 -28.12 -12.60 26.13
C LYS C 501 -27.09 -13.72 26.29
N GLY C 502 -25.82 -13.33 26.38
CA GLY C 502 -24.73 -14.29 26.50
C GLY C 502 -25.05 -15.67 27.08
N GLN C 503 -25.81 -15.71 28.18
CA GLN C 503 -26.13 -16.98 28.85
C GLN C 503 -27.08 -17.87 28.06
N THR C 504 -28.19 -17.27 27.64
CA THR C 504 -29.18 -18.01 26.87
C THR C 504 -28.43 -18.59 25.70
N ARG C 505 -27.77 -17.69 24.96
CA ARG C 505 -27.01 -18.04 23.79
C ARG C 505 -26.14 -19.29 23.82
N ILE C 506 -25.24 -19.43 24.79
CA ILE C 506 -24.45 -20.66 24.75
C ILE C 506 -25.40 -21.83 24.90
N GLU C 507 -26.38 -21.68 25.77
CA GLU C 507 -27.34 -22.74 25.97
C GLU C 507 -28.02 -23.13 24.65
N ASN C 508 -28.52 -22.15 23.89
CA ASN C 508 -29.17 -22.47 22.61
C ASN C 508 -28.20 -23.25 21.74
N LEU C 509 -26.96 -22.79 21.70
CA LEU C 509 -25.92 -23.46 20.91
C LEU C 509 -25.76 -24.89 21.36
N GLU C 510 -26.08 -25.16 22.62
CA GLU C 510 -25.97 -26.51 23.12
C GLU C 510 -27.19 -27.28 22.64
N GLU C 511 -28.34 -26.62 22.66
CA GLU C 511 -29.58 -27.24 22.21
C GLU C 511 -29.32 -27.71 20.79
N LEU C 512 -28.65 -26.88 20.00
CA LEU C 512 -28.34 -27.22 18.63
C LEU C 512 -27.59 -28.55 18.50
N VAL C 513 -26.63 -28.77 19.37
CA VAL C 513 -25.89 -30.03 19.29
C VAL C 513 -26.85 -31.16 19.54
N THR C 514 -27.69 -31.02 20.55
CA THR C 514 -28.67 -32.06 20.86
C THR C 514 -29.54 -32.27 19.64
N ALA C 515 -30.01 -31.14 19.11
CA ALA C 515 -30.84 -31.13 17.93
C ALA C 515 -30.19 -32.04 16.89
N THR C 516 -29.04 -31.63 16.38
CA THR C 516 -28.34 -32.40 15.37
C THR C 516 -28.15 -33.85 15.80
N ARG C 517 -28.32 -34.13 17.09
CA ARG C 517 -28.13 -35.49 17.53
C ARG C 517 -29.36 -36.35 17.40
N GLN C 518 -30.53 -35.76 17.58
CA GLN C 518 -31.76 -36.52 17.45
C GLN C 518 -32.29 -36.47 16.03
N PHE C 519 -31.65 -35.65 15.19
CA PHE C 519 -32.09 -35.51 13.80
C PHE C 519 -32.21 -36.86 13.15
N SER C 520 -33.36 -37.10 12.51
CA SER C 520 -33.58 -38.37 11.82
C SER C 520 -34.22 -38.10 10.46
N TYR C 521 -33.76 -38.84 9.45
CA TYR C 521 -34.26 -38.69 8.09
C TYR C 521 -34.39 -40.06 7.43
N ASP C 525 -32.94 -42.31 5.74
CA ASP C 525 -33.70 -42.50 4.50
C ASP C 525 -32.94 -41.95 3.28
N GLU C 526 -32.00 -42.75 2.78
CA GLU C 526 -31.15 -42.41 1.63
C GLU C 526 -31.81 -41.48 0.58
N ASP C 527 -31.37 -40.23 0.56
CA ASP C 527 -31.87 -39.21 -0.35
C ASP C 527 -30.96 -37.96 -0.32
N LEU C 528 -30.35 -37.71 0.84
CA LEU C 528 -29.44 -36.58 1.07
C LEU C 528 -28.49 -36.85 2.24
N MET C 529 -27.30 -36.25 2.21
CA MET C 529 -26.34 -36.42 3.29
C MET C 529 -26.79 -35.64 4.53
N PRO C 530 -26.81 -36.31 5.69
CA PRO C 530 -27.22 -35.74 6.98
C PRO C 530 -27.10 -34.23 7.09
N LEU C 531 -25.87 -33.72 7.04
CA LEU C 531 -25.64 -32.29 7.14
C LEU C 531 -26.52 -31.51 6.16
N GLN C 532 -26.48 -31.87 4.88
CA GLN C 532 -27.30 -31.20 3.88
C GLN C 532 -28.78 -31.33 4.22
N ALA C 533 -29.12 -32.47 4.81
CA ALA C 533 -30.49 -32.75 5.24
C ALA C 533 -30.87 -31.78 6.31
N PHE C 534 -30.15 -31.85 7.42
CA PHE C 534 -30.43 -30.97 8.55
C PHE C 534 -30.52 -29.50 8.11
N LEU C 535 -29.46 -29.00 7.50
CA LEU C 535 -29.47 -27.63 7.06
C LEU C 535 -30.75 -27.24 6.33
N SER C 536 -31.38 -28.25 5.75
CA SER C 536 -32.61 -28.08 5.00
C SER C 536 -33.81 -28.05 5.96
N HIS C 537 -33.89 -29.04 6.83
CA HIS C 537 -34.99 -29.07 7.78
C HIS C 537 -34.84 -27.91 8.77
N ALA C 538 -33.71 -27.19 8.69
CA ALA C 538 -33.51 -26.07 9.59
C ALA C 538 -34.03 -24.80 8.95
N ALA C 539 -34.18 -24.82 7.64
CA ALA C 539 -34.67 -23.67 6.92
C ALA C 539 -36.15 -23.78 6.58
N LEU C 540 -36.65 -25.02 6.49
CA LEU C 540 -38.05 -25.24 6.16
C LEU C 540 -38.98 -25.17 7.34
N GLU C 541 -38.44 -25.36 8.54
CA GLU C 541 -39.25 -25.26 9.76
C GLU C 541 -38.37 -24.80 10.91
N ALA C 542 -38.62 -23.60 11.45
CA ALA C 542 -37.79 -23.08 12.53
C ALA C 542 -38.31 -23.24 13.97
N GLY C 543 -39.58 -23.63 14.11
CA GLY C 543 -40.23 -23.80 15.41
C GLY C 543 -39.52 -23.79 16.76
N GLU C 544 -40.26 -23.36 17.79
CA GLU C 544 -39.81 -23.28 19.18
C GLU C 544 -39.70 -21.84 19.69
N GLY C 545 -40.04 -21.63 20.96
CA GLY C 545 -39.97 -20.31 21.56
C GLY C 545 -39.43 -20.36 22.99
N GLN C 546 -39.97 -21.30 23.78
CA GLN C 546 -39.58 -21.51 25.18
C GLN C 546 -40.62 -22.34 25.92
N ALA C 547 -41.30 -23.24 25.19
CA ALA C 547 -42.35 -24.13 25.72
C ALA C 547 -42.57 -23.94 27.22
N ASP C 548 -43.17 -22.80 27.54
CA ASP C 548 -43.44 -22.36 28.90
C ASP C 548 -44.19 -23.35 29.81
N THR C 549 -43.55 -23.61 30.96
CA THR C 549 -44.11 -24.48 31.99
C THR C 549 -45.60 -24.19 32.00
N TRP C 550 -46.42 -25.18 31.66
CA TRP C 550 -47.86 -24.97 31.60
C TRP C 550 -48.53 -24.35 32.84
N GLN C 551 -47.94 -23.25 33.31
CA GLN C 551 -48.43 -22.46 34.43
C GLN C 551 -49.55 -21.63 33.84
N ASP C 552 -50.77 -21.82 34.33
CA ASP C 552 -51.93 -21.12 33.80
C ASP C 552 -51.65 -19.66 33.52
N ALA C 553 -51.82 -19.27 32.26
CA ALA C 553 -51.57 -17.89 31.85
C ALA C 553 -52.55 -17.37 30.80
N VAL C 554 -52.65 -16.06 30.73
CA VAL C 554 -53.50 -15.42 29.76
C VAL C 554 -52.81 -15.46 28.42
N GLN C 555 -53.59 -15.66 27.38
CA GLN C 555 -53.12 -15.78 26.01
C GLN C 555 -53.05 -14.49 25.22
N LEU C 556 -51.85 -14.02 24.86
CA LEU C 556 -51.73 -12.79 24.08
C LEU C 556 -51.21 -13.01 22.68
N MET C 557 -51.90 -12.49 21.67
CA MET C 557 -51.45 -12.68 20.31
C MET C 557 -52.18 -11.71 19.42
N THR C 558 -51.81 -11.66 18.16
CA THR C 558 -52.46 -10.77 17.23
C THR C 558 -53.57 -11.54 16.58
N LEU C 559 -54.52 -10.83 15.99
CA LEU C 559 -55.64 -11.48 15.32
C LEU C 559 -55.05 -12.42 14.27
N HIS C 560 -54.08 -11.93 13.51
CA HIS C 560 -53.47 -12.78 12.51
C HIS C 560 -53.00 -14.10 13.12
N SER C 561 -52.04 -14.05 14.04
CA SER C 561 -51.58 -15.30 14.62
C SER C 561 -52.58 -15.91 15.59
N ALA C 562 -53.83 -15.48 15.50
CA ALA C 562 -54.86 -16.04 16.38
C ALA C 562 -55.75 -16.99 15.58
N LYS C 563 -55.73 -16.81 14.26
CA LYS C 563 -56.54 -17.64 13.38
C LYS C 563 -56.42 -19.15 13.61
N GLY C 564 -57.55 -19.82 13.75
CA GLY C 564 -57.52 -21.25 13.97
C GLY C 564 -57.50 -21.57 15.43
N LEU C 565 -57.57 -20.55 16.28
CA LEU C 565 -57.56 -20.86 17.69
C LEU C 565 -58.95 -20.62 18.27
N GLU C 566 -59.17 -20.99 19.53
CA GLU C 566 -60.46 -20.77 20.14
C GLU C 566 -60.35 -20.69 21.63
N PHE C 567 -61.13 -19.79 22.23
CA PHE C 567 -61.09 -19.62 23.67
C PHE C 567 -62.45 -19.29 24.19
N PRO C 568 -62.74 -19.77 25.41
CA PRO C 568 -64.03 -19.53 26.07
C PRO C 568 -64.25 -18.04 26.12
N GLN C 569 -63.17 -17.36 26.48
CA GLN C 569 -63.17 -15.92 26.68
C GLN C 569 -62.17 -15.18 25.76
N VAL C 570 -62.60 -14.20 24.99
CA VAL C 570 -61.63 -13.42 24.20
C VAL C 570 -61.94 -11.93 24.31
N PHE C 571 -60.88 -11.13 24.18
CA PHE C 571 -60.98 -9.68 24.26
C PHE C 571 -60.19 -9.12 23.12
N ILE C 572 -60.85 -8.49 22.16
CA ILE C 572 -60.16 -7.88 21.05
C ILE C 572 -59.99 -6.45 21.49
N VAL C 573 -58.82 -5.87 21.24
CA VAL C 573 -58.55 -4.51 21.70
C VAL C 573 -58.33 -3.37 20.69
N GLY C 574 -58.50 -2.15 21.15
CA GLY C 574 -58.29 -1.01 20.29
C GLY C 574 -59.08 -1.07 19.00
N MET C 575 -60.39 -1.29 19.10
CA MET C 575 -61.27 -1.30 17.94
C MET C 575 -61.50 0.18 17.65
N GLU C 576 -60.43 0.88 17.29
CA GLU C 576 -60.55 2.29 17.01
C GLU C 576 -60.27 2.48 15.56
N GLU C 577 -61.09 3.30 14.91
CA GLU C 577 -60.92 3.61 13.50
C GLU C 577 -59.47 4.07 13.43
N GLY C 578 -58.71 3.65 12.44
CA GLY C 578 -57.32 4.08 12.43
C GLY C 578 -56.46 2.94 12.96
N MET C 579 -56.75 2.44 14.16
CA MET C 579 -56.00 1.30 14.71
C MET C 579 -56.47 0.04 13.99
N PHE C 580 -57.79 -0.12 13.92
CA PHE C 580 -58.37 -1.30 13.29
C PHE C 580 -59.80 -0.99 12.86
N PRO C 581 -60.03 -0.80 11.56
CA PRO C 581 -59.05 -0.84 10.48
C PRO C 581 -57.79 0.01 10.68
N SER C 582 -56.65 -0.62 10.41
CA SER C 582 -55.36 0.02 10.51
C SER C 582 -55.32 1.18 9.54
N GLN C 583 -54.59 2.22 9.91
CA GLN C 583 -54.47 3.42 9.09
C GLN C 583 -53.90 3.06 7.73
N MET C 584 -52.94 2.14 7.71
CA MET C 584 -52.31 1.71 6.46
C MET C 584 -53.43 1.20 5.53
N SER C 585 -54.40 0.49 6.13
CA SER C 585 -55.49 -0.09 5.36
C SER C 585 -56.67 0.83 5.11
N LEU C 586 -56.43 2.13 5.09
CA LEU C 586 -57.51 3.08 4.83
C LEU C 586 -57.18 3.83 3.55
N ASP C 587 -55.88 3.92 3.28
CA ASP C 587 -55.36 4.59 2.10
C ASP C 587 -54.61 3.62 1.18
N GLU C 588 -53.62 2.93 1.76
CA GLU C 588 -52.74 1.97 1.06
C GLU C 588 -53.27 1.12 -0.11
N GLY C 589 -54.58 0.92 -0.21
CA GLY C 589 -55.10 0.15 -1.33
C GLY C 589 -56.41 -0.59 -1.16
N GLY C 590 -57.47 0.11 -0.73
CA GLY C 590 -58.77 -0.52 -0.56
C GLY C 590 -58.75 -1.93 0.01
N ARG C 591 -57.75 -2.20 0.86
CA ARG C 591 -57.61 -3.50 1.49
C ARG C 591 -58.50 -3.54 2.73
N LEU C 592 -59.61 -2.82 2.66
CA LEU C 592 -60.57 -2.71 3.75
C LEU C 592 -61.26 -4.03 4.02
N GLU C 593 -61.81 -4.60 2.96
CA GLU C 593 -62.53 -5.86 3.09
C GLU C 593 -61.69 -6.90 3.82
N GLU C 594 -60.38 -6.86 3.61
CA GLU C 594 -59.50 -7.80 4.27
C GLU C 594 -59.54 -7.50 5.75
N GLU C 595 -59.44 -6.22 6.10
CA GLU C 595 -59.48 -5.82 7.49
C GLU C 595 -60.79 -6.23 8.12
N ARG C 596 -61.85 -6.29 7.32
CA ARG C 596 -63.12 -6.71 7.87
C ARG C 596 -63.01 -8.22 8.11
N ARG C 597 -62.58 -8.93 7.09
CA ARG C 597 -62.39 -10.35 7.21
C ARG C 597 -61.60 -10.62 8.47
N LEU C 598 -60.59 -9.80 8.72
CA LEU C 598 -59.76 -9.97 9.91
C LEU C 598 -60.65 -9.94 11.13
N ALA C 599 -61.50 -8.92 11.18
CA ALA C 599 -62.46 -8.73 12.27
C ALA C 599 -63.29 -10.01 12.44
N TYR C 600 -63.82 -10.49 11.30
CA TYR C 600 -64.63 -11.70 11.24
C TYR C 600 -63.88 -12.88 11.84
N VAL C 601 -62.60 -12.92 11.54
CA VAL C 601 -61.75 -13.97 12.04
C VAL C 601 -61.65 -13.83 13.53
N GLY C 602 -61.68 -12.61 14.03
CA GLY C 602 -61.56 -12.41 15.46
C GLY C 602 -62.80 -12.80 16.24
N VAL C 603 -63.94 -12.25 15.82
CA VAL C 603 -65.17 -12.56 16.50
C VAL C 603 -65.38 -14.07 16.60
N THR C 604 -65.16 -14.76 15.49
CA THR C 604 -65.34 -16.20 15.46
C THR C 604 -64.29 -16.97 16.24
N ARG C 605 -63.48 -16.29 17.05
CA ARG C 605 -62.48 -17.01 17.82
C ARG C 605 -63.00 -17.21 19.25
N ALA C 606 -64.05 -16.47 19.60
CA ALA C 606 -64.66 -16.58 20.92
C ALA C 606 -65.60 -17.78 20.98
N MET C 607 -65.74 -18.35 22.18
CA MET C 607 -66.62 -19.50 22.39
C MET C 607 -67.82 -19.03 23.21
N GLN C 608 -67.57 -18.63 24.45
CA GLN C 608 -68.65 -18.16 25.33
C GLN C 608 -68.96 -16.68 25.19
N LYS C 609 -68.03 -15.89 25.72
CA LYS C 609 -68.14 -14.44 25.74
C LYS C 609 -67.11 -13.73 24.91
N LEU C 610 -67.54 -12.76 24.12
CA LEU C 610 -66.60 -11.99 23.33
C LEU C 610 -66.68 -10.56 23.86
N THR C 611 -65.54 -9.97 24.17
CA THR C 611 -65.61 -8.59 24.65
C THR C 611 -64.81 -7.71 23.70
N LEU C 612 -65.40 -6.57 23.33
CA LEU C 612 -64.76 -5.61 22.43
C LEU C 612 -64.56 -4.29 23.13
N THR C 613 -63.34 -3.76 23.09
CA THR C 613 -63.04 -2.49 23.75
C THR C 613 -62.34 -1.50 22.82
N TYR C 614 -62.22 -0.25 23.25
CA TYR C 614 -61.59 0.79 22.44
C TYR C 614 -61.46 2.09 23.24
N ALA C 615 -60.27 2.67 23.23
CA ALA C 615 -59.99 3.88 23.98
C ALA C 615 -60.32 5.09 23.18
N GLU C 616 -60.63 6.18 23.90
CA GLU C 616 -60.95 7.47 23.32
C GLU C 616 -59.67 8.21 22.95
N THR C 617 -58.64 7.99 23.76
CA THR C 617 -57.34 8.62 23.54
C THR C 617 -56.28 7.61 23.88
N ARG C 618 -55.17 7.66 23.15
CA ARG C 618 -54.06 6.76 23.39
C ARG C 618 -52.80 7.42 22.92
N ARG C 619 -51.67 6.99 23.46
CA ARG C 619 -50.41 7.52 22.98
C ARG C 619 -49.97 6.64 21.83
N LEU C 620 -49.63 7.26 20.71
CA LEU C 620 -49.18 6.54 19.55
C LEU C 620 -47.85 7.14 19.24
N TYR C 621 -46.83 6.37 19.58
CA TYR C 621 -45.46 6.76 19.44
C TYR C 621 -45.20 8.26 19.48
N GLY C 622 -44.95 8.68 20.72
CA GLY C 622 -44.65 10.05 21.02
C GLY C 622 -45.88 10.81 21.46
N LYS C 623 -46.72 11.11 20.47
CA LYS C 623 -47.94 11.89 20.67
C LYS C 623 -49.11 11.15 21.28
N GLU C 624 -50.12 11.95 21.63
CA GLU C 624 -51.36 11.47 22.16
C GLU C 624 -52.28 11.64 20.97
N VAL C 625 -53.15 10.68 20.72
CA VAL C 625 -54.05 10.81 19.58
C VAL C 625 -55.45 10.51 20.02
N TYR C 626 -56.41 10.88 19.20
CA TYR C 626 -57.81 10.68 19.52
C TYR C 626 -58.55 10.08 18.32
N HIS C 627 -58.92 8.81 18.41
CA HIS C 627 -59.63 8.13 17.31
C HIS C 627 -61.09 7.95 17.63
N ARG C 628 -61.84 7.53 16.61
CA ARG C 628 -63.26 7.24 16.78
C ARG C 628 -63.41 5.71 16.69
N PRO C 629 -64.43 5.12 17.35
CA PRO C 629 -64.58 3.67 17.29
C PRO C 629 -64.50 3.12 15.88
N SER C 630 -64.09 1.86 15.75
CA SER C 630 -64.04 1.26 14.44
C SER C 630 -65.46 1.13 13.92
N ARG C 631 -65.58 1.34 12.62
CA ARG C 631 -66.87 1.22 11.99
C ARG C 631 -67.39 -0.18 12.25
N PHE C 632 -66.46 -1.12 12.40
CA PHE C 632 -66.81 -2.51 12.64
C PHE C 632 -67.75 -2.70 13.80
N ILE C 633 -67.52 -1.97 14.90
CA ILE C 633 -68.40 -2.08 16.06
C ILE C 633 -69.83 -1.83 15.61
N GLY C 634 -70.00 -0.79 14.80
CA GLY C 634 -71.31 -0.46 14.32
C GLY C 634 -71.97 -1.62 13.61
N GLU C 635 -71.34 -2.06 12.53
CA GLU C 635 -71.85 -3.16 11.73
C GLU C 635 -72.37 -4.41 12.48
N LEU C 636 -72.13 -4.50 13.80
CA LEU C 636 -72.62 -5.62 14.59
C LEU C 636 -74.07 -5.34 14.93
N PRO C 637 -74.97 -6.30 14.67
CA PRO C 637 -76.40 -6.15 14.97
C PRO C 637 -76.60 -5.72 16.40
N GLU C 638 -77.44 -4.73 16.61
CA GLU C 638 -77.69 -4.22 17.95
C GLU C 638 -78.13 -5.30 18.94
N GLU C 639 -79.01 -6.20 18.52
CA GLU C 639 -79.49 -7.27 19.39
C GLU C 639 -78.39 -8.09 20.03
N CYS C 640 -77.19 -8.05 19.47
CA CYS C 640 -76.13 -8.87 20.03
C CYS C 640 -75.09 -8.14 20.85
N VAL C 641 -75.17 -6.82 20.86
CA VAL C 641 -74.21 -6.04 21.62
C VAL C 641 -74.82 -5.35 22.82
N GLU C 642 -74.12 -5.43 23.94
CA GLU C 642 -74.56 -4.78 25.18
C GLU C 642 -73.43 -3.91 25.72
N GLU C 643 -73.66 -2.60 25.75
CA GLU C 643 -72.69 -1.64 26.26
C GLU C 643 -72.19 -2.15 27.60
N VAL C 644 -71.36 -1.37 28.28
CA VAL C 644 -70.84 -1.78 29.57
C VAL C 644 -70.34 -0.55 30.29
N ARG C 645 -71.28 0.32 30.69
CA ARG C 645 -70.89 1.52 31.39
C ARG C 645 -70.41 1.19 32.79
N LEU C 646 -69.08 1.19 32.97
CA LEU C 646 -68.50 0.88 34.26
C LEU C 646 -68.82 2.03 35.22
N ASP D 2 66.31 50.66 -23.00
CA ASP D 2 65.98 50.47 -21.57
C ASP D 2 67.17 49.93 -20.76
N VAL D 3 67.10 50.10 -19.44
CA VAL D 3 68.15 49.61 -18.52
C VAL D 3 67.63 48.29 -17.95
N SER D 4 68.45 47.60 -17.15
CA SER D 4 67.97 46.35 -16.60
C SER D 4 68.38 46.02 -15.19
N TYR D 5 67.44 46.25 -14.29
CA TYR D 5 67.57 45.98 -12.89
C TYR D 5 66.84 44.65 -12.76
N LEU D 6 66.18 44.29 -13.87
CA LEU D 6 65.40 43.06 -13.99
C LEU D 6 66.29 41.82 -14.06
N LEU D 7 67.32 41.87 -14.90
CA LEU D 7 68.22 40.75 -15.08
C LEU D 7 69.37 40.59 -14.10
N ASP D 8 70.02 41.70 -13.74
CA ASP D 8 71.17 41.67 -12.83
C ASP D 8 71.07 40.68 -11.65
N SER D 9 69.87 40.18 -11.40
CA SER D 9 69.64 39.23 -10.31
C SER D 9 69.70 37.77 -10.77
N LEU D 10 69.84 37.58 -12.08
CA LEU D 10 69.89 36.24 -12.66
C LEU D 10 71.31 35.88 -13.11
N ASN D 11 71.42 34.72 -13.76
CA ASN D 11 72.69 34.22 -14.31
C ASN D 11 72.47 33.86 -15.77
N ASP D 12 73.29 34.43 -16.66
CA ASP D 12 73.24 34.20 -18.12
C ASP D 12 72.16 33.25 -18.61
N LYS D 13 72.25 31.99 -18.22
CA LYS D 13 71.26 30.98 -18.60
C LYS D 13 69.87 31.57 -18.35
N GLN D 14 69.53 31.74 -17.08
CA GLN D 14 68.23 32.29 -16.70
C GLN D 14 68.08 33.59 -17.46
N ARG D 15 69.04 34.48 -17.24
CA ARG D 15 69.06 35.79 -17.88
C ARG D 15 68.75 35.70 -19.37
N GLU D 16 69.30 34.67 -20.01
CA GLU D 16 69.11 34.44 -21.43
C GLU D 16 67.63 34.19 -21.73
N ALA D 17 66.98 33.43 -20.86
CA ALA D 17 65.57 33.10 -21.00
C ALA D 17 64.69 34.35 -20.80
N VAL D 18 64.94 35.07 -19.72
CA VAL D 18 64.19 36.28 -19.40
C VAL D 18 64.22 37.28 -20.55
N ALA D 19 65.42 37.48 -21.10
CA ALA D 19 65.63 38.43 -22.21
C ALA D 19 65.35 37.83 -23.57
N ALA D 20 65.07 36.53 -23.59
CA ALA D 20 64.75 35.81 -24.83
C ALA D 20 63.88 36.65 -25.78
N PRO D 21 64.07 36.46 -27.09
CA PRO D 21 63.27 37.21 -28.07
C PRO D 21 61.80 36.79 -27.93
N ARG D 22 60.87 37.60 -28.43
CA ARG D 22 59.47 37.17 -28.33
C ARG D 22 59.34 36.02 -29.32
N SER D 23 58.82 34.88 -28.86
CA SER D 23 58.65 33.69 -29.69
C SER D 23 58.46 32.43 -28.86
N ASN D 24 58.08 31.34 -29.53
CA ASN D 24 57.85 30.06 -28.86
C ASN D 24 59.17 29.54 -28.31
N LEU D 25 59.11 28.72 -27.25
CA LEU D 25 60.33 28.16 -26.67
C LEU D 25 60.09 27.28 -25.46
N LEU D 26 61.17 26.76 -24.89
CA LEU D 26 61.08 25.90 -23.73
C LEU D 26 62.13 26.36 -22.73
N VAL D 27 61.88 26.12 -21.45
CA VAL D 27 62.83 26.51 -20.41
C VAL D 27 63.12 25.36 -19.46
N LEU D 28 63.57 24.25 -20.03
CA LEU D 28 63.92 23.03 -19.30
C LEU D 28 64.54 23.35 -17.93
N ALA D 29 63.66 23.60 -16.95
CA ALA D 29 64.08 23.92 -15.58
C ALA D 29 64.80 22.78 -14.91
N GLY D 30 65.65 23.11 -13.95
CA GLY D 30 66.41 22.08 -13.27
C GLY D 30 65.83 21.51 -12.00
N ALA D 31 66.15 22.13 -10.89
CA ALA D 31 65.71 21.69 -9.57
C ALA D 31 66.61 22.42 -8.61
N GLY D 32 66.41 23.73 -8.56
CA GLY D 32 67.21 24.59 -7.72
C GLY D 32 67.58 25.71 -8.67
N SER D 33 66.84 25.76 -9.77
CA SER D 33 67.03 26.75 -10.81
C SER D 33 66.01 27.90 -10.68
N GLY D 34 65.27 27.90 -9.56
CA GLY D 34 64.26 28.92 -9.30
C GLY D 34 63.42 29.30 -10.52
N LYS D 35 62.76 28.31 -11.11
CA LYS D 35 61.94 28.51 -12.33
C LYS D 35 60.79 29.49 -12.18
N THR D 36 60.29 29.67 -10.96
CA THR D 36 59.20 30.61 -10.76
C THR D 36 59.76 31.99 -11.07
N ARG D 37 60.99 32.22 -10.60
CA ARG D 37 61.69 33.48 -10.80
C ARG D 37 61.71 33.87 -12.28
N VAL D 38 62.33 33.01 -13.10
CA VAL D 38 62.41 33.25 -14.54
C VAL D 38 61.04 33.61 -15.13
N LEU D 39 59.99 33.02 -14.56
CA LEU D 39 58.63 33.29 -15.02
C LEU D 39 58.20 34.65 -14.54
N VAL D 40 58.49 34.94 -13.28
CA VAL D 40 58.15 36.22 -12.68
C VAL D 40 58.79 37.34 -13.49
N HIS D 41 60.00 37.11 -13.98
CA HIS D 41 60.71 38.12 -14.76
C HIS D 41 60.34 38.18 -16.24
N ARG D 42 59.97 37.05 -16.82
CA ARG D 42 59.61 37.03 -18.23
C ARG D 42 58.40 37.93 -18.49
N ILE D 43 57.58 38.13 -17.46
CA ILE D 43 56.39 38.96 -17.60
C ILE D 43 56.78 40.40 -17.29
N ALA D 44 57.77 40.55 -16.41
CA ALA D 44 58.26 41.86 -16.05
C ALA D 44 58.84 42.43 -17.34
N TRP D 45 59.39 41.54 -18.15
CA TRP D 45 60.01 41.88 -19.42
C TRP D 45 59.00 42.20 -20.51
N LEU D 46 58.09 41.27 -20.79
CA LEU D 46 57.10 41.49 -21.84
C LEU D 46 56.35 42.81 -21.68
N MET D 47 56.22 43.28 -20.46
CA MET D 47 55.52 44.54 -20.21
C MET D 47 56.47 45.73 -20.23
N SER D 48 57.68 45.53 -19.70
CA SER D 48 58.72 46.56 -19.68
C SER D 48 59.39 46.69 -21.04
N VAL D 49 60.38 45.84 -21.28
CA VAL D 49 61.15 45.82 -22.52
C VAL D 49 60.29 45.66 -23.79
N GLU D 50 60.03 44.43 -24.21
CA GLU D 50 59.24 44.18 -25.42
C GLU D 50 57.86 44.87 -25.44
N ASN D 51 57.62 45.72 -24.45
CA ASN D 51 56.38 46.49 -24.30
C ASN D 51 55.08 45.90 -24.86
N CYS D 52 54.46 45.03 -24.07
CA CYS D 52 53.19 44.38 -24.40
C CYS D 52 52.21 44.74 -23.29
N SER D 53 50.92 44.74 -23.61
CA SER D 53 49.88 45.08 -22.64
C SER D 53 49.58 43.93 -21.68
N PRO D 54 49.42 44.24 -20.37
CA PRO D 54 49.14 43.17 -19.41
C PRO D 54 47.92 42.34 -19.82
N TYR D 55 47.11 42.89 -20.74
CA TYR D 55 45.91 42.22 -21.22
C TYR D 55 46.22 41.15 -22.29
N SER D 56 47.49 41.00 -22.63
CA SER D 56 47.88 39.99 -23.62
C SER D 56 48.65 38.86 -22.93
N ILE D 57 49.15 39.14 -21.74
CA ILE D 57 49.88 38.13 -20.97
C ILE D 57 48.90 37.20 -20.26
N MET D 58 49.30 35.94 -20.11
CA MET D 58 48.48 34.94 -19.45
C MET D 58 49.28 33.76 -18.91
N ALA D 59 49.52 33.76 -17.61
CA ALA D 59 50.23 32.68 -16.96
C ALA D 59 49.17 31.61 -16.68
N VAL D 60 49.62 30.37 -16.50
CA VAL D 60 48.72 29.25 -16.24
C VAL D 60 49.43 28.20 -15.39
N THR D 61 48.92 27.91 -14.21
CA THR D 61 49.57 26.92 -13.38
C THR D 61 48.62 25.77 -13.13
N PHE D 62 49.09 24.80 -12.34
CA PHE D 62 48.30 23.65 -12.01
C PHE D 62 47.66 23.78 -10.66
N THR D 63 48.43 24.31 -9.71
CA THR D 63 47.93 24.50 -8.37
C THR D 63 47.45 25.94 -8.23
N ASN D 64 46.56 26.19 -7.27
CA ASN D 64 46.06 27.53 -7.03
C ASN D 64 47.15 28.27 -6.28
N LYS D 65 47.82 27.54 -5.39
CA LYS D 65 48.89 28.07 -4.55
C LYS D 65 50.03 28.65 -5.36
N ALA D 66 50.52 27.91 -6.35
CA ALA D 66 51.60 28.40 -7.17
C ALA D 66 51.13 29.57 -8.02
N ALA D 67 50.01 29.40 -8.71
CA ALA D 67 49.45 30.45 -9.56
C ALA D 67 49.04 31.67 -8.75
N ALA D 68 49.01 31.54 -7.44
CA ALA D 68 48.63 32.64 -6.56
C ALA D 68 49.92 33.31 -6.11
N GLU D 69 50.91 32.51 -5.72
CA GLU D 69 52.19 33.08 -5.31
C GLU D 69 52.79 33.73 -6.55
N MET D 70 52.28 33.33 -7.70
CA MET D 70 52.73 33.88 -8.97
C MET D 70 52.27 35.33 -8.93
N ARG D 71 50.95 35.51 -8.98
CA ARG D 71 50.31 36.81 -8.95
C ARG D 71 50.98 37.77 -7.96
N HIS D 72 51.54 37.21 -6.90
CA HIS D 72 52.22 37.98 -5.85
C HIS D 72 53.48 38.67 -6.35
N ARG D 73 54.50 37.87 -6.63
CA ARG D 73 55.79 38.36 -7.09
C ARG D 73 55.68 39.31 -8.28
N ILE D 74 54.76 39.02 -9.19
CA ILE D 74 54.53 39.88 -10.36
C ILE D 74 54.24 41.27 -9.78
N GLY D 75 53.41 41.30 -8.74
CA GLY D 75 53.02 42.53 -8.08
C GLY D 75 54.09 43.17 -7.22
N GLN D 76 55.11 42.39 -6.85
CA GLN D 76 56.22 42.92 -6.04
C GLN D 76 57.31 43.46 -6.97
N LEU D 77 57.32 42.95 -8.20
CA LEU D 77 58.28 43.40 -9.20
C LEU D 77 57.62 44.60 -9.86
N MET D 78 56.57 44.34 -10.64
CA MET D 78 55.80 45.41 -11.30
C MET D 78 54.95 46.10 -10.23
N GLY D 79 55.62 46.94 -9.45
CA GLY D 79 54.99 47.67 -8.36
C GLY D 79 53.61 48.25 -8.61
N THR D 80 52.59 47.43 -8.38
CA THR D 80 51.17 47.78 -8.53
C THR D 80 50.38 46.50 -8.76
N SER D 81 49.22 46.68 -9.38
CA SER D 81 48.35 45.58 -9.71
C SER D 81 48.27 45.61 -11.24
N GLN D 82 48.30 44.43 -11.85
CA GLN D 82 48.26 44.34 -13.30
C GLN D 82 46.93 43.85 -13.86
N GLY D 83 45.98 44.76 -13.97
CA GLY D 83 44.67 44.40 -14.49
C GLY D 83 44.81 43.80 -15.88
N GLY D 84 43.72 43.21 -16.38
CA GLY D 84 43.73 42.61 -17.69
C GLY D 84 44.48 41.28 -17.82
N MET D 85 45.44 41.07 -16.92
CA MET D 85 46.25 39.86 -16.93
C MET D 85 45.46 38.64 -16.45
N TRP D 86 45.88 37.44 -16.84
CA TRP D 86 45.21 36.20 -16.43
C TRP D 86 46.21 35.22 -15.86
N VAL D 87 46.31 35.20 -14.54
CA VAL D 87 47.22 34.29 -13.86
C VAL D 87 46.40 33.29 -13.03
N GLY D 88 46.05 32.17 -13.66
CA GLY D 88 45.25 31.16 -12.98
C GLY D 88 45.59 29.73 -13.35
N THR D 89 44.70 28.82 -12.98
CA THR D 89 44.88 27.39 -13.25
C THR D 89 44.14 27.08 -14.55
N PHE D 90 44.48 25.96 -15.19
CA PHE D 90 43.80 25.60 -16.42
C PHE D 90 42.30 25.57 -16.13
N HIS D 91 42.00 25.07 -14.93
CA HIS D 91 40.63 24.94 -14.46
C HIS D 91 39.95 26.28 -14.19
N GLY D 92 40.48 27.05 -13.24
CA GLY D 92 39.89 28.33 -12.92
C GLY D 92 39.73 29.23 -14.15
N LEU D 93 40.69 29.16 -15.07
CA LEU D 93 40.67 29.95 -16.29
C LEU D 93 39.61 29.46 -17.26
N ALA D 94 39.49 28.13 -17.38
CA ALA D 94 38.47 27.55 -18.25
C ALA D 94 37.14 27.97 -17.66
N HIS D 95 37.07 27.94 -16.33
CA HIS D 95 35.87 28.34 -15.61
C HIS D 95 35.55 29.75 -16.08
N ARG D 96 36.50 30.65 -15.81
CA ARG D 96 36.39 32.07 -16.16
C ARG D 96 35.67 32.22 -17.50
N LEU D 97 36.12 31.46 -18.50
CA LEU D 97 35.53 31.52 -19.83
C LEU D 97 34.10 31.02 -19.80
N LEU D 98 33.94 29.77 -19.36
CA LEU D 98 32.65 29.11 -19.30
C LEU D 98 31.55 29.93 -18.61
N ARG D 99 31.88 30.60 -17.52
CA ARG D 99 30.89 31.42 -16.82
C ARG D 99 30.51 32.59 -17.70
N ALA D 100 31.51 33.15 -18.39
CA ALA D 100 31.31 34.29 -19.28
C ALA D 100 30.49 33.90 -20.51
N HIS D 101 31.03 32.98 -21.31
CA HIS D 101 30.34 32.52 -22.51
C HIS D 101 29.50 31.27 -22.25
N HIS D 102 28.98 31.14 -21.02
CA HIS D 102 28.17 29.98 -20.67
C HIS D 102 27.18 29.65 -21.79
N MET D 103 26.44 30.66 -22.24
CA MET D 103 25.47 30.48 -23.31
C MET D 103 26.05 29.68 -24.46
N ASP D 104 27.03 30.29 -25.14
CA ASP D 104 27.70 29.66 -26.28
C ASP D 104 27.96 28.18 -26.03
N ALA D 105 28.66 27.88 -24.94
CA ALA D 105 29.03 26.52 -24.57
C ALA D 105 27.89 25.64 -24.06
N ASN D 106 26.69 26.18 -24.02
CA ASN D 106 25.54 25.41 -23.56
C ASN D 106 25.60 25.05 -22.08
N LEU D 107 25.58 26.08 -21.22
CA LEU D 107 25.64 25.87 -19.78
C LEU D 107 24.90 26.96 -19.04
N PRO D 108 24.00 26.58 -18.12
CA PRO D 108 23.27 27.62 -17.37
C PRO D 108 24.32 28.43 -16.63
N GLN D 109 24.12 29.75 -16.54
CA GLN D 109 25.09 30.62 -15.87
C GLN D 109 25.42 30.22 -14.43
N ASP D 110 24.58 29.38 -13.81
CA ASP D 110 24.85 28.96 -12.42
C ASP D 110 25.23 27.49 -12.25
N PHE D 111 25.71 26.88 -13.33
CA PHE D 111 26.13 25.48 -13.29
C PHE D 111 27.00 25.27 -12.06
N GLN D 112 27.09 24.02 -11.59
CA GLN D 112 27.90 23.74 -10.42
C GLN D 112 29.02 22.75 -10.71
N ILE D 113 30.16 22.97 -10.07
CA ILE D 113 31.34 22.14 -10.22
C ILE D 113 31.23 20.90 -9.35
N LEU D 114 31.12 19.74 -9.99
CA LEU D 114 31.02 18.46 -9.31
C LEU D 114 32.42 18.08 -8.83
N ASP D 115 32.69 18.13 -7.53
CA ASP D 115 34.03 17.79 -7.09
C ASP D 115 34.24 16.27 -7.10
N SER D 116 35.37 15.80 -6.58
CA SER D 116 35.69 14.38 -6.57
C SER D 116 34.58 13.51 -5.97
N GLU D 117 34.44 13.61 -4.65
CA GLU D 117 33.45 12.85 -3.89
C GLU D 117 32.08 12.88 -4.55
N ASP D 118 31.57 14.08 -4.82
CA ASP D 118 30.26 14.21 -5.44
C ASP D 118 30.18 13.38 -6.71
N GLN D 119 31.15 13.57 -7.60
CA GLN D 119 31.17 12.84 -8.86
C GLN D 119 31.13 11.34 -8.64
N LEU D 120 31.94 10.87 -7.70
CA LEU D 120 31.98 9.45 -7.40
C LEU D 120 30.62 8.93 -6.95
N ARG D 121 30.00 9.66 -6.02
CA ARG D 121 28.69 9.30 -5.51
C ARG D 121 27.68 9.30 -6.63
N LEU D 122 27.52 10.43 -7.30
CA LEU D 122 26.57 10.48 -8.40
C LEU D 122 26.79 9.29 -9.33
N LEU D 123 27.99 8.71 -9.29
CA LEU D 123 28.27 7.55 -10.13
C LEU D 123 27.78 6.28 -9.49
N LYS D 124 28.15 6.08 -8.22
CA LYS D 124 27.71 4.90 -7.49
C LYS D 124 26.20 4.81 -7.64
N ARG D 125 25.53 5.95 -7.52
CA ARG D 125 24.08 6.04 -7.64
C ARG D 125 23.58 5.57 -9.01
N LEU D 126 24.17 6.09 -10.08
CA LEU D 126 23.76 5.72 -11.42
C LEU D 126 24.04 4.28 -11.80
N ILE D 127 25.23 3.78 -11.47
CA ILE D 127 25.56 2.40 -11.77
C ILE D 127 24.41 1.50 -11.30
N LYS D 128 23.94 1.76 -10.07
CA LYS D 128 22.86 0.99 -9.46
C LYS D 128 21.53 1.08 -10.20
N ALA D 129 21.21 2.25 -10.73
CA ALA D 129 19.98 2.42 -11.48
C ALA D 129 19.95 1.52 -12.71
N MET D 130 20.95 0.65 -12.83
CA MET D 130 21.04 -0.26 -13.97
C MET D 130 21.60 -1.63 -13.57
N ASN D 131 22.84 -1.88 -13.96
CA ASN D 131 23.55 -3.13 -13.68
C ASN D 131 23.75 -3.42 -12.21
N LEU D 132 24.76 -4.24 -11.91
CA LEU D 132 25.07 -4.62 -10.53
C LEU D 132 26.54 -4.37 -10.30
N ASP D 133 26.85 -3.32 -9.55
CA ASP D 133 28.23 -2.93 -9.29
C ASP D 133 29.15 -3.98 -8.65
N GLU D 134 28.64 -4.72 -7.67
CA GLU D 134 29.40 -5.74 -6.93
C GLU D 134 30.67 -6.25 -7.61
N LYS D 135 31.73 -5.47 -7.53
CA LYS D 135 33.01 -5.82 -8.15
C LYS D 135 32.87 -5.84 -9.67
N GLN D 136 31.74 -6.32 -10.18
CA GLN D 136 31.52 -6.38 -11.63
C GLN D 136 31.71 -5.01 -12.28
N TRP D 137 31.22 -3.97 -11.61
CA TRP D 137 31.33 -2.62 -12.13
C TRP D 137 31.47 -1.62 -11.00
N PRO D 138 32.57 -1.69 -10.23
CA PRO D 138 32.73 -0.73 -9.13
C PRO D 138 32.54 0.69 -9.65
N PRO D 139 32.22 1.63 -8.75
CA PRO D 139 32.01 3.02 -9.17
C PRO D 139 33.32 3.71 -9.56
N ARG D 140 34.38 3.42 -8.81
CA ARG D 140 35.69 4.02 -9.07
C ARG D 140 36.18 3.85 -10.49
N GLN D 141 36.24 2.61 -10.96
CA GLN D 141 36.71 2.36 -12.31
C GLN D 141 35.84 3.17 -13.29
N ALA D 142 34.57 3.32 -12.96
CA ALA D 142 33.66 4.07 -13.82
C ALA D 142 34.12 5.52 -13.82
N MET D 143 34.42 6.04 -12.63
CA MET D 143 34.90 7.41 -12.50
C MET D 143 36.13 7.50 -13.39
N TRP D 144 37.10 6.64 -13.13
CA TRP D 144 38.33 6.62 -13.90
C TRP D 144 38.06 6.64 -15.40
N TYR D 145 37.50 5.56 -15.93
CA TYR D 145 37.21 5.49 -17.37
C TYR D 145 36.73 6.79 -17.99
N ILE D 146 35.83 7.50 -17.31
CA ILE D 146 35.28 8.75 -17.82
C ILE D 146 36.28 9.90 -17.82
N ASN D 147 36.95 10.11 -16.69
CA ASN D 147 37.95 11.17 -16.61
C ASN D 147 38.99 10.88 -17.69
N SER D 148 39.45 9.63 -17.72
CA SER D 148 40.43 9.18 -18.70
C SER D 148 39.98 9.65 -20.06
N GLN D 149 38.68 9.63 -20.29
CA GLN D 149 38.08 10.04 -21.56
C GLN D 149 38.12 11.54 -21.74
N LYS D 150 37.71 12.28 -20.71
CA LYS D 150 37.71 13.74 -20.80
C LYS D 150 39.15 14.26 -20.88
N ASP D 151 40.07 13.51 -20.29
CA ASP D 151 41.49 13.87 -20.32
C ASP D 151 41.91 13.75 -21.78
N GLU D 152 41.07 13.09 -22.57
CA GLU D 152 41.32 12.85 -23.98
C GLU D 152 40.34 13.54 -24.90
N GLY D 153 39.44 14.35 -24.32
CA GLY D 153 38.46 15.05 -25.13
C GLY D 153 37.53 14.14 -25.90
N LEU D 154 37.09 13.07 -25.26
CA LEU D 154 36.17 12.14 -25.91
C LEU D 154 34.81 12.10 -25.22
N ARG D 155 33.80 12.62 -25.92
CA ARG D 155 32.42 12.66 -25.42
C ARG D 155 31.85 11.23 -25.59
N PRO D 156 30.59 10.97 -25.14
CA PRO D 156 30.13 9.59 -25.32
C PRO D 156 30.23 9.12 -26.77
N HIS D 157 29.41 9.74 -27.62
CA HIS D 157 29.40 9.39 -29.04
C HIS D 157 30.71 9.80 -29.70
N HIS D 158 31.79 9.10 -29.36
CA HIS D 158 33.11 9.37 -29.90
C HIS D 158 33.88 8.05 -30.03
N ILE D 159 34.23 7.47 -28.90
CA ILE D 159 34.97 6.21 -28.86
C ILE D 159 34.08 5.05 -29.27
N GLN D 160 34.12 4.69 -30.54
CA GLN D 160 33.34 3.58 -31.05
C GLN D 160 34.14 2.31 -30.75
N SER D 161 33.45 1.17 -30.67
CA SER D 161 34.08 -0.12 -30.40
C SER D 161 32.97 -1.15 -30.31
N TYR D 162 33.22 -2.19 -29.53
CA TYR D 162 32.28 -3.30 -29.31
C TYR D 162 33.04 -4.58 -29.57
N GLY D 163 32.31 -5.68 -29.74
CA GLY D 163 32.96 -6.95 -29.92
C GLY D 163 33.41 -7.25 -28.50
N ASN D 164 33.45 -6.17 -27.71
CA ASN D 164 33.84 -6.18 -26.31
C ASN D 164 32.88 -5.26 -25.54
N PRO D 165 31.83 -5.83 -24.94
CA PRO D 165 30.88 -5.00 -24.18
C PRO D 165 31.64 -4.56 -22.93
N VAL D 166 32.76 -5.24 -22.69
CA VAL D 166 33.64 -4.96 -21.56
C VAL D 166 33.81 -3.45 -21.50
N GLU D 167 33.87 -2.86 -22.68
CA GLU D 167 34.02 -1.42 -22.83
C GLU D 167 32.64 -0.77 -23.02
N GLN D 168 31.90 -1.24 -24.02
CA GLN D 168 30.57 -0.71 -24.31
C GLN D 168 29.76 -0.44 -23.04
N THR D 169 29.78 -1.38 -22.11
CA THR D 169 29.06 -1.21 -20.86
C THR D 169 29.40 0.19 -20.35
N TRP D 170 30.67 0.41 -20.05
CA TRP D 170 31.15 1.71 -19.56
C TRP D 170 30.68 2.83 -20.49
N GLN D 171 30.97 2.67 -21.77
CA GLN D 171 30.60 3.63 -22.80
C GLN D 171 29.17 4.13 -22.56
N LYS D 172 28.31 3.22 -22.10
CA LYS D 172 26.92 3.56 -21.82
C LYS D 172 26.80 4.41 -20.55
N VAL D 173 27.42 3.96 -19.47
CA VAL D 173 27.41 4.69 -18.21
C VAL D 173 27.85 6.13 -18.44
N TYR D 174 28.90 6.29 -19.23
CA TYR D 174 29.42 7.62 -19.55
C TYR D 174 28.26 8.42 -20.15
N GLN D 175 27.59 7.82 -21.13
CA GLN D 175 26.46 8.47 -21.78
C GLN D 175 25.58 9.08 -20.71
N ALA D 176 25.02 8.22 -19.85
CA ALA D 176 24.14 8.64 -18.75
C ALA D 176 24.71 9.80 -17.96
N TYR D 177 25.97 9.65 -17.53
CA TYR D 177 26.67 10.66 -16.76
C TYR D 177 26.50 12.06 -17.37
N GLN D 178 26.83 12.20 -18.65
CA GLN D 178 26.71 13.47 -19.35
C GLN D 178 25.25 13.91 -19.39
N GLU D 179 24.35 12.93 -19.46
CA GLU D 179 22.93 13.21 -19.50
C GLU D 179 22.53 13.72 -18.13
N ALA D 180 22.72 12.88 -17.13
CA ALA D 180 22.38 13.23 -15.76
C ALA D 180 23.01 14.56 -15.33
N CYS D 181 24.31 14.70 -15.53
CA CYS D 181 25.01 15.93 -15.15
C CYS D 181 24.47 17.15 -15.85
N ASP D 182 23.94 16.95 -17.05
CA ASP D 182 23.39 18.06 -17.79
C ASP D 182 22.12 18.53 -17.12
N ARG D 183 21.09 17.67 -17.18
CA ARG D 183 19.80 18.00 -16.59
C ARG D 183 20.00 18.68 -15.24
N ALA D 184 20.93 18.17 -14.46
CA ALA D 184 21.23 18.73 -13.15
C ALA D 184 21.92 20.08 -13.30
N GLY D 185 22.61 20.26 -14.42
CA GLY D 185 23.32 21.50 -14.69
C GLY D 185 24.58 21.54 -13.87
N LEU D 186 25.30 20.42 -13.86
CA LEU D 186 26.54 20.29 -13.11
C LEU D 186 27.64 19.84 -14.05
N VAL D 187 28.87 20.14 -13.68
CA VAL D 187 30.05 19.76 -14.46
C VAL D 187 31.19 19.40 -13.51
N ASP D 188 32.02 18.45 -13.93
CA ASP D 188 33.16 17.99 -13.14
C ASP D 188 34.46 18.70 -13.51
N PHE D 189 35.44 18.66 -12.62
CA PHE D 189 36.72 19.31 -12.88
C PHE D 189 37.16 19.04 -14.31
N ALA D 190 37.25 17.76 -14.65
CA ALA D 190 37.66 17.33 -15.97
C ALA D 190 36.77 17.90 -17.08
N GLU D 191 35.57 18.34 -16.74
CA GLU D 191 34.66 18.87 -17.74
C GLU D 191 35.01 20.28 -18.21
N LEU D 192 35.28 21.16 -17.25
CA LEU D 192 35.63 22.55 -17.55
C LEU D 192 36.53 22.66 -18.77
N LEU D 193 37.71 22.05 -18.66
CA LEU D 193 38.70 22.04 -19.74
C LEU D 193 38.05 21.63 -21.07
N LEU D 194 37.52 20.42 -21.13
CA LEU D 194 36.90 19.96 -22.37
C LEU D 194 35.81 20.88 -22.87
N ARG D 195 34.90 21.27 -21.99
CA ARG D 195 33.80 22.13 -22.39
C ARG D 195 34.34 23.43 -22.97
N ALA D 196 35.37 23.97 -22.30
CA ALA D 196 36.00 25.21 -22.74
C ALA D 196 36.58 25.04 -24.14
N HIS D 197 37.58 24.16 -24.25
CA HIS D 197 38.22 23.90 -25.53
C HIS D 197 37.17 23.66 -26.60
N GLU D 198 36.11 22.93 -26.26
CA GLU D 198 35.04 22.65 -27.20
C GLU D 198 34.39 23.93 -27.71
N LEU D 199 34.49 25.00 -26.93
CA LEU D 199 33.91 26.29 -27.33
C LEU D 199 34.71 26.83 -28.50
N TRP D 200 36.02 26.58 -28.46
CA TRP D 200 36.93 27.00 -29.51
C TRP D 200 36.99 25.87 -30.53
N LEU D 201 35.88 25.73 -31.25
CA LEU D 201 35.73 24.70 -32.27
C LEU D 201 34.26 24.76 -32.67
N ASN D 202 33.52 25.59 -31.95
CA ASN D 202 32.09 25.77 -32.21
C ASN D 202 31.75 27.25 -32.18
N LYS D 203 32.66 28.05 -31.66
CA LYS D 203 32.46 29.49 -31.60
C LYS D 203 33.73 30.19 -32.06
N PRO D 204 34.27 29.78 -33.22
CA PRO D 204 35.49 30.35 -33.79
C PRO D 204 35.69 31.84 -33.56
N HIS D 205 34.69 32.66 -33.90
CA HIS D 205 34.81 34.09 -33.73
C HIS D 205 35.29 34.46 -32.33
N ILE D 206 35.12 33.55 -31.38
CA ILE D 206 35.59 33.78 -30.01
C ILE D 206 37.06 33.37 -29.99
N LEU D 207 37.33 32.16 -30.47
CA LEU D 207 38.69 31.64 -30.50
C LEU D 207 39.60 32.74 -31.03
N GLN D 208 39.09 33.47 -32.02
CA GLN D 208 39.84 34.57 -32.60
C GLN D 208 40.01 35.60 -31.50
N HIS D 209 38.89 36.15 -31.05
CA HIS D 209 38.86 37.16 -30.00
C HIS D 209 39.97 37.03 -28.96
N TYR D 210 40.15 35.82 -28.42
CA TYR D 210 41.18 35.62 -27.39
C TYR D 210 42.61 35.51 -27.89
N ARG D 211 42.79 34.96 -29.09
CA ARG D 211 44.13 34.87 -29.69
C ARG D 211 44.42 36.33 -29.97
N GLU D 212 43.40 36.96 -30.53
CA GLU D 212 43.39 38.37 -30.91
C GLU D 212 43.72 39.25 -29.71
N ARG D 213 43.78 38.62 -28.53
CA ARG D 213 44.10 39.33 -27.30
C ARG D 213 45.38 38.74 -26.75
N PHE D 214 45.24 37.65 -26.00
CA PHE D 214 46.37 36.97 -25.39
C PHE D 214 47.36 36.45 -26.41
N THR D 215 48.26 37.33 -26.82
CA THR D 215 49.30 37.01 -27.81
C THR D 215 50.56 36.49 -27.12
N ASN D 216 50.54 36.49 -25.80
CA ASN D 216 51.67 35.99 -25.01
C ASN D 216 51.10 35.00 -23.99
N ILE D 217 51.68 33.81 -23.95
CA ILE D 217 51.23 32.75 -23.06
C ILE D 217 52.35 32.03 -22.33
N LEU D 218 52.11 31.71 -21.07
CA LEU D 218 53.08 30.96 -20.26
C LEU D 218 52.36 29.72 -19.79
N VAL D 219 53.12 28.69 -19.42
CA VAL D 219 52.55 27.44 -18.94
C VAL D 219 53.56 26.67 -18.07
N ASP D 220 53.48 26.86 -16.75
CA ASP D 220 54.39 26.21 -15.79
C ASP D 220 54.21 24.69 -15.81
N GLU D 221 55.10 23.98 -15.12
CA GLU D 221 55.07 22.52 -15.03
C GLU D 221 54.33 21.89 -16.21
N PHE D 222 54.92 22.01 -17.40
CA PHE D 222 54.32 21.50 -18.62
C PHE D 222 54.38 19.98 -18.76
N GLN D 223 55.28 19.35 -18.02
CA GLN D 223 55.44 17.90 -18.05
C GLN D 223 54.20 17.21 -17.46
N ASP D 224 53.33 17.99 -16.84
CA ASP D 224 52.15 17.43 -16.23
C ASP D 224 50.85 17.70 -16.97
N THR D 225 50.92 18.24 -18.17
CA THR D 225 49.68 18.51 -18.90
C THR D 225 49.19 17.22 -19.54
N ASN D 226 47.92 17.23 -19.96
CA ASN D 226 47.35 16.06 -20.62
C ASN D 226 47.02 16.45 -22.05
N ASN D 227 46.52 15.50 -22.82
CA ASN D 227 46.23 15.75 -24.22
C ASN D 227 45.17 16.80 -24.52
N ILE D 228 44.25 17.02 -23.59
CA ILE D 228 43.21 18.02 -23.84
C ILE D 228 43.65 19.41 -23.42
N GLN D 229 44.63 19.48 -22.51
CA GLN D 229 45.15 20.75 -22.04
C GLN D 229 46.04 21.30 -23.15
N TYR D 230 46.96 20.47 -23.63
CA TYR D 230 47.85 20.86 -24.71
C TYR D 230 46.94 21.38 -25.81
N ALA D 231 46.10 20.49 -26.33
CA ALA D 231 45.18 20.80 -27.41
C ALA D 231 44.38 22.08 -27.21
N TRP D 232 44.25 22.52 -25.96
CA TRP D 232 43.51 23.74 -25.68
C TRP D 232 44.44 24.92 -26.02
N ILE D 233 45.60 24.90 -25.38
CA ILE D 233 46.58 25.95 -25.57
C ILE D 233 47.02 26.13 -27.01
N ARG D 234 47.34 25.02 -27.68
CA ARG D 234 47.77 25.06 -29.07
C ARG D 234 46.94 26.05 -29.86
N LEU D 235 45.63 26.01 -29.60
CA LEU D 235 44.68 26.87 -30.30
C LEU D 235 44.77 28.33 -29.92
N LEU D 236 44.98 28.60 -28.63
CA LEU D 236 45.08 29.98 -28.17
C LEU D 236 46.16 30.72 -28.96
N ALA D 237 47.21 29.98 -29.30
CA ALA D 237 48.32 30.53 -30.07
C ALA D 237 48.43 29.76 -31.39
N GLY D 238 47.44 29.96 -32.27
CA GLY D 238 47.48 29.28 -33.55
C GLY D 238 48.76 29.65 -34.25
N ASP D 239 48.96 30.95 -34.43
CA ASP D 239 50.16 31.48 -35.06
C ASP D 239 50.46 32.84 -34.44
N THR D 240 49.47 33.72 -34.48
CA THR D 240 49.59 35.08 -33.95
C THR D 240 50.21 35.15 -32.56
N GLY D 241 49.79 34.24 -31.68
CA GLY D 241 50.31 34.26 -30.33
C GLY D 241 51.65 33.57 -30.16
N LYS D 242 52.41 34.04 -29.18
CA LYS D 242 53.70 33.47 -28.88
C LYS D 242 53.53 32.74 -27.56
N VAL D 243 54.48 31.90 -27.20
CA VAL D 243 54.33 31.14 -25.96
C VAL D 243 55.58 30.50 -25.35
N MET D 244 55.85 30.83 -24.09
CA MET D 244 56.98 30.24 -23.37
C MET D 244 56.39 29.08 -22.60
N ILE D 245 57.22 28.11 -22.25
CA ILE D 245 56.72 26.98 -21.50
C ILE D 245 57.86 26.39 -20.68
N VAL D 246 57.69 26.40 -19.36
CA VAL D 246 58.72 25.84 -18.50
C VAL D 246 58.43 24.35 -18.50
N GLY D 247 59.17 23.60 -17.69
CA GLY D 247 58.92 22.17 -17.65
C GLY D 247 60.13 21.35 -17.29
N ASP D 248 60.04 20.05 -17.53
CA ASP D 248 61.12 19.12 -17.25
C ASP D 248 60.62 17.68 -17.23
N ASP D 249 60.84 16.99 -18.35
CA ASP D 249 60.42 15.60 -18.51
C ASP D 249 60.85 14.67 -17.38
N ASP D 250 61.97 14.97 -16.71
CA ASP D 250 62.46 14.13 -15.63
C ASP D 250 61.63 14.19 -14.35
N GLN D 251 60.81 15.24 -14.23
CA GLN D 251 59.95 15.42 -13.07
C GLN D 251 58.48 15.38 -13.47
N SER D 252 58.09 14.29 -14.11
CA SER D 252 56.72 14.12 -14.57
C SER D 252 56.14 12.86 -13.93
N ILE D 253 56.03 12.90 -12.61
CA ILE D 253 55.52 11.79 -11.80
C ILE D 253 54.00 11.72 -11.74
N TYR D 254 53.33 12.42 -12.65
CA TYR D 254 51.88 12.42 -12.70
C TYR D 254 51.37 11.80 -13.99
N GLY D 255 52.07 10.77 -14.46
CA GLY D 255 51.68 10.11 -15.68
C GLY D 255 50.38 9.32 -15.55
N TRP D 256 50.15 8.76 -14.37
CA TRP D 256 48.93 7.99 -14.14
C TRP D 256 47.74 8.93 -14.06
N ARG D 257 47.96 10.15 -13.57
CA ARG D 257 46.88 11.12 -13.52
C ARG D 257 46.62 11.58 -14.95
N GLY D 258 47.32 10.95 -15.89
CA GLY D 258 47.17 11.28 -17.30
C GLY D 258 48.08 12.38 -17.82
N ALA D 259 49.26 12.51 -17.23
CA ALA D 259 50.20 13.54 -17.67
C ALA D 259 51.13 13.01 -18.75
N GLN D 260 50.88 13.39 -19.99
CA GLN D 260 51.69 12.95 -21.13
C GLN D 260 53.11 13.53 -21.05
N VAL D 261 53.99 12.84 -20.34
CA VAL D 261 55.37 13.29 -20.20
C VAL D 261 55.93 13.61 -21.59
N GLU D 262 55.25 13.13 -22.62
CA GLU D 262 55.67 13.37 -24.00
C GLU D 262 55.54 14.86 -24.33
N ASN D 263 54.29 15.33 -24.38
CA ASN D 263 53.94 16.72 -24.66
C ASN D 263 55.08 17.74 -24.64
N ILE D 264 55.98 17.64 -23.66
CA ILE D 264 57.11 18.57 -23.58
C ILE D 264 57.78 18.61 -24.96
N GLN D 265 58.09 17.45 -25.51
CA GLN D 265 58.71 17.33 -26.83
C GLN D 265 57.65 17.70 -27.86
N ARG D 266 56.48 17.08 -27.74
CA ARG D 266 55.37 17.30 -28.66
C ARG D 266 55.24 18.79 -29.00
N PHE D 267 55.67 19.64 -28.08
CA PHE D 267 55.61 21.09 -28.25
C PHE D 267 56.60 21.55 -29.31
N LEU D 268 57.87 21.19 -29.10
CA LEU D 268 58.96 21.55 -30.00
C LEU D 268 58.59 21.25 -31.46
N ASN D 269 57.83 20.18 -31.69
CA ASN D 269 57.45 19.78 -33.04
C ASN D 269 56.21 20.47 -33.57
N ASP D 270 55.09 20.30 -32.86
CA ASP D 270 53.82 20.91 -33.26
C ASP D 270 54.01 22.42 -33.44
N PHE D 271 55.07 22.94 -32.86
CA PHE D 271 55.42 24.35 -32.95
C PHE D 271 56.79 24.39 -33.63
N PRO D 272 56.81 24.57 -34.96
CA PRO D 272 58.07 24.62 -35.72
C PRO D 272 59.16 25.43 -35.01
N GLY D 273 59.08 26.75 -35.15
CA GLY D 273 60.06 27.63 -34.52
C GLY D 273 59.96 27.61 -33.01
N ALA D 274 60.97 27.02 -32.37
CA ALA D 274 60.99 26.90 -30.92
C ALA D 274 62.41 26.63 -30.41
N GLU D 275 62.90 27.46 -29.49
CA GLU D 275 64.24 27.26 -28.96
C GLU D 275 64.22 26.40 -27.68
N THR D 276 65.31 26.42 -26.92
CA THR D 276 65.42 25.62 -25.70
C THR D 276 66.55 26.11 -24.78
N ILE D 277 66.27 26.21 -23.48
CA ILE D 277 67.26 26.66 -22.50
C ILE D 277 67.35 25.67 -21.36
N ARG D 278 68.56 25.34 -20.92
CA ARG D 278 68.69 24.38 -19.84
C ARG D 278 69.19 24.94 -18.51
N LEU D 279 68.31 25.55 -17.72
CA LEU D 279 68.73 26.04 -16.42
C LEU D 279 69.18 24.76 -15.73
N GLU D 280 70.48 24.63 -15.46
CA GLU D 280 70.98 23.41 -14.81
C GLU D 280 71.77 23.72 -13.54
N GLN D 281 71.58 24.93 -13.01
CA GLN D 281 72.30 25.33 -11.81
C GLN D 281 71.46 25.26 -10.56
N ASN D 282 71.82 24.33 -9.69
CA ASN D 282 71.13 24.12 -8.44
C ASN D 282 71.67 25.03 -7.35
N TYR D 283 70.75 25.54 -6.53
CA TYR D 283 71.08 26.41 -5.41
C TYR D 283 70.37 25.84 -4.20
N ARG D 284 69.87 24.63 -4.35
CA ARG D 284 69.14 23.96 -3.28
C ARG D 284 69.96 22.90 -2.54
N SER D 285 70.70 22.07 -3.27
CA SER D 285 71.50 20.99 -2.65
C SER D 285 73.00 20.94 -2.94
N THR D 286 73.70 20.10 -2.18
CA THR D 286 75.15 19.92 -2.32
C THR D 286 75.52 19.23 -3.63
N SER D 287 76.81 19.27 -3.97
CA SER D 287 77.29 18.66 -5.20
C SER D 287 77.23 17.14 -5.08
N ASN D 288 77.69 16.63 -3.94
CA ASN D 288 77.68 15.19 -3.66
C ASN D 288 76.31 14.66 -4.08
N ILE D 289 75.26 15.37 -3.66
CA ILE D 289 73.90 15.00 -3.99
C ILE D 289 73.58 15.20 -5.46
N LEU D 290 73.85 16.39 -5.99
CA LEU D 290 73.57 16.65 -7.41
C LEU D 290 74.08 15.55 -8.33
N SER D 291 75.21 14.95 -7.95
CA SER D 291 75.81 13.85 -8.71
C SER D 291 74.85 12.66 -8.69
N ALA D 292 74.67 12.06 -7.52
CA ALA D 292 73.78 10.92 -7.33
C ALA D 292 72.56 11.03 -8.25
N ALA D 293 72.02 12.24 -8.33
CA ALA D 293 70.86 12.52 -9.16
C ALA D 293 71.10 12.12 -10.61
N ASN D 294 72.06 12.80 -11.23
CA ASN D 294 72.41 12.57 -12.63
C ASN D 294 72.53 11.12 -13.07
N ALA D 295 73.43 10.36 -12.44
CA ALA D 295 73.59 8.96 -12.78
C ALA D 295 72.21 8.32 -12.69
N LEU D 296 71.68 8.31 -11.47
CA LEU D 296 70.37 7.75 -11.16
C LEU D 296 69.33 8.13 -12.23
N ILE D 297 69.19 9.43 -12.49
CA ILE D 297 68.23 9.90 -13.46
C ILE D 297 68.60 9.56 -14.90
N GLU D 298 69.84 9.16 -15.15
CA GLU D 298 70.23 8.83 -16.51
C GLU D 298 69.91 7.40 -16.89
N ASN D 299 69.50 6.61 -15.90
CA ASN D 299 69.13 5.21 -16.10
C ASN D 299 67.87 5.12 -16.97
N ASN D 300 67.27 6.27 -17.25
CA ASN D 300 66.10 6.35 -18.11
C ASN D 300 66.65 6.67 -19.50
N ASN D 301 65.76 6.77 -20.49
CA ASN D 301 66.17 7.09 -21.84
C ASN D 301 65.09 7.88 -22.57
N GLY D 302 65.41 8.33 -23.77
CA GLY D 302 64.47 9.12 -24.53
C GLY D 302 64.39 10.48 -23.87
N ARG D 303 65.30 10.74 -22.93
CA ARG D 303 65.32 12.00 -22.21
C ARG D 303 65.89 13.12 -23.07
N LEU D 304 66.00 14.29 -22.48
CA LEU D 304 66.55 15.45 -23.17
C LEU D 304 67.91 15.68 -22.53
N GLY D 305 68.14 14.94 -21.45
CA GLY D 305 69.41 15.02 -20.73
C GLY D 305 69.75 16.37 -20.15
N LYS D 306 70.33 16.33 -18.96
CA LYS D 306 70.73 17.55 -18.29
C LYS D 306 71.66 17.25 -17.12
N LYS D 307 72.71 18.06 -17.02
CA LYS D 307 73.69 17.94 -15.95
C LYS D 307 73.38 18.99 -14.89
N LEU D 308 73.15 18.54 -13.66
CA LEU D 308 72.82 19.44 -12.57
C LEU D 308 74.09 19.77 -11.79
N TRP D 309 74.50 21.04 -11.87
CA TRP D 309 75.71 21.47 -11.19
C TRP D 309 75.51 22.60 -10.20
N THR D 310 76.19 22.47 -9.07
CA THR D 310 76.14 23.47 -8.03
C THR D 310 77.39 24.34 -8.21
N ASP D 311 77.58 25.28 -7.30
CA ASP D 311 78.74 26.16 -7.30
C ASP D 311 79.08 26.34 -5.83
N GLY D 312 78.41 25.55 -5.00
CA GLY D 312 78.64 25.58 -3.56
C GLY D 312 79.51 24.40 -3.20
N ALA D 313 79.44 23.98 -1.93
CA ALA D 313 80.23 22.86 -1.44
C ALA D 313 79.83 21.52 -2.06
N ASP D 314 80.36 20.44 -1.49
CA ASP D 314 80.08 19.08 -1.95
C ASP D 314 79.30 18.37 -0.86
N GLY D 315 79.42 18.89 0.36
CA GLY D 315 78.70 18.35 1.51
C GLY D 315 78.85 16.89 1.87
N GLU D 316 78.42 16.56 3.09
CA GLU D 316 78.48 15.19 3.62
C GLU D 316 77.91 14.13 2.68
N PRO D 317 78.32 12.86 2.87
CA PRO D 317 77.83 11.76 2.03
C PRO D 317 76.35 11.48 2.28
N ILE D 318 75.83 10.48 1.58
CA ILE D 318 74.43 10.11 1.68
C ILE D 318 74.30 8.84 2.52
N SER D 319 74.49 8.95 3.83
CA SER D 319 74.42 7.79 4.71
C SER D 319 73.30 6.80 4.33
N LEU D 320 73.55 5.52 4.57
CA LEU D 320 72.62 4.45 4.22
C LEU D 320 72.38 3.52 5.41
N TYR D 321 71.11 3.28 5.75
CA TYR D 321 70.83 2.37 6.84
C TYR D 321 70.12 1.14 6.30
N CYS D 322 70.10 0.09 7.11
CA CYS D 322 69.46 -1.15 6.73
C CYS D 322 69.03 -1.81 8.03
N ALA D 323 67.86 -1.41 8.53
CA ALA D 323 67.33 -1.94 9.78
C ALA D 323 66.73 -3.34 9.64
N PHE D 324 66.60 -4.03 10.76
CA PHE D 324 66.03 -5.37 10.76
C PHE D 324 64.58 -5.20 10.33
N ASN D 325 63.87 -4.32 11.01
CA ASN D 325 62.47 -4.03 10.72
C ASN D 325 62.22 -2.53 10.77
N GLU D 326 61.08 -2.11 10.24
CA GLU D 326 60.73 -0.69 10.20
C GLU D 326 60.65 -0.08 11.59
N LEU D 327 60.43 -0.91 12.61
CA LEU D 327 60.36 -0.41 13.99
C LEU D 327 61.70 0.28 14.24
N ASP D 328 62.76 -0.34 13.71
CA ASP D 328 64.09 0.21 13.85
C ASP D 328 64.25 1.35 12.85
N GLU D 329 64.08 1.04 11.57
CA GLU D 329 64.21 2.03 10.50
C GLU D 329 63.76 3.40 10.97
N ALA D 330 62.63 3.44 11.66
CA ALA D 330 62.09 4.68 12.18
C ALA D 330 62.95 5.14 13.34
N ARG D 331 62.94 4.35 14.41
CA ARG D 331 63.71 4.62 15.63
C ARG D 331 65.07 5.22 15.30
N PHE D 332 65.62 4.79 14.17
CA PHE D 332 66.90 5.26 13.68
C PHE D 332 66.73 6.72 13.31
N VAL D 333 65.84 6.96 12.33
CA VAL D 333 65.57 8.31 11.85
C VAL D 333 65.25 9.29 12.97
N VAL D 334 64.45 8.86 13.94
CA VAL D 334 64.10 9.71 15.07
C VAL D 334 65.37 10.19 15.76
N ASN D 335 66.26 9.25 16.08
CA ASN D 335 67.53 9.58 16.73
C ASN D 335 68.37 10.46 15.82
N ARG D 336 68.39 10.13 14.53
CA ARG D 336 69.17 10.89 13.57
C ARG D 336 68.63 12.32 13.45
N ILE D 337 67.35 12.50 13.74
CA ILE D 337 66.74 13.84 13.71
C ILE D 337 66.83 14.46 15.09
N LYS D 338 66.60 13.64 16.11
CA LYS D 338 66.66 14.09 17.48
C LYS D 338 68.04 14.65 17.80
N THR D 339 69.05 14.19 17.07
CA THR D 339 70.41 14.69 17.28
C THR D 339 70.50 16.06 16.58
N TRP D 340 69.99 16.11 15.35
CA TRP D 340 69.99 17.33 14.57
C TRP D 340 69.37 18.44 15.43
N GLN D 341 68.33 18.10 16.17
CA GLN D 341 67.65 19.06 17.04
C GLN D 341 68.57 19.44 18.19
N ASP D 342 69.01 18.43 18.93
CA ASP D 342 69.90 18.64 20.07
C ASP D 342 70.95 19.69 19.71
N ASN D 343 71.36 19.70 18.44
CA ASN D 343 72.34 20.65 17.95
C ASN D 343 71.66 21.82 17.26
N GLY D 344 70.95 22.63 18.04
CA GLY D 344 70.25 23.77 17.49
C GLY D 344 69.63 23.46 16.14
N GLY D 345 69.01 22.29 16.03
CA GLY D 345 68.38 21.91 14.78
C GLY D 345 66.90 22.22 14.76
N ALA D 346 66.44 22.92 13.72
CA ALA D 346 65.03 23.29 13.59
C ALA D 346 64.25 22.17 12.89
N LEU D 347 63.53 21.40 13.70
CA LEU D 347 62.74 20.25 13.28
C LEU D 347 61.81 20.46 12.07
N ALA D 348 61.73 21.68 11.54
CA ALA D 348 60.88 21.93 10.38
C ALA D 348 61.72 21.79 9.12
N GLU D 349 63.04 21.78 9.34
CA GLU D 349 64.03 21.66 8.28
C GLU D 349 64.28 20.19 7.94
N CYS D 350 63.25 19.35 8.10
CA CYS D 350 63.37 17.93 7.80
C CYS D 350 62.18 17.48 6.97
N ALA D 351 62.08 16.19 6.70
CA ALA D 351 60.98 15.68 5.90
C ALA D 351 61.05 14.18 5.57
N ILE D 352 60.50 13.34 6.44
CA ILE D 352 60.49 11.92 6.17
C ILE D 352 59.61 11.77 4.94
N LEU D 353 60.10 11.14 3.89
CA LEU D 353 59.28 10.97 2.68
C LEU D 353 59.00 9.51 2.36
N TYR D 354 57.74 9.20 2.06
CA TYR D 354 57.41 7.82 1.74
C TYR D 354 56.77 7.64 0.39
N ARG D 355 56.71 6.38 -0.03
CA ARG D 355 56.15 6.04 -1.31
C ARG D 355 54.66 5.75 -1.16
N SER D 356 54.24 5.46 0.06
CA SER D 356 52.85 5.14 0.35
C SER D 356 52.45 5.65 1.72
N ASN D 357 51.34 6.37 1.77
CA ASN D 357 50.85 6.96 3.01
C ASN D 357 50.79 5.97 4.16
N ALA D 358 50.54 4.71 3.83
CA ALA D 358 50.46 3.65 4.83
C ALA D 358 51.77 3.51 5.62
N GLN D 359 52.89 3.89 5.01
CA GLN D 359 54.18 3.78 5.67
C GLN D 359 54.33 4.75 6.86
N SER D 360 53.51 5.80 6.88
CA SER D 360 53.58 6.83 7.92
C SER D 360 53.20 6.46 9.34
N ARG D 361 52.31 5.49 9.52
CA ARG D 361 51.88 5.12 10.86
C ARG D 361 53.02 4.81 11.83
N VAL D 362 53.87 3.84 11.47
CA VAL D 362 54.98 3.47 12.33
C VAL D 362 55.97 4.60 12.60
N LEU D 363 55.99 5.56 11.68
CA LEU D 363 56.86 6.72 11.81
C LEU D 363 56.34 7.59 12.96
N GLU D 364 55.03 7.75 13.01
CA GLU D 364 54.40 8.57 14.04
C GLU D 364 54.59 8.02 15.43
N GLU D 365 54.48 6.71 15.59
CA GLU D 365 54.64 6.10 16.91
C GLU D 365 56.05 6.26 17.43
N ALA D 366 57.02 6.15 16.53
CA ALA D 366 58.41 6.30 16.91
C ALA D 366 58.58 7.74 17.40
N LEU D 367 58.06 8.66 16.61
CA LEU D 367 58.09 10.09 16.91
C LEU D 367 57.46 10.41 18.25
N LEU D 368 56.17 10.13 18.37
CA LEU D 368 55.41 10.38 19.60
C LEU D 368 56.08 9.68 20.78
N GLN D 369 56.73 8.54 20.51
CA GLN D 369 57.44 7.76 21.53
C GLN D 369 58.73 8.48 21.88
N ALA D 370 58.78 9.76 21.55
CA ALA D 370 59.95 10.57 21.81
C ALA D 370 59.61 12.06 21.70
N SER D 371 58.70 12.51 22.56
CA SER D 371 58.26 13.90 22.61
C SER D 371 58.75 14.75 21.44
N MET D 372 58.37 14.37 20.22
CA MET D 372 58.79 15.11 19.05
C MET D 372 57.63 15.37 18.10
N PRO D 373 57.12 16.60 18.10
CA PRO D 373 56.00 16.98 17.25
C PRO D 373 56.28 16.69 15.79
N TYR D 374 55.24 16.82 14.97
CA TYR D 374 55.33 16.57 13.54
C TYR D 374 53.99 16.91 12.92
N ARG D 375 53.84 16.58 11.64
CA ARG D 375 52.59 16.85 10.96
C ARG D 375 52.60 16.32 9.54
N ILE D 376 51.69 15.39 9.28
CA ILE D 376 51.55 14.79 7.97
C ILE D 376 50.94 15.82 7.05
N TYR D 377 50.99 15.57 5.74
CA TYR D 377 50.37 16.51 4.82
C TYR D 377 49.17 15.83 4.18
N GLY D 378 48.64 14.84 4.88
CA GLY D 378 47.47 14.12 4.40
C GLY D 378 46.40 15.09 3.95
N GLY D 379 45.64 14.70 2.92
CA GLY D 379 44.59 15.56 2.39
C GLY D 379 43.57 16.05 3.41
N MET D 380 42.30 15.98 3.04
CA MET D 380 41.21 16.42 3.92
C MET D 380 41.29 17.91 4.19
N ARG D 381 41.16 18.67 3.11
CA ARG D 381 41.19 20.11 3.18
C ARG D 381 39.79 20.55 3.60
N PHE D 382 39.71 21.69 4.28
CA PHE D 382 38.45 22.24 4.77
C PHE D 382 37.20 21.88 3.94
N PHE D 383 37.05 22.54 2.81
CA PHE D 383 35.91 22.34 1.93
C PHE D 383 35.60 20.93 1.47
N GLU D 384 36.26 19.94 2.05
CA GLU D 384 36.01 18.56 1.66
C GLU D 384 35.31 17.83 2.79
N ARG D 385 35.48 18.35 4.00
CA ARG D 385 34.87 17.76 5.19
C ARG D 385 33.34 17.66 5.02
N GLN D 386 32.77 16.54 5.44
CA GLN D 386 31.33 16.34 5.29
C GLN D 386 30.48 17.46 5.86
N GLU D 387 30.60 17.73 7.17
CA GLU D 387 29.78 18.78 7.77
C GLU D 387 29.72 20.03 6.91
N ILE D 388 30.76 20.30 6.14
CA ILE D 388 30.73 21.48 5.30
C ILE D 388 30.00 21.21 4.00
N LYS D 389 30.19 20.05 3.39
CA LYS D 389 29.48 19.78 2.15
C LYS D 389 27.98 19.64 2.40
N ASP D 390 27.59 19.43 3.67
CA ASP D 390 26.18 19.34 4.01
C ASP D 390 25.69 20.76 3.83
N ALA D 391 26.36 21.64 4.58
CA ALA D 391 26.07 23.06 4.59
C ALA D 391 25.99 23.64 3.20
N LEU D 392 27.01 23.40 2.39
CA LEU D 392 27.03 23.94 1.03
C LEU D 392 26.04 23.24 0.14
N SER D 393 25.63 22.03 0.52
CA SER D 393 24.65 21.34 -0.29
C SER D 393 23.32 22.07 -0.24
N TYR D 394 22.88 22.50 0.95
CA TYR D 394 21.63 23.22 1.01
C TYR D 394 21.77 24.46 0.15
N LEU D 395 22.86 25.21 0.34
CA LEU D 395 23.11 26.44 -0.43
C LEU D 395 22.98 26.19 -1.92
N ARG D 396 23.46 25.05 -2.38
CA ARG D 396 23.35 24.76 -3.80
C ARG D 396 21.89 24.62 -4.16
N LEU D 397 21.16 23.87 -3.35
CA LEU D 397 19.74 23.65 -3.61
C LEU D 397 19.02 24.98 -3.74
N ILE D 398 19.53 25.98 -3.02
CA ILE D 398 18.98 27.33 -3.04
C ILE D 398 19.28 27.99 -4.39
N VAL D 399 20.55 27.97 -4.80
CA VAL D 399 20.94 28.57 -6.06
C VAL D 399 20.34 27.75 -7.20
N ASN D 400 19.93 26.52 -6.89
CA ASN D 400 19.32 25.64 -7.88
C ASN D 400 18.80 24.36 -7.26
N ARG D 401 17.54 24.07 -7.54
CA ARG D 401 16.89 22.88 -7.02
C ARG D 401 17.15 21.63 -7.88
N ASN D 402 18.13 21.70 -8.76
CA ASN D 402 18.45 20.58 -9.63
C ASN D 402 19.84 20.03 -9.40
N ASP D 403 20.42 20.34 -8.25
CA ASP D 403 21.75 19.87 -7.91
C ASP D 403 21.65 18.41 -7.46
N ASP D 404 21.31 17.51 -8.38
CA ASP D 404 21.18 16.09 -8.06
C ASP D 404 22.15 15.63 -6.98
N ALA D 405 23.35 16.22 -6.96
CA ALA D 405 24.37 15.87 -5.99
C ALA D 405 24.03 16.43 -4.60
N ALA D 406 23.66 17.70 -4.57
CA ALA D 406 23.29 18.36 -3.32
C ALA D 406 22.07 17.65 -2.75
N PHE D 407 21.09 17.41 -3.62
CA PHE D 407 19.86 16.73 -3.23
C PHE D 407 20.11 15.39 -2.56
N GLU D 408 20.48 14.38 -3.37
CA GLU D 408 20.70 13.07 -2.81
C GLU D 408 21.62 13.09 -1.63
N ARG D 409 22.16 14.25 -1.27
CA ARG D 409 23.04 14.28 -0.10
C ARG D 409 22.31 14.69 1.17
N VAL D 410 21.76 15.91 1.13
CA VAL D 410 21.05 16.48 2.27
C VAL D 410 19.53 16.30 2.31
N VAL D 411 18.98 15.47 1.43
CA VAL D 411 17.52 15.25 1.40
C VAL D 411 17.04 14.69 2.72
N ASN D 412 17.73 13.69 3.25
CA ASN D 412 17.34 13.12 4.52
C ASN D 412 18.53 13.18 5.46
N THR D 413 19.04 14.40 5.61
CA THR D 413 20.15 14.70 6.48
C THR D 413 20.12 16.21 6.69
N PRO D 414 19.81 16.65 7.93
CA PRO D 414 19.52 15.80 9.09
C PRO D 414 18.33 14.86 8.86
N THR D 415 18.48 13.60 9.25
CA THR D 415 17.42 12.60 9.08
C THR D 415 16.05 13.22 9.33
N ARG D 416 15.22 13.24 8.29
CA ARG D 416 13.88 13.80 8.38
C ARG D 416 12.88 12.76 7.87
N GLY D 417 13.03 11.53 8.34
CA GLY D 417 12.11 10.49 7.94
C GLY D 417 11.89 10.41 6.45
N ILE D 418 12.93 10.01 5.72
CA ILE D 418 12.86 9.83 4.27
C ILE D 418 13.85 8.70 3.96
N GLY D 419 13.35 7.47 3.92
CA GLY D 419 14.20 6.34 3.65
C GLY D 419 14.48 6.08 2.19
N ASP D 420 15.27 5.04 1.94
CA ASP D 420 15.66 4.63 0.59
C ASP D 420 14.54 4.02 -0.19
N ARG D 421 13.75 3.17 0.47
CA ARG D 421 12.63 2.53 -0.19
C ARG D 421 11.96 3.66 -0.96
N THR D 422 11.85 4.80 -0.29
CA THR D 422 11.24 5.99 -0.89
C THR D 422 12.12 6.60 -1.97
N LEU D 423 13.37 6.84 -1.61
CA LEU D 423 14.31 7.43 -2.55
C LEU D 423 14.45 6.52 -3.76
N ASP D 424 14.56 5.22 -3.54
CA ASP D 424 14.71 4.31 -4.66
C ASP D 424 13.57 4.48 -5.64
N VAL D 425 12.45 4.98 -5.17
CA VAL D 425 11.33 5.19 -6.06
C VAL D 425 11.64 6.43 -6.90
N VAL D 426 11.93 7.54 -6.23
CA VAL D 426 12.28 8.79 -6.91
C VAL D 426 13.36 8.52 -7.97
N ARG D 427 14.30 7.63 -7.63
CA ARG D 427 15.37 7.28 -8.56
C ARG D 427 14.77 6.58 -9.78
N GLN D 428 14.17 5.41 -9.56
CA GLN D 428 13.59 4.65 -10.66
C GLN D 428 12.65 5.54 -11.47
N THR D 429 12.14 6.59 -10.82
CA THR D 429 11.26 7.54 -11.50
C THR D 429 12.20 8.43 -12.30
N SER D 430 13.05 9.15 -11.57
CA SER D 430 14.04 10.06 -12.12
C SER D 430 14.71 9.41 -13.32
N ARG D 431 15.16 8.17 -13.11
CA ARG D 431 15.85 7.41 -14.15
C ARG D 431 15.00 7.17 -15.38
N ASP D 432 13.91 6.42 -15.22
CA ASP D 432 13.05 6.09 -16.33
C ASP D 432 12.42 7.28 -17.05
N ARG D 433 12.21 8.39 -16.37
CA ARG D 433 11.63 9.56 -17.04
C ARG D 433 12.67 10.63 -17.33
N GLN D 434 13.94 10.28 -17.16
CA GLN D 434 15.05 11.21 -17.40
C GLN D 434 14.80 12.57 -16.77
N LEU D 435 14.76 12.63 -15.45
CA LEU D 435 14.55 13.89 -14.76
C LEU D 435 15.58 14.02 -13.64
N THR D 436 15.64 15.20 -13.04
CA THR D 436 16.54 15.38 -11.91
C THR D 436 15.68 14.77 -10.81
N LEU D 437 16.19 14.70 -9.59
CA LEU D 437 15.38 14.12 -8.52
C LEU D 437 14.25 15.07 -8.15
N TRP D 438 14.59 16.31 -7.83
CA TRP D 438 13.56 17.28 -7.46
C TRP D 438 12.46 17.32 -8.51
N GLN D 439 12.78 16.94 -9.74
CA GLN D 439 11.79 16.94 -10.81
C GLN D 439 10.85 15.76 -10.63
N ALA D 440 11.41 14.60 -10.33
CA ALA D 440 10.60 13.41 -10.12
C ALA D 440 9.71 13.61 -8.90
N CYS D 441 10.17 14.41 -7.94
CA CYS D 441 9.38 14.68 -6.76
C CYS D 441 8.18 15.55 -7.09
N ARG D 442 8.41 16.60 -7.87
CA ARG D 442 7.30 17.45 -8.27
C ARG D 442 6.25 16.57 -8.91
N GLU D 443 6.71 15.57 -9.66
CA GLU D 443 5.82 14.66 -10.35
C GLU D 443 5.18 13.62 -9.44
N LEU D 444 6.00 12.87 -8.70
CA LEU D 444 5.49 11.85 -7.81
C LEU D 444 4.53 12.36 -6.74
N LEU D 445 4.47 13.68 -6.59
CA LEU D 445 3.58 14.29 -5.61
C LEU D 445 2.26 14.66 -6.31
N GLN D 446 2.39 15.23 -7.50
CA GLN D 446 1.20 15.60 -8.27
C GLN D 446 0.48 14.31 -8.62
N GLU D 447 1.21 13.36 -9.20
CA GLU D 447 0.64 12.07 -9.58
C GLU D 447 0.10 11.35 -8.35
N LYS D 448 0.37 11.91 -7.17
CA LYS D 448 -0.09 11.31 -5.92
C LYS D 448 0.16 9.81 -5.87
N ALA D 449 1.34 9.39 -6.31
CA ALA D 449 1.70 7.97 -6.36
C ALA D 449 2.66 7.53 -5.25
N LEU D 450 2.63 8.23 -4.12
CA LEU D 450 3.49 7.90 -3.00
C LEU D 450 2.75 7.71 -1.69
N ALA D 451 3.34 6.95 -0.77
CA ALA D 451 2.72 6.70 0.52
C ALA D 451 2.28 8.00 1.14
N GLY D 452 1.43 7.89 2.16
CA GLY D 452 0.99 9.08 2.85
C GLY D 452 2.18 9.59 3.61
N ARG D 453 2.75 8.70 4.42
CA ARG D 453 3.92 8.99 5.25
C ARG D 453 4.97 9.68 4.38
N ALA D 454 5.44 8.95 3.37
CA ALA D 454 6.44 9.44 2.44
C ALA D 454 6.13 10.83 1.94
N ALA D 455 5.33 10.89 0.87
CA ALA D 455 4.95 12.14 0.25
C ALA D 455 4.82 13.29 1.22
N SER D 456 4.22 13.07 2.38
CA SER D 456 4.06 14.14 3.36
C SER D 456 5.41 14.62 3.90
N ALA D 457 6.32 13.67 4.11
CA ALA D 457 7.66 13.98 4.60
C ALA D 457 8.46 14.59 3.45
N LEU D 458 8.56 13.82 2.37
CA LEU D 458 9.27 14.22 1.17
C LEU D 458 8.96 15.66 0.85
N GLN D 459 7.68 15.95 0.86
CA GLN D 459 7.16 17.28 0.58
C GLN D 459 7.56 18.26 1.67
N ARG D 460 7.52 17.80 2.91
CA ARG D 460 7.87 18.66 4.04
C ARG D 460 9.28 19.18 3.77
N PHE D 461 10.09 18.35 3.11
CA PHE D 461 11.47 18.69 2.76
C PHE D 461 11.56 19.82 1.74
N MET D 462 11.06 19.53 0.54
CA MET D 462 11.05 20.49 -0.56
C MET D 462 10.60 21.89 -0.12
N GLU D 463 9.62 21.96 0.76
CA GLU D 463 9.14 23.24 1.26
C GLU D 463 10.19 23.91 2.14
N LEU D 464 10.96 23.10 2.86
CA LEU D 464 12.01 23.63 3.72
C LEU D 464 13.06 24.38 2.92
N ILE D 465 13.30 23.91 1.69
CA ILE D 465 14.28 24.53 0.81
C ILE D 465 13.73 25.84 0.23
N ASP D 466 12.62 25.78 -0.51
CA ASP D 466 12.02 26.99 -1.06
C ASP D 466 11.94 28.03 0.07
N ALA D 467 11.63 27.55 1.27
CA ALA D 467 11.53 28.39 2.44
C ALA D 467 12.84 29.13 2.65
N LEU D 468 13.95 28.39 2.70
CA LEU D 468 15.25 29.00 2.90
C LEU D 468 15.69 29.90 1.76
N ALA D 469 15.41 29.50 0.53
CA ALA D 469 15.79 30.32 -0.61
C ALA D 469 15.22 31.73 -0.36
N GLN D 470 13.92 31.76 -0.03
CA GLN D 470 13.18 32.99 0.25
C GLN D 470 13.68 33.69 1.49
N GLU D 471 13.30 33.17 2.66
CA GLU D 471 13.70 33.73 3.94
C GLU D 471 15.11 34.37 3.92
N THR D 472 16.00 33.89 3.04
CA THR D 472 17.37 34.40 3.02
C THR D 472 17.83 35.15 1.75
N ALA D 473 17.07 35.06 0.68
CA ALA D 473 17.39 35.70 -0.59
C ALA D 473 18.12 37.05 -0.50
N ASP D 474 17.41 38.11 -0.14
CA ASP D 474 18.01 39.45 -0.05
C ASP D 474 19.07 39.56 1.05
N MET D 475 19.71 38.46 1.40
CA MET D 475 20.70 38.50 2.47
C MET D 475 22.16 38.52 2.07
N PRO D 476 23.03 38.93 3.01
CA PRO D 476 24.47 39.00 2.81
C PRO D 476 24.99 37.60 3.11
N LEU D 477 25.93 37.12 2.28
CA LEU D 477 26.48 35.78 2.44
C LEU D 477 26.60 35.28 3.87
N HIS D 478 27.55 35.81 4.63
CA HIS D 478 27.75 35.32 5.99
C HIS D 478 26.53 35.28 6.90
N VAL D 479 25.42 35.86 6.46
CA VAL D 479 24.21 35.81 7.28
C VAL D 479 23.37 34.69 6.70
N GLN D 480 23.19 34.74 5.38
CA GLN D 480 22.42 33.71 4.66
C GLN D 480 22.95 32.35 5.07
N THR D 481 24.27 32.29 5.23
CA THR D 481 24.94 31.07 5.63
C THR D 481 24.56 30.67 7.04
N ASP D 482 24.82 31.54 8.02
CA ASP D 482 24.50 31.20 9.41
C ASP D 482 23.05 30.74 9.53
N ARG D 483 22.20 31.26 8.67
CA ARG D 483 20.79 30.85 8.67
C ARG D 483 20.73 29.39 8.24
N VAL D 484 20.85 29.17 6.94
CA VAL D 484 20.80 27.82 6.42
C VAL D 484 21.43 26.81 7.38
N ILE D 485 22.54 27.16 8.00
CA ILE D 485 23.16 26.23 8.93
C ILE D 485 22.18 25.88 10.05
N LYS D 486 21.50 26.89 10.56
CA LYS D 486 20.55 26.67 11.64
C LYS D 486 19.24 26.11 11.08
N ASP D 487 18.56 26.92 10.28
CA ASP D 487 17.27 26.56 9.68
C ASP D 487 17.17 25.21 8.97
N SER D 488 18.29 24.49 8.83
CA SER D 488 18.25 23.18 8.19
C SER D 488 18.51 22.16 9.30
N GLY D 489 18.78 22.69 10.49
CA GLY D 489 19.00 21.83 11.63
C GLY D 489 20.29 21.08 11.65
N LEU D 490 21.24 21.49 10.83
CA LEU D 490 22.55 20.84 10.79
C LEU D 490 23.29 21.10 12.08
N ARG D 491 23.29 22.37 12.51
CA ARG D 491 23.95 22.78 13.74
C ARG D 491 23.48 21.82 14.81
N THR D 492 22.16 21.73 14.91
CA THR D 492 21.50 20.85 15.86
C THR D 492 22.06 19.45 15.71
N MET D 493 22.02 18.94 14.49
CA MET D 493 22.50 17.60 14.20
C MET D 493 23.91 17.37 14.68
N TYR D 494 24.70 18.43 14.71
CA TYR D 494 26.10 18.35 15.11
C TYR D 494 26.40 18.67 16.58
N GLU D 495 25.49 19.35 17.26
CA GLU D 495 25.71 19.64 18.67
C GLU D 495 25.46 18.36 19.45
N GLN D 496 24.92 17.36 18.75
CA GLN D 496 24.62 16.06 19.33
C GLN D 496 25.56 15.04 18.71
N GLU D 497 26.85 15.32 18.69
CA GLU D 497 27.76 14.36 18.08
C GLU D 497 29.03 14.04 18.87
N LYS D 498 29.25 12.75 19.08
CA LYS D 498 30.43 12.20 19.77
C LYS D 498 31.20 13.05 20.78
N GLY D 499 32.43 12.61 21.07
CA GLY D 499 33.28 13.32 22.01
C GLY D 499 34.26 14.21 21.27
N GLU D 500 35.43 13.67 20.97
CA GLU D 500 36.46 14.42 20.26
C GLU D 500 35.92 14.86 18.89
N LYS D 501 35.13 13.98 18.28
CA LYS D 501 34.54 14.21 16.96
C LYS D 501 33.74 15.51 16.77
N GLY D 502 32.43 15.42 16.96
CA GLY D 502 31.56 16.57 16.78
C GLY D 502 32.06 17.91 17.27
N GLN D 503 32.84 17.90 18.36
CA GLN D 503 33.38 19.13 18.95
C GLN D 503 34.00 20.04 17.90
N THR D 504 34.63 19.42 16.91
CA THR D 504 35.25 20.14 15.81
C THR D 504 34.20 20.47 14.76
N ARG D 505 33.40 19.47 14.40
CA ARG D 505 32.34 19.62 13.39
C ARG D 505 31.69 20.99 13.49
N ILE D 506 31.22 21.34 14.69
CA ILE D 506 30.59 22.62 14.89
C ILE D 506 31.57 23.75 14.60
N GLU D 507 32.74 23.70 15.20
CA GLU D 507 33.75 24.72 14.98
C GLU D 507 34.01 24.93 13.49
N ASN D 508 34.20 23.84 12.75
CA ASN D 508 34.45 23.94 11.33
C ASN D 508 33.29 24.65 10.69
N LEU D 509 32.09 24.38 11.18
CA LEU D 509 30.90 25.02 10.63
C LEU D 509 30.95 26.54 10.83
N GLU D 510 31.17 26.97 12.06
CA GLU D 510 31.24 28.40 12.34
C GLU D 510 32.39 29.07 11.60
N GLU D 511 33.47 28.32 11.35
CA GLU D 511 34.58 28.90 10.61
C GLU D 511 34.06 29.10 9.18
N LEU D 512 33.12 28.26 8.79
CA LEU D 512 32.53 28.37 7.47
C LEU D 512 31.87 29.74 7.36
N VAL D 513 31.35 30.23 8.48
CA VAL D 513 30.73 31.54 8.50
C VAL D 513 31.83 32.59 8.44
N THR D 514 32.78 32.53 9.37
CA THR D 514 33.91 33.47 9.40
C THR D 514 34.37 33.59 7.95
N ALA D 515 34.82 32.46 7.42
CA ALA D 515 35.27 32.38 6.04
C ALA D 515 34.34 33.19 5.15
N THR D 516 33.06 32.84 5.16
CA THR D 516 32.10 33.53 4.31
C THR D 516 32.04 35.05 4.53
N ARG D 517 32.30 35.49 5.75
CA ARG D 517 32.24 36.93 6.02
C ARG D 517 33.51 37.63 5.53
N GLN D 518 34.45 36.86 5.02
CA GLN D 518 35.71 37.42 4.53
C GLN D 518 36.02 37.05 3.10
N PHE D 519 35.04 36.47 2.43
CA PHE D 519 35.20 36.08 1.03
C PHE D 519 35.08 37.36 0.19
N SER D 520 35.97 37.50 -0.80
CA SER D 520 36.00 38.68 -1.67
C SER D 520 36.06 38.38 -3.16
N TYR D 521 35.46 39.26 -3.97
CA TYR D 521 35.44 39.12 -5.43
C TYR D 521 34.82 40.35 -6.11
N ASP D 525 35.13 42.50 -10.22
CA ASP D 525 34.12 42.76 -11.22
C ASP D 525 32.90 41.88 -11.01
N GLU D 526 31.71 42.41 -11.29
CA GLU D 526 30.46 41.66 -11.12
C GLU D 526 30.07 40.87 -12.38
N ASP D 527 29.86 39.56 -12.22
CA ASP D 527 29.49 38.65 -13.30
C ASP D 527 28.89 37.35 -12.73
N LEU D 528 28.63 37.36 -11.43
CA LEU D 528 28.04 36.24 -10.68
C LEU D 528 27.67 36.75 -9.28
N MET D 529 26.58 36.25 -8.71
CA MET D 529 26.19 36.70 -7.38
C MET D 529 27.18 36.15 -6.35
N PRO D 530 27.38 36.91 -5.26
CA PRO D 530 28.29 36.56 -4.17
C PRO D 530 28.22 35.12 -3.63
N LEU D 531 27.16 34.39 -3.98
CA LEU D 531 27.03 33.01 -3.53
C LEU D 531 27.63 32.13 -4.63
N GLN D 532 26.99 32.13 -5.79
CA GLN D 532 27.45 31.33 -6.92
C GLN D 532 28.95 31.51 -7.09
N ALA D 533 29.46 32.65 -6.64
CA ALA D 533 30.88 32.91 -6.71
C ALA D 533 31.52 32.03 -5.66
N PHE D 534 30.99 32.10 -4.44
CA PHE D 534 31.52 31.32 -3.35
C PHE D 534 31.47 29.84 -3.66
N LEU D 535 30.28 29.34 -3.99
CA LEU D 535 30.13 27.93 -4.30
C LEU D 535 31.13 27.45 -5.34
N SER D 536 31.66 28.37 -6.13
CA SER D 536 32.67 28.01 -7.13
C SER D 536 34.03 28.07 -6.46
N HIS D 537 34.24 29.07 -5.62
CA HIS D 537 35.50 29.21 -4.89
C HIS D 537 35.64 28.00 -3.98
N ALA D 538 34.51 27.39 -3.63
CA ALA D 538 34.51 26.25 -2.74
C ALA D 538 34.95 24.98 -3.45
N ALA D 539 34.47 24.80 -4.68
CA ALA D 539 34.79 23.62 -5.46
C ALA D 539 36.20 23.63 -6.00
N LEU D 540 36.61 24.77 -6.55
CA LEU D 540 37.92 24.91 -7.16
C LEU D 540 39.14 25.06 -6.26
N GLU D 541 38.99 24.83 -4.96
CA GLU D 541 40.10 24.91 -4.02
C GLU D 541 39.61 24.76 -2.60
N ALA D 542 40.13 23.80 -1.87
CA ALA D 542 39.71 23.56 -0.50
C ALA D 542 40.70 24.13 0.50
N GLY D 543 41.85 23.46 0.62
CA GLY D 543 42.93 23.88 1.49
C GLY D 543 42.66 24.23 2.95
N GLU D 544 43.45 23.64 3.85
CA GLU D 544 43.38 23.83 5.30
C GLU D 544 43.42 22.47 5.99
N GLY D 545 43.96 22.43 7.19
CA GLY D 545 44.03 21.17 7.91
C GLY D 545 44.50 21.40 9.32
N GLN D 546 44.53 22.68 9.71
CA GLN D 546 44.97 23.13 11.04
C GLN D 546 46.47 23.44 11.04
N ALA D 547 46.83 24.55 10.40
CA ALA D 547 48.23 24.99 10.32
C ALA D 547 48.83 25.01 11.72
N ASP D 548 49.24 23.82 12.17
CA ASP D 548 49.83 23.60 13.48
C ASP D 548 50.64 24.80 13.93
N THR D 549 50.29 25.36 15.09
CA THR D 549 51.01 26.51 15.64
C THR D 549 52.47 26.19 15.38
N TRP D 550 53.13 27.03 14.57
CA TRP D 550 54.50 26.76 14.17
C TRP D 550 55.43 25.98 15.09
N GLN D 551 55.13 25.91 16.39
CA GLN D 551 55.98 25.14 17.31
C GLN D 551 56.72 24.12 16.48
N ASP D 552 57.96 24.47 16.14
CA ASP D 552 58.82 23.64 15.32
C ASP D 552 58.54 22.13 15.42
N ALA D 553 58.34 21.50 14.27
CA ALA D 553 58.06 20.06 14.20
C ALA D 553 58.31 19.45 12.82
N VAL D 554 58.59 18.15 12.80
CA VAL D 554 58.87 17.38 11.59
C VAL D 554 57.89 17.55 10.43
N GLN D 555 58.25 17.03 9.27
CA GLN D 555 57.42 17.15 8.09
C GLN D 555 57.31 15.80 7.37
N LEU D 556 56.24 15.07 7.60
CA LEU D 556 56.08 13.78 6.92
C LEU D 556 55.19 13.94 5.70
N MET D 557 55.48 13.18 4.65
CA MET D 557 54.69 13.26 3.42
C MET D 557 55.22 12.33 2.35
N THR D 558 54.33 11.93 1.44
CA THR D 558 54.74 11.07 0.35
C THR D 558 55.70 11.91 -0.48
N LEU D 559 56.23 11.30 -1.54
CA LEU D 559 57.14 12.01 -2.41
C LEU D 559 56.34 12.92 -3.34
N HIS D 560 55.29 12.39 -3.95
CA HIS D 560 54.47 13.16 -4.89
C HIS D 560 54.05 14.52 -4.32
N SER D 561 53.76 14.55 -3.02
CA SER D 561 53.34 15.76 -2.35
C SER D 561 54.53 16.53 -1.80
N ALA D 562 55.70 16.26 -2.37
CA ALA D 562 56.91 16.94 -1.93
C ALA D 562 57.57 17.68 -3.07
N LYS D 563 57.04 17.52 -4.29
CA LYS D 563 57.61 18.21 -5.44
C LYS D 563 57.51 19.73 -5.30
N GLY D 564 58.66 20.39 -5.29
CA GLY D 564 58.68 21.83 -5.16
C GLY D 564 59.21 22.20 -3.79
N LEU D 565 59.42 21.19 -2.94
CA LEU D 565 59.92 21.46 -1.61
C LEU D 565 61.40 21.15 -1.47
N GLU D 566 61.98 21.58 -0.36
CA GLU D 566 63.39 21.39 -0.07
C GLU D 566 63.59 21.47 1.43
N PHE D 567 64.47 20.63 1.97
CA PHE D 567 64.71 20.65 3.40
C PHE D 567 66.15 20.32 3.71
N PRO D 568 66.76 21.06 4.65
CA PRO D 568 68.15 20.84 5.05
C PRO D 568 68.40 19.33 5.12
N GLN D 569 67.65 18.68 5.99
CA GLN D 569 67.73 17.25 6.17
C GLN D 569 66.50 16.64 5.49
N VAL D 570 66.67 15.52 4.78
CA VAL D 570 65.53 14.88 4.13
C VAL D 570 65.80 13.38 4.13
N PHE D 571 64.73 12.59 4.19
CA PHE D 571 64.88 11.14 4.20
C PHE D 571 63.90 10.52 3.23
N ILE D 572 64.14 9.26 2.91
CA ILE D 572 63.24 8.51 2.04
C ILE D 572 63.18 7.16 2.71
N VAL D 573 62.03 6.82 3.27
CA VAL D 573 61.85 5.55 3.96
C VAL D 573 61.29 4.46 3.05
N GLY D 574 61.63 3.21 3.36
CA GLY D 574 61.15 2.11 2.55
C GLY D 574 61.88 1.96 1.24
N MET D 575 63.19 2.14 1.26
CA MET D 575 63.98 2.00 0.05
C MET D 575 64.26 0.52 -0.22
N GLU D 576 63.25 -0.16 -0.74
CA GLU D 576 63.37 -1.57 -1.06
C GLU D 576 62.45 -2.01 -2.18
N GLU D 577 62.88 -3.03 -2.91
CA GLU D 577 62.10 -3.58 -4.01
C GLU D 577 60.79 -4.03 -3.37
N GLY D 578 59.68 -3.51 -3.89
CA GLY D 578 58.37 -3.82 -3.36
C GLY D 578 57.58 -2.52 -3.31
N MET D 579 58.03 -1.60 -2.47
CA MET D 579 57.39 -0.28 -2.35
C MET D 579 58.04 0.66 -3.33
N PHE D 580 59.36 0.78 -3.21
CA PHE D 580 60.13 1.66 -4.08
C PHE D 580 61.26 0.83 -4.73
N PRO D 581 61.11 0.44 -6.01
CA PRO D 581 59.94 0.75 -6.83
C PRO D 581 58.72 -0.04 -6.37
N SER D 582 57.54 0.49 -6.67
CA SER D 582 56.32 -0.15 -6.26
C SER D 582 56.08 -1.50 -6.88
N GLN D 583 55.26 -2.28 -6.19
CA GLN D 583 54.89 -3.62 -6.62
C GLN D 583 54.02 -3.43 -7.85
N MET D 584 52.93 -2.68 -7.65
CA MET D 584 51.95 -2.39 -8.69
C MET D 584 52.51 -1.47 -9.76
N SER D 585 53.82 -1.60 -10.03
CA SER D 585 54.51 -0.81 -11.04
C SER D 585 55.81 -1.47 -11.50
N LEU D 586 56.30 -2.45 -10.74
CA LEU D 586 57.50 -3.17 -11.14
C LEU D 586 57.01 -4.25 -12.08
N ASP D 587 55.70 -4.47 -12.04
CA ASP D 587 55.02 -5.45 -12.86
C ASP D 587 53.75 -4.83 -13.46
N GLU D 588 52.94 -4.21 -12.60
CA GLU D 588 51.67 -3.60 -13.01
C GLU D 588 51.70 -2.34 -13.87
N GLY D 589 52.11 -2.45 -15.13
CA GLY D 589 52.12 -1.30 -16.01
C GLY D 589 53.39 -1.05 -16.81
N GLY D 590 54.53 -1.49 -16.32
CA GLY D 590 55.76 -1.25 -17.04
C GLY D 590 56.06 0.24 -17.04
N ARG D 591 55.43 0.96 -16.12
CA ARG D 591 55.64 2.40 -15.98
C ARG D 591 56.82 2.58 -15.02
N LEU D 592 57.81 1.72 -15.18
CA LEU D 592 58.98 1.71 -14.32
C LEU D 592 59.80 2.99 -14.29
N GLU D 593 59.87 3.70 -15.42
CA GLU D 593 60.65 4.92 -15.47
C GLU D 593 60.07 6.01 -14.58
N GLU D 594 58.76 5.99 -14.41
CA GLU D 594 58.10 6.97 -13.56
C GLU D 594 58.72 6.83 -12.17
N GLU D 595 58.62 5.63 -11.59
CA GLU D 595 59.15 5.33 -10.28
C GLU D 595 60.56 5.87 -10.09
N ARG D 596 61.30 5.97 -11.20
CA ARG D 596 62.67 6.47 -11.18
C ARG D 596 62.62 7.99 -11.10
N ARG D 597 61.85 8.61 -11.99
CA ARG D 597 61.71 10.06 -12.01
C ARG D 597 61.36 10.55 -10.63
N LEU D 598 60.55 9.77 -9.93
CA LEU D 598 60.14 10.11 -8.58
C LEU D 598 61.35 10.15 -7.67
N ALA D 599 62.06 9.03 -7.58
CA ALA D 599 63.25 8.95 -6.74
C ALA D 599 64.13 10.16 -7.07
N TYR D 600 64.14 10.55 -8.33
CA TYR D 600 64.91 11.69 -8.83
C TYR D 600 64.38 12.96 -8.19
N VAL D 601 63.04 13.07 -8.12
CA VAL D 601 62.41 14.22 -7.50
C VAL D 601 62.76 14.18 -6.01
N GLY D 602 62.59 12.99 -5.43
CA GLY D 602 62.88 12.82 -4.02
C GLY D 602 64.27 13.21 -3.58
N VAL D 603 65.25 13.05 -4.48
CA VAL D 603 66.62 13.38 -4.13
C VAL D 603 66.88 14.88 -4.38
N THR D 604 66.35 15.41 -5.48
CA THR D 604 66.52 16.82 -5.80
C THR D 604 65.85 17.65 -4.71
N ARG D 605 65.55 16.99 -3.59
CA ARG D 605 64.89 17.61 -2.45
C ARG D 605 65.82 17.99 -1.33
N ALA D 606 66.85 17.18 -1.13
CA ALA D 606 67.81 17.47 -0.06
C ALA D 606 68.56 18.76 -0.36
N MET D 607 69.04 19.39 0.70
CA MET D 607 69.77 20.65 0.61
C MET D 607 71.19 20.45 1.09
N GLN D 608 71.36 19.70 2.18
CA GLN D 608 72.67 19.42 2.73
C GLN D 608 72.88 17.91 2.78
N LYS D 609 72.42 17.28 3.85
CA LYS D 609 72.54 15.84 3.99
C LYS D 609 71.30 15.21 3.37
N LEU D 610 71.35 13.90 3.17
CA LEU D 610 70.25 13.15 2.60
C LEU D 610 70.43 11.72 3.06
N THR D 611 69.41 11.15 3.67
CA THR D 611 69.51 9.79 4.16
C THR D 611 68.49 8.87 3.49
N LEU D 612 68.97 7.70 3.03
CA LEU D 612 68.10 6.72 2.39
C LEU D 612 68.12 5.53 3.34
N THR D 613 66.97 4.88 3.53
CA THR D 613 66.92 3.73 4.44
C THR D 613 66.04 2.62 3.90
N TYR D 614 65.94 1.55 4.67
CA TYR D 614 65.13 0.38 4.32
C TYR D 614 65.42 -0.73 5.30
N ALA D 615 64.44 -1.61 5.49
CA ALA D 615 64.59 -2.73 6.41
C ALA D 615 64.58 -4.05 5.66
N GLU D 616 65.15 -5.06 6.31
CA GLU D 616 65.20 -6.40 5.75
C GLU D 616 63.77 -6.95 5.79
N THR D 617 63.15 -6.75 6.95
CA THR D 617 61.78 -7.21 7.20
C THR D 617 60.82 -6.07 7.51
N ARG D 618 59.55 -6.27 7.16
CA ARG D 618 58.46 -5.32 7.38
C ARG D 618 57.13 -6.01 7.03
N ARG D 619 56.10 -5.78 7.84
CA ARG D 619 54.79 -6.40 7.62
C ARG D 619 53.82 -5.60 6.73
N LEU D 620 53.88 -5.82 5.41
CA LEU D 620 52.99 -5.12 4.49
C LEU D 620 51.58 -5.67 4.72
N TYR D 621 50.87 -5.01 5.63
CA TYR D 621 49.52 -5.35 6.06
C TYR D 621 49.19 -6.82 6.19
N GLY D 622 49.15 -7.29 7.42
CA GLY D 622 48.81 -8.68 7.67
C GLY D 622 49.98 -9.61 7.91
N LYS D 623 50.44 -10.28 6.86
CA LYS D 623 51.54 -11.23 6.98
C LYS D 623 52.90 -10.57 7.09
N GLU D 624 53.89 -11.39 7.43
CA GLU D 624 55.27 -10.95 7.57
C GLU D 624 55.85 -10.88 6.15
N VAL D 625 56.95 -10.15 5.97
CA VAL D 625 57.54 -10.06 4.63
C VAL D 625 58.98 -9.56 4.61
N TYR D 626 59.71 -9.97 3.58
CA TYR D 626 61.12 -9.58 3.39
C TYR D 626 61.36 -9.27 1.90
N HIS D 627 61.86 -8.07 1.62
CA HIS D 627 62.15 -7.66 0.26
C HIS D 627 63.65 -7.59 0.10
N ARG D 628 64.09 -6.96 -0.99
CA ARG D 628 65.50 -6.80 -1.26
C ARG D 628 65.69 -5.32 -1.58
N PRO D 629 66.72 -4.68 -1.02
CA PRO D 629 66.99 -3.26 -1.26
C PRO D 629 66.63 -2.75 -2.66
N SER D 630 66.17 -1.50 -2.73
CA SER D 630 65.76 -0.88 -3.98
C SER D 630 66.84 -0.92 -5.04
N ARG D 631 66.42 -1.16 -6.28
CA ARG D 631 67.36 -1.20 -7.39
C ARG D 631 67.86 0.23 -7.59
N PHE D 632 67.23 1.15 -6.87
CA PHE D 632 67.57 2.55 -6.94
C PHE D 632 68.85 2.91 -6.21
N ILE D 633 69.04 2.36 -5.01
CA ILE D 633 70.24 2.66 -4.24
C ILE D 633 71.54 2.29 -4.97
N GLY D 634 71.46 1.24 -5.78
CA GLY D 634 72.63 0.78 -6.50
C GLY D 634 73.08 1.68 -7.63
N GLU D 635 72.13 2.16 -8.42
CA GLU D 635 72.40 3.02 -9.58
C GLU D 635 73.03 4.36 -9.17
N LEU D 636 73.43 4.44 -7.90
CA LEU D 636 74.03 5.64 -7.34
C LEU D 636 75.53 5.64 -7.36
N PRO D 637 76.15 6.72 -7.86
CA PRO D 637 77.60 6.76 -7.88
C PRO D 637 78.02 6.43 -6.44
N GLU D 638 78.58 5.24 -6.26
CA GLU D 638 78.99 4.73 -4.96
C GLU D 638 79.92 5.57 -4.08
N GLU D 639 80.60 6.54 -4.66
CA GLU D 639 81.51 7.41 -3.90
C GLU D 639 80.72 8.46 -3.10
N CYS D 640 79.48 8.70 -3.54
CA CYS D 640 78.60 9.68 -2.89
C CYS D 640 78.04 9.08 -1.61
N VAL D 641 77.53 7.86 -1.75
CA VAL D 641 76.93 7.10 -0.66
C VAL D 641 77.92 6.71 0.43
N GLU D 642 77.37 6.30 1.58
CA GLU D 642 78.16 5.86 2.73
C GLU D 642 77.33 4.98 3.67
N GLU D 643 77.66 3.70 3.73
CA GLU D 643 76.97 2.76 4.61
C GLU D 643 77.08 3.33 6.03
N VAL D 644 76.47 2.65 6.98
CA VAL D 644 76.53 3.06 8.39
C VAL D 644 76.37 1.78 9.20
N ARG D 645 77.47 1.06 9.36
CA ARG D 645 77.47 -0.20 10.09
C ARG D 645 77.15 0.02 11.56
N LEU D 646 75.99 0.64 11.81
CA LEU D 646 75.55 0.96 13.16
C LEU D 646 75.02 -0.26 13.93
C1 GOL E . -69.29 -33.19 15.00
O1 GOL E . -69.60 -34.09 13.95
C2 GOL E . -67.85 -32.67 14.83
O2 GOL E . -67.76 -31.95 13.60
C3 GOL E . -67.48 -31.71 15.98
O3 GOL E . -66.14 -31.22 15.80
C FMT F . -62.37 -31.10 13.28
O1 FMT F . -61.36 -30.51 12.89
O2 FMT F . -62.26 -32.07 14.20
#